data_6XIX
#
_entry.id   6XIX
#
_cell.length_a   72.950
_cell.length_b   76.550
_cell.length_c   93.590
_cell.angle_alpha   118.403
_cell.angle_beta   89.606
_cell.angle_gamma   103.065
#
_symmetry.space_group_name_H-M   'P 1'
#
loop_
_entity.id
_entity.type
_entity.pdbx_description
1 polymer 'Cysteine hydrolase'
2 non-polymer BETA-MERCAPTOETHANOL
3 water water
#
_entity_poly.entity_id   1
_entity_poly.type   'polypeptide(L)'
_entity_poly.pdbx_seq_one_letter_code
;GSHMIRIDATPYPYQFHPRSTALVVIDMQRDFIEEGGFGSALGNDVRPLAAIVPTVAALLQLAREAGMLVVHTRESHLPD
LSDCPRSKRLRGNPTLGIGDVGPMGRILVQGEPGNQILPQLAPVEGELVIDKPGKGAFYATDLHAQLQERRITHLLVAGV
TTEVCVQTSMREANDRGYECLVIEDACASYFPDFHRITLEMLTAQGGIVGWRTPLAQLQAGVA
;
_entity_poly.pdbx_strand_id   A,B,C,D,E,F,G,H
#
# COMPACT_ATOMS: atom_id res chain seq x y z
N MET A 4 -54.17 -9.53 11.95
CA MET A 4 -52.79 -8.92 11.90
C MET A 4 -52.82 -7.52 12.51
N ILE A 5 -52.09 -7.32 13.62
CA ILE A 5 -52.05 -6.01 14.33
C ILE A 5 -50.66 -5.41 14.17
N ARG A 6 -50.59 -4.12 13.81
CA ARG A 6 -49.33 -3.37 13.61
C ARG A 6 -49.20 -2.36 14.73
N ILE A 7 -48.08 -2.41 15.46
CA ILE A 7 -47.78 -1.54 16.65
C ILE A 7 -46.57 -0.69 16.30
N ASP A 8 -46.68 0.63 16.45
CA ASP A 8 -45.52 1.56 16.47
C ASP A 8 -44.60 1.10 17.61
N ALA A 9 -43.35 0.82 17.30
CA ALA A 9 -42.36 0.28 18.23
C ALA A 9 -40.95 0.65 17.77
N THR A 10 -39.99 0.55 18.68
CA THR A 10 -38.54 0.67 18.44
C THR A 10 -38.01 -0.76 18.30
N PRO A 11 -37.14 -1.05 17.30
CA PRO A 11 -36.64 -0.04 16.36
C PRO A 11 -37.42 0.16 15.05
N TYR A 12 -38.52 -0.57 14.86
CA TYR A 12 -39.45 -0.39 13.73
C TYR A 12 -40.73 -1.10 14.12
N PRO A 13 -41.84 -0.97 13.34
CA PRO A 13 -43.14 -1.50 13.75
C PRO A 13 -43.09 -3.01 14.00
N TYR A 14 -43.89 -3.44 14.98
CA TYR A 14 -44.04 -4.84 15.46
C TYR A 14 -45.43 -5.34 15.06
N GLN A 15 -45.46 -6.41 14.28
CA GLN A 15 -46.68 -7.12 13.80
C GLN A 15 -46.87 -8.44 14.55
N PHE A 16 -48.10 -8.73 14.95
CA PHE A 16 -48.47 -10.02 15.58
C PHE A 16 -49.93 -10.36 15.28
N HIS A 17 -50.29 -11.62 15.45
CA HIS A 17 -51.69 -12.14 15.43
C HIS A 17 -52.01 -12.63 16.84
N PRO A 18 -53.08 -12.15 17.51
CA PRO A 18 -53.37 -12.57 18.89
C PRO A 18 -53.36 -14.11 19.06
N ARG A 19 -53.74 -14.86 18.03
CA ARG A 19 -53.90 -16.35 18.13
C ARG A 19 -52.53 -16.99 18.29
N SER A 20 -51.46 -16.36 17.79
CA SER A 20 -50.10 -16.94 17.76
C SER A 20 -49.15 -16.15 18.66
N THR A 21 -49.71 -15.34 19.55
CA THR A 21 -49.01 -14.39 20.45
C THR A 21 -49.38 -14.73 21.89
N ALA A 22 -48.42 -14.70 22.80
CA ALA A 22 -48.70 -14.79 24.25
C ALA A 22 -48.13 -13.58 25.00
N LEU A 23 -48.83 -13.18 26.08
CA LEU A 23 -48.32 -12.23 27.10
C LEU A 23 -47.55 -13.06 28.13
N VAL A 24 -46.33 -12.67 28.43
CA VAL A 24 -45.48 -13.27 29.50
C VAL A 24 -45.21 -12.19 30.53
N VAL A 25 -45.68 -12.42 31.76
CA VAL A 25 -45.48 -11.49 32.90
C VAL A 25 -44.52 -12.17 33.86
N ILE A 26 -43.34 -11.60 33.98
CA ILE A 26 -42.20 -12.21 34.68
C ILE A 26 -42.13 -11.69 36.11
N ASP A 27 -42.22 -12.61 37.08
CA ASP A 27 -41.76 -12.51 38.50
C ASP A 27 -42.41 -11.36 39.28
N MET A 28 -43.69 -11.07 39.06
CA MET A 28 -44.35 -9.93 39.78
C MET A 28 -44.71 -10.37 41.21
N GLN A 29 -43.71 -10.63 42.05
CA GLN A 29 -43.85 -11.47 43.27
C GLN A 29 -43.81 -10.56 44.52
N ARG A 30 -44.65 -10.87 45.52
CA ARG A 30 -44.95 -9.97 46.68
C ARG A 30 -43.65 -9.53 47.35
N ASP A 31 -42.73 -10.46 47.57
CA ASP A 31 -41.45 -10.22 48.25
C ASP A 31 -40.62 -9.16 47.51
N PHE A 32 -40.74 -9.02 46.20
CA PHE A 32 -39.89 -8.07 45.43
C PHE A 32 -40.51 -6.68 45.41
N ILE A 33 -41.82 -6.58 45.60
CA ILE A 33 -42.64 -5.37 45.25
C ILE A 33 -43.23 -4.72 46.52
N GLU A 34 -43.63 -5.49 47.53
CA GLU A 34 -44.45 -4.95 48.66
C GLU A 34 -43.54 -4.31 49.71
N GLU A 35 -44.05 -3.28 50.37
CA GLU A 35 -43.35 -2.52 51.44
C GLU A 35 -43.12 -3.45 52.62
N GLY A 36 -41.86 -3.64 53.05
CA GLY A 36 -41.51 -4.49 54.21
C GLY A 36 -41.21 -5.94 53.83
N GLY A 37 -41.69 -6.41 52.66
CA GLY A 37 -41.22 -7.63 51.96
C GLY A 37 -39.70 -7.69 51.88
N PHE A 38 -39.14 -8.78 51.33
CA PHE A 38 -37.68 -9.10 51.31
C PHE A 38 -36.90 -8.06 50.49
N GLY A 39 -37.45 -7.59 49.36
CA GLY A 39 -36.81 -6.53 48.56
C GLY A 39 -36.37 -5.34 49.42
N SER A 40 -37.30 -4.68 50.10
CA SER A 40 -37.03 -3.54 51.01
C SER A 40 -35.90 -3.91 52.01
N ALA A 41 -36.05 -5.05 52.70
CA ALA A 41 -35.11 -5.56 53.73
C ALA A 41 -33.67 -5.46 53.21
N LEU A 42 -33.40 -6.01 52.03
CA LEU A 42 -32.06 -5.95 51.35
C LEU A 42 -31.69 -4.47 51.07
N GLY A 43 -32.61 -3.53 51.33
CA GLY A 43 -32.40 -2.06 51.24
C GLY A 43 -32.85 -1.44 49.92
N ASN A 44 -33.66 -2.13 49.11
CA ASN A 44 -33.95 -1.71 47.72
C ASN A 44 -35.18 -0.81 47.70
N ASP A 45 -35.20 0.12 46.76
CA ASP A 45 -36.35 1.00 46.48
C ASP A 45 -37.38 0.18 45.68
N VAL A 46 -38.45 -0.28 46.33
CA VAL A 46 -39.48 -1.11 45.66
C VAL A 46 -40.44 -0.23 44.85
N ARG A 47 -40.33 1.10 44.97
CA ARG A 47 -41.35 2.04 44.40
C ARG A 47 -41.43 1.90 42.89
N PRO A 48 -40.32 1.84 42.13
CA PRO A 48 -40.40 1.72 40.68
C PRO A 48 -41.14 0.46 40.23
N LEU A 49 -41.03 -0.62 41.02
CA LEU A 49 -41.74 -1.90 40.78
C LEU A 49 -43.24 -1.75 41.08
N ALA A 50 -43.61 -1.15 42.23
CA ALA A 50 -45.04 -0.96 42.59
C ALA A 50 -45.68 -0.05 41.53
N ALA A 51 -44.94 0.96 41.04
CA ALA A 51 -45.47 1.98 40.11
C ALA A 51 -45.91 1.33 38.79
N ILE A 52 -45.41 0.14 38.39
CA ILE A 52 -45.83 -0.48 37.10
C ILE A 52 -47.07 -1.37 37.29
N VAL A 53 -47.53 -1.63 38.53
CA VAL A 53 -48.60 -2.63 38.79
C VAL A 53 -49.86 -2.28 37.98
N PRO A 54 -50.36 -1.02 38.02
CA PRO A 54 -51.51 -0.65 37.18
C PRO A 54 -51.29 -0.91 35.69
N THR A 55 -50.11 -0.63 35.14
CA THR A 55 -49.79 -0.91 33.71
C THR A 55 -49.80 -2.43 33.44
N VAL A 56 -49.20 -3.24 34.30
CA VAL A 56 -49.23 -4.74 34.08
C VAL A 56 -50.69 -5.21 34.09
N ALA A 57 -51.49 -4.77 35.08
CA ALA A 57 -52.93 -5.09 35.22
C ALA A 57 -53.65 -4.76 33.90
N ALA A 58 -53.40 -3.62 33.29
CA ALA A 58 -54.05 -3.22 32.01
C ALA A 58 -53.56 -4.11 30.86
N LEU A 59 -52.30 -4.54 30.88
CA LEU A 59 -51.74 -5.51 29.88
C LEU A 59 -52.50 -6.84 30.02
N LEU A 60 -52.72 -7.30 31.25
CA LEU A 60 -53.41 -8.60 31.54
C LEU A 60 -54.86 -8.53 31.01
N GLN A 61 -55.58 -7.45 31.33
CA GLN A 61 -56.95 -7.17 30.84
C GLN A 61 -56.92 -7.07 29.31
N LEU A 62 -55.95 -6.41 28.71
CA LEU A 62 -55.82 -6.39 27.21
C LEU A 62 -55.67 -7.82 26.67
N ALA A 63 -54.73 -8.61 27.20
CA ALA A 63 -54.52 -10.02 26.77
C ALA A 63 -55.81 -10.82 26.98
N ARG A 64 -56.48 -10.69 28.12
CA ARG A 64 -57.66 -11.53 28.44
C ARG A 64 -58.84 -11.14 27.51
N GLU A 65 -58.99 -9.85 27.21
CA GLU A 65 -60.02 -9.34 26.27
C GLU A 65 -59.72 -9.87 24.85
N ALA A 66 -58.45 -9.94 24.46
CA ALA A 66 -58.02 -10.35 23.10
C ALA A 66 -58.05 -11.86 23.00
N GLY A 67 -58.28 -12.55 24.12
CA GLY A 67 -58.29 -14.02 24.16
C GLY A 67 -56.91 -14.60 23.92
N MET A 68 -55.83 -13.86 24.24
CA MET A 68 -54.44 -14.33 24.01
C MET A 68 -54.01 -15.21 25.17
N LEU A 69 -53.11 -16.16 24.91
CA LEU A 69 -52.46 -16.95 25.98
C LEU A 69 -51.73 -16.03 26.96
N VAL A 70 -51.88 -16.29 28.26
CA VAL A 70 -51.13 -15.57 29.34
C VAL A 70 -50.22 -16.58 30.05
N VAL A 71 -48.98 -16.19 30.19
CA VAL A 71 -47.93 -16.95 30.92
C VAL A 71 -47.51 -16.04 32.07
N HIS A 72 -47.53 -16.58 33.27
CA HIS A 72 -46.92 -15.93 34.45
C HIS A 72 -45.68 -16.72 34.83
N THR A 73 -44.59 -16.04 35.22
CA THR A 73 -43.44 -16.74 35.82
C THR A 73 -43.26 -16.26 37.28
N ARG A 74 -42.73 -17.17 38.07
CA ARG A 74 -42.30 -17.02 39.48
C ARG A 74 -40.88 -17.58 39.52
N GLU A 75 -39.90 -16.77 39.93
CA GLU A 75 -38.61 -17.33 40.43
C GLU A 75 -38.88 -18.04 41.77
N SER A 76 -38.51 -19.31 41.86
CA SER A 76 -38.88 -20.19 42.99
C SER A 76 -38.07 -21.50 42.96
N HIS A 77 -38.00 -22.12 44.13
CA HIS A 77 -37.31 -23.40 44.41
C HIS A 77 -38.25 -24.30 45.20
N LEU A 78 -38.07 -25.62 45.04
CA LEU A 78 -38.74 -26.64 45.87
C LEU A 78 -38.39 -26.34 47.32
N PRO A 79 -39.31 -26.59 48.28
CA PRO A 79 -39.01 -26.30 49.67
C PRO A 79 -37.71 -26.96 50.15
N ASP A 80 -37.32 -28.10 49.56
CA ASP A 80 -36.09 -28.85 49.94
C ASP A 80 -34.85 -28.26 49.26
N LEU A 81 -34.99 -27.19 48.46
CA LEU A 81 -33.88 -26.48 47.74
C LEU A 81 -33.10 -27.44 46.82
N SER A 82 -33.71 -28.56 46.42
CA SER A 82 -33.04 -29.58 45.57
C SER A 82 -32.90 -29.07 44.12
N ASP A 83 -33.64 -28.02 43.70
CA ASP A 83 -33.47 -27.45 42.33
C ASP A 83 -32.74 -26.09 42.40
N CYS A 84 -31.98 -25.88 43.47
CA CYS A 84 -31.30 -24.60 43.69
C CYS A 84 -29.81 -24.89 43.71
N PRO A 85 -29.01 -24.42 42.74
CA PRO A 85 -27.58 -24.74 42.69
C PRO A 85 -26.89 -24.16 43.94
N ARG A 86 -25.86 -24.86 44.40
CA ARG A 86 -25.01 -24.43 45.54
C ARG A 86 -24.47 -23.01 45.26
N SER A 87 -23.99 -22.75 44.04
CA SER A 87 -23.46 -21.44 43.56
C SER A 87 -24.44 -20.34 43.95
N LYS A 88 -25.71 -20.53 43.64
CA LYS A 88 -26.75 -19.51 43.83
C LYS A 88 -26.96 -19.27 45.34
N ARG A 89 -26.93 -20.34 46.15
CA ARG A 89 -27.15 -20.25 47.62
C ARG A 89 -25.99 -19.51 48.29
N LEU A 90 -24.77 -19.69 47.81
CA LEU A 90 -23.57 -19.09 48.43
C LEU A 90 -23.33 -17.67 47.92
N ARG A 91 -23.78 -17.36 46.70
CA ARG A 91 -23.42 -16.11 45.98
C ARG A 91 -23.64 -14.93 46.93
N GLY A 92 -22.61 -14.14 47.25
CA GLY A 92 -22.72 -12.91 48.06
C GLY A 92 -22.81 -13.14 49.56
N ASN A 93 -22.68 -14.39 50.04
CA ASN A 93 -22.76 -14.76 51.48
C ASN A 93 -23.86 -13.96 52.17
N PRO A 94 -25.12 -13.98 51.66
CA PRO A 94 -26.19 -13.15 52.21
C PRO A 94 -26.54 -13.54 53.65
N THR A 95 -26.93 -12.54 54.44
CA THR A 95 -27.36 -12.73 55.86
C THR A 95 -28.70 -13.46 55.78
N LEU A 96 -29.57 -13.07 54.83
CA LEU A 96 -30.84 -13.74 54.52
C LEU A 96 -30.78 -14.34 53.10
N GLY A 97 -30.47 -15.63 53.05
CA GLY A 97 -30.25 -16.37 51.80
C GLY A 97 -31.49 -17.15 51.41
N ILE A 98 -31.44 -17.77 50.26
CA ILE A 98 -32.56 -18.59 49.72
C ILE A 98 -32.94 -19.61 50.80
N GLY A 99 -34.22 -19.73 51.11
CA GLY A 99 -34.73 -20.73 52.05
C GLY A 99 -34.73 -20.24 53.51
N ASP A 100 -34.04 -19.13 53.81
CA ASP A 100 -34.09 -18.49 55.14
C ASP A 100 -35.43 -17.77 55.31
N VAL A 101 -35.88 -17.66 56.57
CA VAL A 101 -37.14 -16.99 56.97
C VAL A 101 -36.97 -15.46 56.82
N GLY A 102 -37.60 -14.88 55.81
CA GLY A 102 -37.65 -13.42 55.62
C GLY A 102 -39.01 -12.91 56.09
N PRO A 103 -39.36 -11.63 55.86
CA PRO A 103 -40.63 -11.08 56.31
C PRO A 103 -41.90 -11.74 55.75
N MET A 104 -41.82 -12.35 54.57
CA MET A 104 -43.01 -12.99 53.96
C MET A 104 -42.76 -14.49 53.78
N GLY A 105 -41.87 -15.02 54.64
CA GLY A 105 -41.59 -16.47 54.79
C GLY A 105 -40.29 -16.84 54.10
N ARG A 106 -40.15 -18.11 53.73
CA ARG A 106 -38.88 -18.61 53.19
C ARG A 106 -38.62 -17.95 51.82
N ILE A 107 -37.43 -17.41 51.70
CA ILE A 107 -37.01 -16.62 50.53
C ILE A 107 -36.85 -17.53 49.31
N LEU A 108 -37.53 -17.16 48.22
CA LEU A 108 -37.48 -17.84 46.90
C LEU A 108 -38.03 -19.26 46.97
N VAL A 109 -38.93 -19.57 47.91
CA VAL A 109 -39.46 -20.96 48.05
C VAL A 109 -40.92 -20.99 47.63
N GLN A 110 -41.22 -21.93 46.75
CA GLN A 110 -42.59 -22.30 46.28
C GLN A 110 -43.58 -22.37 47.43
N GLY A 111 -44.76 -21.75 47.28
CA GLY A 111 -45.86 -21.81 48.26
C GLY A 111 -45.74 -20.81 49.41
N GLU A 112 -44.62 -20.11 49.58
CA GLU A 112 -44.50 -19.07 50.63
C GLU A 112 -45.31 -17.84 50.17
N PRO A 113 -45.82 -16.99 51.11
CA PRO A 113 -46.53 -15.77 50.72
C PRO A 113 -45.72 -14.80 49.84
N GLY A 114 -44.44 -14.57 50.16
CA GLY A 114 -43.59 -13.62 49.43
C GLY A 114 -43.27 -14.11 48.03
N ASN A 115 -43.31 -15.43 47.81
CA ASN A 115 -43.12 -16.07 46.49
C ASN A 115 -44.36 -15.90 45.59
N GLN A 116 -45.54 -15.62 46.14
CA GLN A 116 -46.82 -15.55 45.39
C GLN A 116 -46.83 -14.28 44.54
N ILE A 117 -47.45 -14.38 43.37
CA ILE A 117 -47.73 -13.24 42.45
C ILE A 117 -48.73 -12.30 43.15
N LEU A 118 -48.48 -10.99 43.07
CA LEU A 118 -49.44 -9.95 43.55
C LEU A 118 -50.86 -10.39 43.21
N PRO A 119 -51.78 -10.35 44.19
CA PRO A 119 -53.19 -10.65 43.95
C PRO A 119 -53.81 -9.91 42.75
N GLN A 120 -53.42 -8.65 42.56
N GLN A 120 -53.44 -8.63 42.59
CA GLN A 120 -54.05 -7.79 41.52
CA GLN A 120 -53.91 -7.71 41.53
C GLN A 120 -53.45 -8.09 40.15
C GLN A 120 -53.57 -8.27 40.15
N LEU A 121 -52.45 -8.98 40.04
CA LEU A 121 -51.91 -9.49 38.75
C LEU A 121 -51.89 -11.01 38.71
N ALA A 122 -52.69 -11.68 39.57
CA ALA A 122 -52.54 -13.13 39.85
C ALA A 122 -53.17 -13.93 38.72
N PRO A 123 -52.63 -15.14 38.43
CA PRO A 123 -53.16 -16.00 37.36
C PRO A 123 -54.64 -16.40 37.61
N VAL A 124 -55.42 -16.45 36.54
CA VAL A 124 -56.80 -17.00 36.47
C VAL A 124 -56.75 -18.34 35.73
N GLU A 125 -57.82 -19.11 35.81
CA GLU A 125 -57.90 -20.44 35.16
C GLU A 125 -57.63 -20.27 33.66
N GLY A 126 -56.91 -21.20 33.04
CA GLY A 126 -56.60 -21.15 31.59
C GLY A 126 -55.29 -20.44 31.31
N GLU A 127 -54.60 -19.94 32.33
CA GLU A 127 -53.28 -19.26 32.12
C GLU A 127 -52.13 -20.20 32.52
N LEU A 128 -51.01 -20.17 31.79
CA LEU A 128 -49.82 -21.00 32.12
C LEU A 128 -49.05 -20.34 33.27
N VAL A 129 -48.63 -21.13 34.25
CA VAL A 129 -47.80 -20.63 35.40
C VAL A 129 -46.51 -21.45 35.49
N ILE A 130 -45.37 -20.79 35.29
CA ILE A 130 -44.03 -21.43 35.24
C ILE A 130 -43.28 -21.04 36.51
N ASP A 131 -42.88 -22.02 37.32
CA ASP A 131 -41.88 -21.86 38.39
C ASP A 131 -40.49 -22.11 37.79
N LYS A 132 -39.60 -21.13 37.85
CA LYS A 132 -38.27 -21.27 37.22
C LYS A 132 -37.23 -21.18 38.31
N PRO A 133 -36.22 -22.07 38.30
CA PRO A 133 -35.15 -22.05 39.29
C PRO A 133 -34.04 -21.04 38.94
N GLY A 134 -34.12 -20.42 37.76
CA GLY A 134 -33.14 -19.45 37.27
C GLY A 134 -33.80 -18.12 36.95
N LYS A 135 -33.01 -17.17 36.44
CA LYS A 135 -33.50 -15.83 36.03
C LYS A 135 -34.25 -15.96 34.68
N GLY A 136 -33.75 -16.80 33.78
CA GLY A 136 -34.33 -17.05 32.44
C GLY A 136 -35.50 -18.01 32.52
N ALA A 137 -36.67 -17.58 32.04
CA ALA A 137 -37.95 -18.33 32.04
C ALA A 137 -37.86 -19.64 31.27
N PHE A 138 -36.87 -19.82 30.39
CA PHE A 138 -36.80 -21.03 29.52
C PHE A 138 -35.90 -22.09 30.17
N TYR A 139 -35.01 -21.72 31.09
CA TYR A 139 -34.04 -22.69 31.66
C TYR A 139 -34.77 -23.59 32.68
N ALA A 140 -34.64 -24.90 32.48
CA ALA A 140 -35.14 -25.95 33.39
C ALA A 140 -36.67 -25.83 33.54
N THR A 141 -37.37 -25.26 32.57
CA THR A 141 -38.85 -25.22 32.56
C THR A 141 -39.32 -25.88 31.26
N ASP A 142 -40.61 -26.09 31.11
CA ASP A 142 -41.15 -26.63 29.83
C ASP A 142 -41.75 -25.49 29.01
N LEU A 143 -41.35 -24.24 29.27
CA LEU A 143 -42.02 -23.06 28.64
C LEU A 143 -41.87 -23.17 27.12
N HIS A 144 -40.69 -23.51 26.60
CA HIS A 144 -40.49 -23.62 25.14
C HIS A 144 -41.48 -24.64 24.57
N ALA A 145 -41.54 -25.85 25.16
CA ALA A 145 -42.44 -26.95 24.69
C ALA A 145 -43.92 -26.52 24.75
N GLN A 146 -44.34 -25.85 25.82
CA GLN A 146 -45.73 -25.43 26.03
C GLN A 146 -46.11 -24.42 24.94
N LEU A 147 -45.23 -23.48 24.63
CA LEU A 147 -45.52 -22.44 23.61
C LEU A 147 -45.57 -23.09 22.22
N GLN A 148 -44.71 -24.07 21.95
CA GLN A 148 -44.66 -24.78 20.65
C GLN A 148 -45.95 -25.60 20.50
N GLU A 149 -46.43 -26.24 21.57
CA GLU A 149 -47.70 -27.00 21.59
C GLU A 149 -48.83 -26.04 21.19
N ARG A 150 -48.75 -24.76 21.55
CA ARG A 150 -49.84 -23.80 21.28
C ARG A 150 -49.53 -22.97 20.03
N ARG A 151 -48.45 -23.28 19.31
CA ARG A 151 -48.13 -22.62 18.01
C ARG A 151 -47.94 -21.12 18.26
N ILE A 152 -47.33 -20.74 19.40
CA ILE A 152 -47.00 -19.33 19.74
C ILE A 152 -45.68 -18.96 19.04
N THR A 153 -45.64 -17.81 18.37
CA THR A 153 -44.47 -17.31 17.59
C THR A 153 -44.02 -15.96 18.14
N HIS A 154 -44.90 -15.25 18.83
CA HIS A 154 -44.72 -13.83 19.25
C HIS A 154 -44.99 -13.72 20.75
N LEU A 155 -44.17 -12.96 21.48
CA LEU A 155 -44.34 -12.74 22.93
C LEU A 155 -44.37 -11.25 23.22
N LEU A 156 -45.36 -10.83 24.01
CA LEU A 156 -45.42 -9.52 24.69
C LEU A 156 -44.87 -9.74 26.08
N VAL A 157 -43.87 -8.96 26.47
CA VAL A 157 -43.09 -9.25 27.70
C VAL A 157 -43.26 -8.09 28.67
N ALA A 158 -43.40 -8.43 29.93
CA ALA A 158 -43.56 -7.48 31.04
C ALA A 158 -42.99 -8.13 32.28
N GLY A 159 -42.77 -7.33 33.32
CA GLY A 159 -42.39 -7.84 34.66
C GLY A 159 -41.10 -7.24 35.17
N VAL A 160 -40.42 -7.99 36.04
CA VAL A 160 -39.26 -7.48 36.80
C VAL A 160 -38.27 -8.63 36.98
N THR A 161 -37.02 -8.30 37.23
CA THR A 161 -36.51 -6.96 36.99
C THR A 161 -35.99 -6.88 35.54
N THR A 162 -36.03 -5.70 34.94
CA THR A 162 -35.65 -5.44 33.52
C THR A 162 -34.30 -6.06 33.18
N GLU A 163 -33.25 -5.77 33.94
CA GLU A 163 -31.86 -6.16 33.56
C GLU A 163 -31.56 -7.60 33.98
N VAL A 164 -32.40 -8.24 34.80
CA VAL A 164 -32.16 -9.67 35.23
C VAL A 164 -33.19 -10.56 34.53
N CYS A 165 -34.34 -10.82 35.15
CA CYS A 165 -35.26 -11.87 34.65
C CYS A 165 -35.83 -11.48 33.28
N VAL A 166 -36.20 -10.23 33.10
CA VAL A 166 -36.81 -9.75 31.82
C VAL A 166 -35.79 -9.91 30.69
N GLN A 167 -34.59 -9.36 30.87
CA GLN A 167 -33.51 -9.37 29.85
C GLN A 167 -33.14 -10.83 29.56
N THR A 168 -32.97 -11.64 30.60
CA THR A 168 -32.51 -13.04 30.41
C THR A 168 -33.58 -13.78 29.61
N SER A 169 -34.84 -13.65 30.02
CA SER A 169 -35.96 -14.41 29.43
C SER A 169 -36.08 -14.01 27.98
N MET A 170 -35.86 -12.73 27.73
CA MET A 170 -36.06 -12.14 26.41
C MET A 170 -34.93 -12.57 25.46
N ARG A 171 -33.70 -12.54 25.95
CA ARG A 171 -32.51 -13.08 25.23
C ARG A 171 -32.73 -14.57 24.94
N GLU A 172 -33.27 -15.32 25.90
CA GLU A 172 -33.50 -16.78 25.70
C GLU A 172 -34.51 -16.91 24.54
N ALA A 173 -35.60 -16.15 24.61
CA ALA A 173 -36.75 -16.29 23.69
C ALA A 173 -36.28 -15.91 22.27
N ASN A 174 -35.47 -14.84 22.18
CA ASN A 174 -34.92 -14.37 20.89
C ASN A 174 -34.13 -15.51 20.24
N ASP A 175 -33.26 -16.17 21.00
CA ASP A 175 -32.44 -17.32 20.47
C ASP A 175 -33.35 -18.43 19.97
N ARG A 176 -34.49 -18.68 20.64
CA ARG A 176 -35.41 -19.81 20.32
C ARG A 176 -36.35 -19.46 19.16
N GLY A 177 -36.20 -18.29 18.55
CA GLY A 177 -36.94 -17.95 17.34
C GLY A 177 -38.22 -17.16 17.61
N TYR A 178 -38.47 -16.69 18.85
CA TYR A 178 -39.68 -15.87 19.15
C TYR A 178 -39.44 -14.40 18.77
N GLU A 179 -40.49 -13.74 18.31
CA GLU A 179 -40.53 -12.26 18.07
C GLU A 179 -41.10 -11.60 19.33
N CYS A 180 -40.26 -10.91 20.08
CA CYS A 180 -40.57 -10.41 21.43
C CYS A 180 -40.73 -8.88 21.47
N LEU A 181 -41.85 -8.42 21.99
CA LEU A 181 -42.11 -6.98 22.23
C LEU A 181 -42.16 -6.77 23.75
N VAL A 182 -41.16 -6.09 24.32
CA VAL A 182 -41.19 -5.74 25.76
C VAL A 182 -42.02 -4.46 25.88
N ILE A 183 -42.99 -4.45 26.78
CA ILE A 183 -43.79 -3.23 27.08
C ILE A 183 -42.99 -2.46 28.13
N GLU A 184 -42.36 -1.33 27.73
CA GLU A 184 -41.29 -0.58 28.46
C GLU A 184 -41.81 -0.02 29.79
N ASP A 185 -43.03 0.51 29.79
CA ASP A 185 -43.66 1.02 31.03
C ASP A 185 -44.29 -0.14 31.83
N ALA A 186 -44.16 -1.41 31.42
CA ALA A 186 -44.62 -2.56 32.24
C ALA A 186 -43.44 -3.45 32.69
N CYS A 187 -42.24 -2.86 32.72
CA CYS A 187 -40.99 -3.44 33.26
C CYS A 187 -40.41 -2.45 34.27
N ALA A 188 -39.69 -2.94 35.26
CA ALA A 188 -39.06 -2.08 36.29
C ALA A 188 -37.85 -2.79 36.87
N SER A 189 -36.94 -1.99 37.40
CA SER A 189 -35.69 -2.45 38.04
C SER A 189 -35.52 -1.73 39.38
N TYR A 190 -34.76 -2.32 40.27
CA TYR A 190 -34.21 -1.64 41.47
C TYR A 190 -33.16 -0.60 41.05
N PHE A 191 -32.73 -0.56 39.78
CA PHE A 191 -31.67 0.35 39.26
C PHE A 191 -32.16 1.10 38.01
N PRO A 192 -32.56 2.38 38.13
CA PRO A 192 -33.03 3.13 36.98
C PRO A 192 -32.10 3.03 35.77
N ASP A 193 -30.79 3.13 35.96
CA ASP A 193 -29.80 3.15 34.85
C ASP A 193 -29.78 1.77 34.17
N PHE A 194 -29.84 0.68 34.95
CA PHE A 194 -29.86 -0.70 34.38
C PHE A 194 -31.14 -0.87 33.57
N HIS A 195 -32.29 -0.39 34.07
CA HIS A 195 -33.58 -0.47 33.32
C HIS A 195 -33.38 0.17 31.94
N ARG A 196 -32.78 1.36 31.91
CA ARG A 196 -32.71 2.22 30.70
C ARG A 196 -31.75 1.58 29.70
N ILE A 197 -30.54 1.21 30.13
CA ILE A 197 -29.51 0.68 29.20
C ILE A 197 -29.95 -0.68 28.68
N THR A 198 -30.60 -1.50 29.51
CA THR A 198 -31.14 -2.81 29.07
C THR A 198 -32.11 -2.64 27.88
N LEU A 199 -33.10 -1.75 28.00
CA LEU A 199 -34.07 -1.46 26.92
C LEU A 199 -33.34 -1.03 25.63
N GLU A 200 -32.29 -0.22 25.76
CA GLU A 200 -31.46 0.22 24.61
C GLU A 200 -30.69 -0.99 24.06
N MET A 201 -30.15 -1.86 24.91
CA MET A 201 -29.39 -3.04 24.43
C MET A 201 -30.30 -3.97 23.62
N LEU A 202 -31.52 -4.22 24.12
CA LEU A 202 -32.46 -5.23 23.57
C LEU A 202 -32.81 -4.90 22.12
N THR A 203 -32.91 -3.61 21.78
CA THR A 203 -33.38 -3.13 20.46
C THR A 203 -32.20 -2.54 19.66
N ALA A 204 -30.98 -2.61 20.20
CA ALA A 204 -29.75 -2.11 19.54
C ALA A 204 -29.51 -2.85 18.20
N GLN A 205 -28.75 -2.25 17.27
CA GLN A 205 -28.27 -2.90 16.02
C GLN A 205 -29.44 -3.42 15.16
N GLY A 206 -30.53 -2.66 15.05
CA GLY A 206 -31.71 -3.05 14.26
C GLY A 206 -32.60 -4.07 14.95
N GLY A 207 -32.56 -4.18 16.29
CA GLY A 207 -33.47 -5.03 17.08
C GLY A 207 -32.86 -6.39 17.39
N ILE A 208 -31.60 -6.41 17.77
CA ILE A 208 -30.84 -7.69 17.90
C ILE A 208 -31.58 -8.63 18.87
N VAL A 209 -32.19 -8.15 19.94
CA VAL A 209 -32.95 -9.07 20.82
C VAL A 209 -34.44 -8.99 20.46
N GLY A 210 -34.93 -7.79 20.15
CA GLY A 210 -36.35 -7.60 19.87
C GLY A 210 -36.74 -6.14 19.80
N TRP A 211 -37.98 -5.87 20.22
CA TRP A 211 -38.72 -4.59 20.08
C TRP A 211 -39.13 -4.11 21.48
N ARG A 212 -39.41 -2.82 21.60
CA ARG A 212 -39.96 -2.24 22.82
C ARG A 212 -40.95 -1.16 22.42
N THR A 213 -42.03 -1.00 23.20
CA THR A 213 -43.02 0.10 23.01
C THR A 213 -43.72 0.32 24.35
N PRO A 214 -44.26 1.53 24.63
CA PRO A 214 -45.12 1.72 25.78
C PRO A 214 -46.49 1.05 25.54
N LEU A 215 -47.19 0.76 26.63
CA LEU A 215 -48.58 0.20 26.68
C LEU A 215 -49.48 0.93 25.68
N ALA A 216 -49.41 2.28 25.67
CA ALA A 216 -50.31 3.14 24.87
C ALA A 216 -50.23 2.74 23.40
N GLN A 217 -49.03 2.40 22.89
CA GLN A 217 -48.87 2.01 21.47
C GLN A 217 -49.53 0.65 21.25
N LEU A 218 -49.48 -0.23 22.26
CA LEU A 218 -50.11 -1.56 22.14
C LEU A 218 -51.63 -1.36 22.12
N GLN A 219 -52.16 -0.57 23.06
CA GLN A 219 -53.63 -0.29 23.14
C GLN A 219 -54.10 0.35 21.81
N ALA A 220 -53.30 1.24 21.22
CA ALA A 220 -53.65 1.95 19.96
C ALA A 220 -53.82 0.90 18.85
N GLY A 221 -52.86 -0.02 18.74
CA GLY A 221 -52.90 -1.11 17.76
C GLY A 221 -54.13 -2.00 17.88
N VAL A 222 -54.57 -2.34 19.10
CA VAL A 222 -55.78 -3.19 19.30
C VAL A 222 -56.98 -2.25 19.45
N MET B 4 2.69 -37.08 -1.06
CA MET B 4 3.46 -35.78 -1.13
C MET B 4 2.49 -34.61 -1.34
N ILE B 5 2.81 -33.44 -0.77
CA ILE B 5 2.14 -32.16 -1.06
C ILE B 5 3.08 -31.37 -1.97
N ARG B 6 2.57 -30.81 -3.06
CA ARG B 6 3.36 -29.97 -4.01
C ARG B 6 2.86 -28.52 -3.97
N ILE B 7 3.74 -27.59 -3.66
CA ILE B 7 3.43 -26.14 -3.48
C ILE B 7 4.06 -25.39 -4.65
N ASP B 8 3.30 -24.54 -5.34
CA ASP B 8 3.91 -23.60 -6.30
C ASP B 8 4.91 -22.74 -5.51
N ALA B 9 6.12 -22.58 -6.04
CA ALA B 9 7.19 -21.85 -5.34
C ALA B 9 8.29 -21.40 -6.31
N THR B 10 9.10 -20.46 -5.84
CA THR B 10 10.30 -19.97 -6.54
C THR B 10 11.49 -20.73 -5.93
N PRO B 11 12.45 -21.25 -6.73
CA PRO B 11 12.48 -21.14 -8.20
C PRO B 11 11.81 -22.27 -8.99
N TYR B 12 11.22 -23.25 -8.29
CA TYR B 12 10.37 -24.31 -8.88
C TYR B 12 9.52 -24.91 -7.76
N PRO B 13 8.48 -25.69 -8.08
CA PRO B 13 7.58 -26.15 -7.03
C PRO B 13 8.34 -26.96 -5.96
N TYR B 14 7.82 -26.90 -4.74
CA TYR B 14 8.42 -27.55 -3.55
C TYR B 14 7.49 -28.69 -3.12
N GLN B 15 8.05 -29.86 -2.95
CA GLN B 15 7.29 -31.06 -2.54
C GLN B 15 7.73 -31.43 -1.13
N PHE B 16 6.77 -31.67 -0.24
CA PHE B 16 7.05 -32.22 1.12
C PHE B 16 5.94 -33.15 1.56
N HIS B 17 6.27 -33.97 2.54
CA HIS B 17 5.31 -34.80 3.29
C HIS B 17 5.23 -34.30 4.73
N PRO B 18 4.03 -34.00 5.25
CA PRO B 18 3.93 -33.48 6.62
C PRO B 18 4.71 -34.30 7.67
N ARG B 19 4.73 -35.63 7.52
CA ARG B 19 5.36 -36.55 8.52
C ARG B 19 6.85 -36.23 8.71
N SER B 20 7.55 -35.75 7.67
CA SER B 20 9.02 -35.47 7.68
C SER B 20 9.30 -33.98 7.43
N THR B 21 8.35 -33.11 7.83
CA THR B 21 8.43 -31.62 7.70
C THR B 21 8.13 -30.94 9.05
N ALA B 22 8.94 -29.95 9.42
CA ALA B 22 8.80 -29.10 10.62
C ALA B 22 8.59 -27.66 10.17
N LEU B 23 7.62 -26.97 10.78
CA LEU B 23 7.56 -25.48 10.78
C LEU B 23 8.61 -24.94 11.77
N VAL B 24 9.49 -24.04 11.34
CA VAL B 24 10.45 -23.34 12.22
C VAL B 24 10.04 -21.85 12.23
N VAL B 25 9.56 -21.38 13.38
CA VAL B 25 9.16 -19.96 13.59
C VAL B 25 10.30 -19.33 14.38
N ILE B 26 10.95 -18.33 13.79
CA ILE B 26 12.23 -17.78 14.29
C ILE B 26 12.01 -16.44 14.99
N ASP B 27 12.18 -16.42 16.32
CA ASP B 27 12.55 -15.26 17.17
C ASP B 27 11.41 -14.22 17.23
N MET B 28 10.15 -14.67 17.33
CA MET B 28 8.98 -13.76 17.35
C MET B 28 8.78 -13.29 18.79
N GLN B 29 9.76 -12.53 19.31
CA GLN B 29 9.86 -12.20 20.74
C GLN B 29 9.38 -10.76 20.95
N ARG B 30 8.81 -10.51 22.13
CA ARG B 30 8.06 -9.28 22.46
C ARG B 30 8.95 -8.05 22.32
N ASP B 31 10.18 -8.09 22.86
CA ASP B 31 11.13 -6.96 22.76
C ASP B 31 11.39 -6.59 21.28
N PHE B 32 11.27 -7.51 20.33
CA PHE B 32 11.60 -7.19 18.91
C PHE B 32 10.39 -6.61 18.17
N ILE B 33 9.16 -6.91 18.61
CA ILE B 33 7.91 -6.71 17.83
C ILE B 33 7.03 -5.62 18.46
N GLU B 34 6.84 -5.63 19.78
CA GLU B 34 5.88 -4.74 20.48
C GLU B 34 6.37 -3.29 20.47
N GLU B 35 5.42 -2.35 20.31
CA GLU B 35 5.67 -0.89 20.43
C GLU B 35 6.15 -0.59 21.86
N GLY B 36 7.26 0.12 22.01
CA GLY B 36 7.88 0.41 23.32
C GLY B 36 8.63 -0.78 23.89
N GLY B 37 8.83 -1.84 23.10
CA GLY B 37 9.87 -2.84 23.33
C GLY B 37 11.27 -2.29 23.06
N PHE B 38 12.31 -3.09 23.29
CA PHE B 38 13.71 -2.65 23.12
C PHE B 38 13.94 -2.27 21.66
N GLY B 39 13.41 -3.06 20.72
CA GLY B 39 13.57 -2.78 19.27
C GLY B 39 13.20 -1.33 18.96
N SER B 40 12.02 -0.89 19.43
CA SER B 40 11.49 0.49 19.27
C SER B 40 12.43 1.52 19.93
N ALA B 41 12.97 1.18 21.10
CA ALA B 41 13.82 2.09 21.92
C ALA B 41 15.13 2.40 21.19
N LEU B 42 15.65 1.44 20.41
CA LEU B 42 16.83 1.61 19.53
C LEU B 42 16.44 2.44 18.30
N GLY B 43 15.19 2.82 18.18
CA GLY B 43 14.68 3.64 17.06
C GLY B 43 14.34 2.80 15.84
N ASN B 44 14.18 1.48 15.98
CA ASN B 44 13.68 0.64 14.86
C ASN B 44 12.16 0.79 14.74
N ASP B 45 11.65 0.94 13.52
CA ASP B 45 10.19 0.92 13.26
C ASP B 45 9.74 -0.56 13.24
N VAL B 46 9.03 -1.02 14.28
CA VAL B 46 8.67 -2.45 14.46
C VAL B 46 7.42 -2.82 13.65
N ARG B 47 6.75 -1.86 13.01
CA ARG B 47 5.41 -2.07 12.39
C ARG B 47 5.44 -3.21 11.36
N PRO B 48 6.46 -3.36 10.49
CA PRO B 48 6.49 -4.47 9.54
C PRO B 48 6.64 -5.86 10.20
N LEU B 49 7.22 -5.92 11.42
CA LEU B 49 7.33 -7.18 12.22
C LEU B 49 5.95 -7.48 12.82
N ALA B 50 5.24 -6.46 13.30
CA ALA B 50 3.89 -6.62 13.88
C ALA B 50 2.92 -6.97 12.75
N ALA B 51 3.14 -6.43 11.55
CA ALA B 51 2.27 -6.67 10.37
C ALA B 51 2.17 -8.16 10.02
N ILE B 52 3.21 -8.96 10.21
CA ILE B 52 3.17 -10.39 9.74
C ILE B 52 2.56 -11.33 10.80
N VAL B 53 2.25 -10.86 12.03
CA VAL B 53 1.82 -11.75 13.15
C VAL B 53 0.59 -12.55 12.75
N PRO B 54 -0.47 -11.95 12.14
CA PRO B 54 -1.60 -12.75 11.66
C PRO B 54 -1.17 -13.80 10.64
N THR B 55 -0.24 -13.50 9.71
CA THR B 55 0.19 -14.47 8.68
C THR B 55 0.91 -15.63 9.38
N VAL B 56 1.76 -15.30 10.37
CA VAL B 56 2.55 -16.32 11.11
C VAL B 56 1.56 -17.18 11.92
N ALA B 57 0.54 -16.60 12.57
CA ALA B 57 -0.49 -17.37 13.32
C ALA B 57 -1.27 -18.27 12.37
N ALA B 58 -1.56 -17.81 11.16
CA ALA B 58 -2.22 -18.65 10.12
C ALA B 58 -1.30 -19.83 9.75
N LEU B 59 0.02 -19.58 9.60
CA LEU B 59 1.01 -20.60 9.23
C LEU B 59 1.12 -21.65 10.36
N LEU B 60 1.16 -21.20 11.62
CA LEU B 60 1.13 -22.07 12.82
C LEU B 60 -0.12 -22.96 12.77
N GLN B 61 -1.29 -22.37 12.54
CA GLN B 61 -2.57 -23.13 12.54
C GLN B 61 -2.52 -24.19 11.44
N LEU B 62 -1.96 -23.85 10.28
CA LEU B 62 -1.87 -24.79 9.14
C LEU B 62 -0.98 -25.96 9.54
N ALA B 63 0.20 -25.71 10.17
CA ALA B 63 1.19 -26.74 10.57
C ALA B 63 0.60 -27.67 11.63
N ARG B 64 0.02 -27.11 12.70
CA ARG B 64 -0.65 -27.85 13.80
C ARG B 64 -1.80 -28.68 13.25
N GLU B 65 -2.60 -28.12 12.33
CA GLU B 65 -3.75 -28.87 11.73
C GLU B 65 -3.25 -29.99 10.82
N ALA B 66 -2.02 -29.91 10.26
CA ALA B 66 -1.46 -30.97 9.38
C ALA B 66 -0.71 -32.01 10.22
N GLY B 67 -0.64 -31.80 11.52
CA GLY B 67 0.05 -32.69 12.48
C GLY B 67 1.56 -32.60 12.33
N MET B 68 2.09 -31.51 11.79
CA MET B 68 3.55 -31.40 11.53
C MET B 68 4.28 -31.03 12.82
N LEU B 69 5.55 -31.40 12.97
CA LEU B 69 6.39 -30.87 14.06
C LEU B 69 6.46 -29.34 13.93
N VAL B 70 6.40 -28.63 15.06
CA VAL B 70 6.60 -27.16 15.18
C VAL B 70 7.78 -26.90 16.13
N VAL B 71 8.68 -26.06 15.67
CA VAL B 71 9.92 -25.62 16.36
C VAL B 71 9.80 -24.10 16.50
N HIS B 72 10.02 -23.56 17.71
CA HIS B 72 10.10 -22.11 17.95
C HIS B 72 11.55 -21.85 18.38
N THR B 73 12.12 -20.74 17.96
CA THR B 73 13.44 -20.30 18.41
C THR B 73 13.27 -18.97 19.14
N ARG B 74 14.10 -18.78 20.15
CA ARG B 74 14.25 -17.53 20.89
C ARG B 74 15.74 -17.22 20.90
N GLU B 75 16.15 -16.04 20.46
CA GLU B 75 17.54 -15.60 20.74
C GLU B 75 17.59 -15.22 22.22
N SER B 76 18.44 -15.89 23.01
CA SER B 76 18.51 -15.63 24.46
C SER B 76 19.82 -16.11 25.06
N HIS B 77 20.04 -15.70 26.31
CA HIS B 77 21.24 -16.00 27.10
C HIS B 77 20.84 -16.29 28.55
N LEU B 78 21.65 -17.09 29.21
CA LEU B 78 21.53 -17.35 30.66
C LEU B 78 21.66 -16.03 31.40
N PRO B 79 20.97 -15.88 32.56
CA PRO B 79 21.11 -14.68 33.38
C PRO B 79 22.56 -14.27 33.71
N ASP B 80 23.47 -15.23 33.86
CA ASP B 80 24.92 -14.98 34.15
C ASP B 80 25.68 -14.63 32.85
N LEU B 81 25.02 -14.78 31.67
CA LEU B 81 25.54 -14.44 30.32
C LEU B 81 26.80 -15.24 30.01
N SER B 82 26.93 -16.43 30.61
CA SER B 82 28.12 -17.29 30.43
C SER B 82 28.09 -17.92 29.03
N ASP B 83 26.94 -17.92 28.34
CA ASP B 83 26.84 -18.40 26.92
C ASP B 83 26.83 -17.22 25.94
N CYS B 84 27.17 -16.03 26.38
CA CYS B 84 27.14 -14.80 25.56
C CYS B 84 28.59 -14.35 25.35
N PRO B 85 29.12 -14.51 24.12
CA PRO B 85 30.51 -14.14 23.84
C PRO B 85 30.69 -12.64 24.15
N ARG B 86 31.89 -12.28 24.57
CA ARG B 86 32.26 -10.87 24.89
C ARG B 86 32.08 -9.96 23.67
N SER B 87 32.57 -10.36 22.50
CA SER B 87 32.38 -9.64 21.20
C SER B 87 30.91 -9.18 21.07
N LYS B 88 29.99 -10.10 21.34
CA LYS B 88 28.55 -9.82 21.12
C LYS B 88 28.11 -8.65 22.01
N ARG B 89 28.62 -8.58 23.25
CA ARG B 89 28.22 -7.57 24.26
C ARG B 89 28.78 -6.20 23.90
N LEU B 90 30.02 -6.15 23.41
CA LEU B 90 30.74 -4.89 23.10
C LEU B 90 30.24 -4.33 21.75
N ARG B 91 29.78 -5.17 20.81
CA ARG B 91 29.57 -4.77 19.40
C ARG B 91 28.65 -3.56 19.34
N GLY B 92 29.00 -2.51 18.58
CA GLY B 92 28.14 -1.32 18.41
C GLY B 92 28.21 -0.31 19.57
N ASN B 93 29.01 -0.58 20.63
CA ASN B 93 29.24 0.36 21.75
C ASN B 93 27.87 0.84 22.26
N PRO B 94 26.96 -0.07 22.67
CA PRO B 94 25.61 0.35 23.00
C PRO B 94 25.56 1.07 24.36
N THR B 95 24.68 2.06 24.48
CA THR B 95 24.32 2.70 25.78
C THR B 95 23.67 1.62 26.66
N LEU B 96 22.66 0.92 26.14
CA LEU B 96 21.98 -0.23 26.76
C LEU B 96 22.26 -1.50 25.94
N GLY B 97 23.02 -2.42 26.52
CA GLY B 97 23.43 -3.66 25.85
C GLY B 97 22.83 -4.89 26.50
N ILE B 98 23.32 -6.03 26.09
CA ILE B 98 22.77 -7.34 26.53
C ILE B 98 22.89 -7.36 28.05
N GLY B 99 21.80 -7.79 28.70
CA GLY B 99 21.77 -7.97 30.16
C GLY B 99 21.55 -6.68 30.91
N ASP B 100 21.44 -5.53 30.23
CA ASP B 100 21.01 -4.27 30.87
C ASP B 100 19.48 -4.28 30.91
N VAL B 101 18.90 -3.48 31.80
CA VAL B 101 17.43 -3.46 32.01
C VAL B 101 16.82 -2.58 30.93
N GLY B 102 16.16 -3.18 29.94
CA GLY B 102 15.42 -2.42 28.93
C GLY B 102 13.97 -2.24 29.34
N PRO B 103 13.09 -1.78 28.42
CA PRO B 103 11.69 -1.53 28.76
C PRO B 103 10.94 -2.81 29.15
N MET B 104 11.43 -3.99 28.79
CA MET B 104 10.74 -5.29 29.05
C MET B 104 11.66 -6.22 29.85
N GLY B 105 12.55 -5.66 30.66
CA GLY B 105 13.48 -6.47 31.48
C GLY B 105 14.87 -6.51 30.87
N ARG B 106 15.70 -7.42 31.35
CA ARG B 106 17.12 -7.54 30.91
C ARG B 106 17.16 -7.95 29.44
N ILE B 107 17.97 -7.23 28.67
CA ILE B 107 18.06 -7.34 27.20
C ILE B 107 18.72 -8.68 26.86
N LEU B 108 17.95 -9.50 26.14
CA LEU B 108 18.32 -10.78 25.49
C LEU B 108 18.52 -11.87 26.54
N VAL B 109 17.86 -11.75 27.71
CA VAL B 109 18.07 -12.71 28.83
C VAL B 109 16.84 -13.62 28.98
N GLN B 110 17.10 -14.91 29.14
CA GLN B 110 16.07 -15.94 29.37
C GLN B 110 15.25 -15.58 30.62
N GLY B 111 13.94 -15.78 30.54
CA GLY B 111 13.02 -15.58 31.67
C GLY B 111 12.41 -14.19 31.64
N GLU B 112 12.98 -13.25 30.89
CA GLU B 112 12.56 -11.83 30.90
C GLU B 112 11.32 -11.65 30.03
N PRO B 113 10.37 -10.79 30.46
CA PRO B 113 9.17 -10.53 29.68
C PRO B 113 9.47 -10.25 28.19
N GLY B 114 10.46 -9.40 27.90
CA GLY B 114 10.86 -9.01 26.53
C GLY B 114 11.35 -10.17 25.69
N ASN B 115 11.84 -11.23 26.36
CA ASN B 115 12.46 -12.42 25.70
C ASN B 115 11.39 -13.38 25.20
N GLN B 116 10.17 -13.25 25.72
CA GLN B 116 9.10 -14.28 25.53
C GLN B 116 8.58 -14.21 24.10
N ILE B 117 8.16 -15.35 23.57
CA ILE B 117 7.46 -15.38 22.25
C ILE B 117 6.08 -14.73 22.43
N LEU B 118 5.62 -13.97 21.43
CA LEU B 118 4.28 -13.33 21.48
C LEU B 118 3.24 -14.37 21.86
N PRO B 119 2.36 -14.06 22.83
CA PRO B 119 1.27 -14.96 23.17
C PRO B 119 0.46 -15.38 21.94
N GLN B 120 0.27 -14.51 20.94
CA GLN B 120 -0.48 -14.86 19.70
C GLN B 120 0.18 -15.99 18.90
N LEU B 121 1.46 -16.28 19.16
CA LEU B 121 2.30 -17.27 18.43
C LEU B 121 2.92 -18.28 19.41
N ALA B 122 2.35 -18.44 20.60
CA ALA B 122 2.98 -19.11 21.75
C ALA B 122 3.07 -20.61 21.47
N PRO B 123 4.20 -21.26 21.80
CA PRO B 123 4.26 -22.73 21.76
C PRO B 123 3.11 -23.40 22.51
N VAL B 124 2.70 -24.57 22.04
CA VAL B 124 1.86 -25.50 22.83
C VAL B 124 2.62 -26.81 23.09
N GLU B 125 2.01 -27.66 23.93
CA GLU B 125 2.57 -28.97 24.36
C GLU B 125 2.86 -29.78 23.09
N GLY B 126 4.04 -30.38 23.00
CA GLY B 126 4.49 -31.20 21.86
C GLY B 126 5.25 -30.42 20.79
N GLU B 127 5.58 -29.16 21.04
CA GLU B 127 6.34 -28.31 20.09
C GLU B 127 7.75 -28.09 20.63
N LEU B 128 8.77 -28.10 19.79
CA LEU B 128 10.17 -27.84 20.26
C LEU B 128 10.34 -26.35 20.49
N VAL B 129 10.98 -25.97 21.58
CA VAL B 129 11.38 -24.56 21.78
C VAL B 129 12.89 -24.53 21.97
N ILE B 130 13.57 -23.81 21.09
CA ILE B 130 15.04 -23.70 21.06
C ILE B 130 15.43 -22.30 21.54
N ASP B 131 16.24 -22.23 22.58
CA ASP B 131 16.97 -21.00 22.97
C ASP B 131 18.35 -21.02 22.32
N LYS B 132 18.70 -19.97 21.58
CA LYS B 132 19.97 -19.96 20.82
C LYS B 132 20.73 -18.70 21.18
N PRO B 133 22.03 -18.85 21.46
CA PRO B 133 22.88 -17.73 21.87
C PRO B 133 23.42 -16.96 20.67
N GLY B 134 23.10 -17.42 19.47
CA GLY B 134 23.48 -16.72 18.23
C GLY B 134 22.29 -16.50 17.31
N LYS B 135 22.57 -16.00 16.10
CA LYS B 135 21.55 -15.69 15.08
C LYS B 135 21.09 -16.96 14.39
N GLY B 136 22.02 -17.87 14.10
CA GLY B 136 21.73 -19.18 13.52
C GLY B 136 21.10 -20.15 14.50
N ALA B 137 20.00 -20.79 14.11
CA ALA B 137 19.18 -21.70 14.93
C ALA B 137 19.93 -23.01 15.25
N PHE B 138 20.99 -23.33 14.51
CA PHE B 138 21.77 -24.59 14.64
C PHE B 138 23.01 -24.39 15.51
N TYR B 139 23.52 -23.17 15.69
CA TYR B 139 24.81 -22.99 16.39
C TYR B 139 24.60 -23.13 17.91
N ALA B 140 25.25 -24.12 18.51
CA ALA B 140 25.27 -24.35 19.98
C ALA B 140 23.85 -24.63 20.48
N THR B 141 23.02 -25.25 19.64
CA THR B 141 21.70 -25.81 20.00
C THR B 141 21.67 -27.28 19.60
N ASP B 142 20.65 -28.00 20.06
CA ASP B 142 20.50 -29.43 19.70
C ASP B 142 19.48 -29.55 18.56
N LEU B 143 19.26 -28.49 17.78
CA LEU B 143 18.16 -28.48 16.79
C LEU B 143 18.38 -29.60 15.78
N HIS B 144 19.57 -29.69 15.18
CA HIS B 144 19.91 -30.68 14.11
C HIS B 144 19.71 -32.10 14.64
N ALA B 145 20.16 -32.43 15.86
CA ALA B 145 19.98 -33.77 16.47
C ALA B 145 18.48 -34.01 16.77
N GLN B 146 17.72 -32.98 17.19
CA GLN B 146 16.26 -33.13 17.46
C GLN B 146 15.50 -33.43 16.16
N LEU B 147 15.85 -32.75 15.07
CA LEU B 147 15.25 -32.97 13.72
C LEU B 147 15.65 -34.35 13.19
N GLN B 148 16.90 -34.75 13.36
CA GLN B 148 17.43 -36.06 12.87
C GLN B 148 16.69 -37.20 13.58
N GLU B 149 16.48 -37.07 14.89
CA GLU B 149 15.75 -38.01 15.77
C GLU B 149 14.38 -38.28 15.18
N ARG B 150 13.73 -37.23 14.61
CA ARG B 150 12.32 -37.31 14.14
C ARG B 150 12.30 -37.50 12.62
N ARG B 151 13.47 -37.77 12.01
CA ARG B 151 13.74 -37.86 10.55
C ARG B 151 13.02 -36.75 9.76
N ILE B 152 13.19 -35.50 10.17
CA ILE B 152 12.74 -34.31 9.39
C ILE B 152 13.72 -34.11 8.24
N THR B 153 13.23 -34.00 7.02
CA THR B 153 14.04 -33.68 5.82
C THR B 153 13.69 -32.28 5.27
N HIS B 154 12.54 -31.72 5.65
CA HIS B 154 11.94 -30.50 5.04
C HIS B 154 11.60 -29.51 6.16
N LEU B 155 11.87 -28.21 5.92
CA LEU B 155 11.58 -27.15 6.89
C LEU B 155 10.77 -26.09 6.18
N LEU B 156 9.69 -25.65 6.83
CA LEU B 156 8.98 -24.40 6.46
C LEU B 156 9.49 -23.32 7.41
N VAL B 157 9.94 -22.18 6.89
CA VAL B 157 10.66 -21.19 7.75
C VAL B 157 9.96 -19.85 7.65
N ALA B 158 9.74 -19.29 8.84
CA ALA B 158 9.10 -18.00 9.10
C ALA B 158 9.81 -17.35 10.29
N GLY B 159 9.61 -16.03 10.40
CA GLY B 159 10.00 -15.21 11.55
C GLY B 159 10.78 -13.97 11.15
N VAL B 160 11.64 -13.53 12.06
CA VAL B 160 12.38 -12.24 12.04
C VAL B 160 13.82 -12.44 12.53
N THR B 161 14.71 -11.55 12.11
CA THR B 161 14.50 -10.70 10.95
C THR B 161 14.99 -11.45 9.71
N THR B 162 14.42 -11.16 8.54
CA THR B 162 14.64 -11.91 7.28
C THR B 162 16.14 -12.04 7.01
N GLU B 163 16.88 -10.93 7.08
CA GLU B 163 18.28 -10.87 6.60
C GLU B 163 19.24 -11.35 7.71
N VAL B 164 18.79 -11.41 8.97
CA VAL B 164 19.68 -11.82 10.10
C VAL B 164 19.35 -13.27 10.52
N CYS B 165 18.46 -13.51 11.48
CA CYS B 165 18.18 -14.88 12.02
C CYS B 165 17.48 -15.79 10.97
N VAL B 166 16.58 -15.28 10.15
CA VAL B 166 15.91 -16.16 9.15
C VAL B 166 16.96 -16.60 8.13
N GLN B 167 17.70 -15.65 7.54
CA GLN B 167 18.76 -15.95 6.55
C GLN B 167 19.81 -16.93 7.12
N THR B 168 20.36 -16.63 8.30
CA THR B 168 21.47 -17.40 8.90
C THR B 168 20.98 -18.84 9.11
N SER B 169 19.79 -18.97 9.67
CA SER B 169 19.18 -20.29 10.02
C SER B 169 18.95 -21.09 8.73
N MET B 170 18.52 -20.43 7.69
CA MET B 170 18.21 -21.16 6.45
C MET B 170 19.50 -21.54 5.70
N ARG B 171 20.55 -20.70 5.75
CA ARG B 171 21.87 -21.05 5.21
C ARG B 171 22.44 -22.24 6.02
N GLU B 172 22.36 -22.22 7.34
CA GLU B 172 22.81 -23.37 8.16
C GLU B 172 22.06 -24.63 7.75
N ALA B 173 20.74 -24.53 7.60
CA ALA B 173 19.83 -25.68 7.34
C ALA B 173 20.19 -26.26 5.98
N ASN B 174 20.40 -25.39 5.00
CA ASN B 174 20.77 -25.83 3.65
C ASN B 174 22.08 -26.63 3.73
N ASP B 175 23.05 -26.18 4.54
CA ASP B 175 24.37 -26.85 4.67
C ASP B 175 24.17 -28.25 5.24
N ARG B 176 23.22 -28.40 6.14
CA ARG B 176 22.96 -29.67 6.86
C ARG B 176 22.09 -30.59 6.01
N GLY B 177 21.61 -30.16 4.85
CA GLY B 177 20.92 -31.06 3.90
C GLY B 177 19.41 -31.05 4.06
N TYR B 178 18.83 -30.04 4.73
CA TYR B 178 17.37 -29.78 4.69
C TYR B 178 16.95 -29.08 3.41
N GLU B 179 15.72 -29.40 2.99
CA GLU B 179 14.98 -28.71 1.91
C GLU B 179 14.08 -27.66 2.58
N CYS B 180 14.39 -26.38 2.39
CA CYS B 180 13.80 -25.25 3.13
C CYS B 180 12.95 -24.39 2.19
N LEU B 181 11.74 -24.13 2.64
CA LEU B 181 10.75 -23.28 1.98
C LEU B 181 10.48 -22.13 2.94
N VAL B 182 10.93 -20.93 2.60
CA VAL B 182 10.70 -19.74 3.45
C VAL B 182 9.35 -19.19 3.01
N ILE B 183 8.45 -18.98 3.96
CA ILE B 183 7.11 -18.36 3.69
C ILE B 183 7.32 -16.84 3.73
N GLU B 184 7.42 -16.26 2.52
CA GLU B 184 7.82 -14.86 2.20
C GLU B 184 7.10 -13.84 3.08
N ASP B 185 5.77 -13.88 3.11
CA ASP B 185 4.92 -12.89 3.84
C ASP B 185 4.78 -13.30 5.33
N ALA B 186 5.49 -14.35 5.76
CA ALA B 186 5.56 -14.77 7.17
C ALA B 186 6.97 -14.48 7.71
N CYS B 187 7.71 -13.60 7.02
CA CYS B 187 9.04 -13.08 7.42
C CYS B 187 8.97 -11.56 7.36
N ALA B 188 9.74 -10.88 8.20
CA ALA B 188 9.88 -9.42 8.10
C ALA B 188 11.25 -8.95 8.60
N SER B 189 11.57 -7.71 8.26
CA SER B 189 12.82 -6.98 8.57
C SER B 189 12.47 -5.55 8.98
N TYR B 190 13.32 -4.94 9.77
CA TYR B 190 13.32 -3.47 9.97
C TYR B 190 13.63 -2.78 8.64
N PHE B 191 14.34 -3.43 7.70
CA PHE B 191 14.85 -2.83 6.44
C PHE B 191 14.20 -3.53 5.24
N PRO B 192 13.17 -2.90 4.63
CA PRO B 192 12.44 -3.48 3.52
C PRO B 192 13.33 -4.01 2.38
N ASP B 193 14.35 -3.25 2.01
CA ASP B 193 15.33 -3.64 0.96
C ASP B 193 16.08 -4.92 1.36
N PHE B 194 16.41 -5.09 2.64
CA PHE B 194 17.16 -6.28 3.13
C PHE B 194 16.25 -7.51 3.06
N HIS B 195 14.98 -7.35 3.43
CA HIS B 195 13.94 -8.41 3.28
C HIS B 195 13.91 -8.87 1.83
N ARG B 196 13.60 -7.95 0.89
CA ARG B 196 13.35 -8.27 -0.54
C ARG B 196 14.58 -8.96 -1.10
N ILE B 197 15.75 -8.38 -0.82
CA ILE B 197 17.02 -8.81 -1.44
C ILE B 197 17.46 -10.13 -0.78
N THR B 198 17.24 -10.32 0.51
CA THR B 198 17.49 -11.64 1.16
C THR B 198 16.68 -12.75 0.47
N LEU B 199 15.40 -12.55 0.26
CA LEU B 199 14.55 -13.58 -0.39
C LEU B 199 15.09 -13.93 -1.79
N GLU B 200 15.55 -12.93 -2.54
CA GLU B 200 16.13 -13.12 -3.91
C GLU B 200 17.44 -13.89 -3.79
N MET B 201 18.26 -13.62 -2.79
CA MET B 201 19.57 -14.33 -2.65
C MET B 201 19.33 -15.80 -2.29
N LEU B 202 18.31 -16.07 -1.48
CA LEU B 202 18.11 -17.46 -0.94
C LEU B 202 17.76 -18.41 -2.10
N THR B 203 17.09 -17.89 -3.13
CA THR B 203 16.51 -18.68 -4.25
C THR B 203 17.29 -18.48 -5.55
N ALA B 204 18.37 -17.71 -5.53
CA ALA B 204 19.21 -17.39 -6.71
C ALA B 204 19.95 -18.64 -7.18
N GLN B 205 20.42 -18.61 -8.43
CA GLN B 205 21.25 -19.66 -9.07
C GLN B 205 20.48 -21.00 -9.05
N GLY B 206 19.17 -20.96 -9.25
CA GLY B 206 18.31 -22.15 -9.20
C GLY B 206 18.14 -22.73 -7.80
N GLY B 207 18.20 -21.90 -6.77
CA GLY B 207 17.73 -22.30 -5.44
C GLY B 207 18.90 -22.67 -4.57
N ILE B 208 19.97 -21.88 -4.63
CA ILE B 208 21.24 -22.18 -3.92
C ILE B 208 20.94 -22.40 -2.43
N VAL B 209 20.08 -21.62 -1.77
CA VAL B 209 19.81 -21.91 -0.32
C VAL B 209 18.47 -22.65 -0.19
N GLY B 210 17.46 -22.28 -0.98
CA GLY B 210 16.20 -23.04 -0.92
C GLY B 210 15.11 -22.40 -1.76
N TRP B 211 13.89 -22.43 -1.23
CA TRP B 211 12.66 -22.05 -1.94
C TRP B 211 11.99 -20.93 -1.16
N ARG B 212 11.11 -20.22 -1.83
CA ARG B 212 10.25 -19.19 -1.22
C ARG B 212 8.90 -19.27 -1.90
N THR B 213 7.87 -18.96 -1.12
CA THR B 213 6.48 -18.81 -1.61
C THR B 213 5.64 -18.05 -0.58
N PRO B 214 4.59 -17.32 -1.01
CA PRO B 214 3.63 -16.74 -0.06
C PRO B 214 2.75 -17.80 0.61
N LEU B 215 2.23 -17.50 1.79
CA LEU B 215 1.37 -18.42 2.58
C LEU B 215 0.19 -18.96 1.72
N ALA B 216 -0.45 -18.12 0.91
CA ALA B 216 -1.62 -18.52 0.08
C ALA B 216 -1.26 -19.76 -0.76
N GLN B 217 -0.02 -19.82 -1.28
CA GLN B 217 0.43 -20.94 -2.13
C GLN B 217 0.57 -22.22 -1.28
N LEU B 218 1.09 -22.11 -0.05
CA LEU B 218 1.13 -23.27 0.88
C LEU B 218 -0.32 -23.65 1.26
N GLN B 219 -1.18 -22.67 1.53
CA GLN B 219 -2.60 -22.96 1.91
C GLN B 219 -3.27 -23.75 0.77
N ALA B 220 -2.98 -23.41 -0.49
CA ALA B 220 -3.62 -24.04 -1.69
C ALA B 220 -3.22 -25.52 -1.79
N GLY B 221 -2.01 -25.85 -1.36
CA GLY B 221 -1.48 -27.23 -1.48
C GLY B 221 -2.07 -28.21 -0.48
N VAL B 222 -2.50 -27.76 0.70
CA VAL B 222 -2.85 -28.65 1.85
C VAL B 222 -4.37 -28.89 1.89
N HIS C 3 -0.87 18.11 14.21
CA HIS C 3 -1.08 16.78 13.60
C HIS C 3 -1.89 16.95 12.30
N MET C 4 -3.07 17.57 12.42
CA MET C 4 -3.92 18.00 11.27
C MET C 4 -3.11 18.98 10.40
N ILE C 5 -3.11 18.78 9.08
CA ILE C 5 -2.75 19.86 8.12
C ILE C 5 -3.92 20.84 8.12
N ARG C 6 -3.65 22.13 8.31
CA ARG C 6 -4.65 23.22 8.25
C ARG C 6 -4.33 24.12 7.06
N ILE C 7 -5.27 24.23 6.11
CA ILE C 7 -5.14 24.88 4.77
C ILE C 7 -6.03 26.12 4.75
N ASP C 8 -5.49 27.31 4.45
CA ASP C 8 -6.32 28.47 4.07
C ASP C 8 -7.25 28.05 2.91
N ALA C 9 -8.57 28.23 3.06
CA ALA C 9 -9.58 27.89 2.04
C ALA C 9 -10.83 28.75 2.20
N THR C 10 -11.71 28.68 1.20
CA THR C 10 -13.08 29.26 1.23
C THR C 10 -14.04 28.12 1.53
N PRO C 11 -15.02 28.28 2.44
CA PRO C 11 -15.30 29.52 3.16
C PRO C 11 -14.63 29.75 4.51
N TYR C 12 -13.85 28.78 5.01
CA TYR C 12 -13.01 28.91 6.23
C TYR C 12 -11.92 27.85 6.16
N PRO C 13 -10.87 27.93 7.01
CA PRO C 13 -9.75 27.00 6.90
C PRO C 13 -10.27 25.55 6.85
N TYR C 14 -9.59 24.71 6.06
CA TYR C 14 -9.90 23.28 5.87
C TYR C 14 -8.78 22.52 6.57
N GLN C 15 -9.13 21.49 7.31
CA GLN C 15 -8.23 20.76 8.21
C GLN C 15 -8.36 19.27 7.90
N PHE C 16 -7.23 18.59 7.72
CA PHE C 16 -7.26 17.16 7.33
C PHE C 16 -6.01 16.47 7.85
N HIS C 17 -6.05 15.15 7.98
CA HIS C 17 -4.89 14.26 8.24
C HIS C 17 -4.70 13.34 7.02
N PRO C 18 -3.47 13.27 6.44
CA PRO C 18 -3.20 12.42 5.28
C PRO C 18 -3.62 10.94 5.44
N ARG C 19 -3.68 10.42 6.67
CA ARG C 19 -4.03 8.99 6.92
C ARG C 19 -5.51 8.72 6.61
N SER C 20 -6.39 9.71 6.65
CA SER C 20 -7.85 9.55 6.47
C SER C 20 -8.38 10.49 5.37
N THR C 21 -7.46 10.93 4.50
CA THR C 21 -7.73 11.83 3.35
C THR C 21 -7.33 11.11 2.06
N ALA C 22 -8.18 11.19 1.03
CA ALA C 22 -7.92 10.61 -0.30
C ALA C 22 -7.96 11.74 -1.33
N LEU C 23 -7.20 11.58 -2.41
CA LEU C 23 -7.29 12.48 -3.59
C LEU C 23 -8.10 11.74 -4.67
N VAL C 24 -9.06 12.44 -5.27
CA VAL C 24 -9.95 11.89 -6.33
C VAL C 24 -9.78 12.78 -7.56
N VAL C 25 -9.18 12.23 -8.61
CA VAL C 25 -9.00 12.92 -9.91
C VAL C 25 -10.04 12.34 -10.86
N ILE C 26 -10.89 13.21 -11.40
CA ILE C 26 -12.18 12.83 -12.04
C ILE C 26 -12.06 13.05 -13.56
N ASP C 27 -12.11 11.96 -14.30
CA ASP C 27 -12.39 11.92 -15.77
C ASP C 27 -11.41 12.76 -16.57
N MET C 28 -10.11 12.66 -16.26
CA MET C 28 -9.07 13.35 -17.07
C MET C 28 -8.73 12.46 -18.28
N GLN C 29 -9.70 12.27 -19.16
CA GLN C 29 -9.70 11.31 -20.31
C GLN C 29 -9.30 12.05 -21.60
N ARG C 30 -8.47 11.39 -22.43
CA ARG C 30 -7.83 12.00 -23.62
C ARG C 30 -8.90 12.66 -24.52
N ASP C 31 -10.06 12.02 -24.70
CA ASP C 31 -11.10 12.52 -25.64
C ASP C 31 -11.70 13.85 -25.16
N PHE C 32 -11.65 14.14 -23.85
CA PHE C 32 -12.18 15.43 -23.31
C PHE C 32 -11.14 16.55 -23.46
N ILE C 33 -9.84 16.23 -23.46
CA ILE C 33 -8.73 17.19 -23.16
C ILE C 33 -7.84 17.43 -24.41
N GLU C 34 -7.54 16.41 -25.21
CA GLU C 34 -6.59 16.54 -26.37
C GLU C 34 -7.25 17.24 -27.59
N GLU C 35 -6.49 18.11 -28.26
CA GLU C 35 -6.95 18.83 -29.49
C GLU C 35 -7.36 17.77 -30.51
N GLY C 36 -8.50 17.98 -31.18
CA GLY C 36 -9.05 17.04 -32.19
C GLY C 36 -9.43 15.69 -31.60
N GLY C 37 -9.61 15.58 -30.28
CA GLY C 37 -10.39 14.50 -29.64
C GLY C 37 -11.88 14.76 -29.82
N PHE C 38 -12.74 13.86 -29.32
CA PHE C 38 -14.22 13.98 -29.26
C PHE C 38 -14.66 15.36 -28.71
N GLY C 39 -14.05 15.85 -27.63
CA GLY C 39 -14.38 17.17 -27.07
C GLY C 39 -14.28 18.27 -28.12
N SER C 40 -13.11 18.38 -28.78
CA SER C 40 -12.76 19.36 -29.85
C SER C 40 -13.77 19.29 -31.01
N ALA C 41 -14.11 18.06 -31.43
CA ALA C 41 -14.95 17.75 -32.62
C ALA C 41 -16.37 18.30 -32.47
N LEU C 42 -16.87 18.39 -31.23
CA LEU C 42 -18.24 18.85 -30.91
C LEU C 42 -18.28 20.39 -30.88
N GLY C 43 -17.12 21.03 -31.06
CA GLY C 43 -16.95 22.50 -31.12
C GLY C 43 -16.55 23.10 -29.79
N ASN C 44 -16.10 22.28 -28.82
CA ASN C 44 -15.70 22.80 -27.49
C ASN C 44 -14.24 23.23 -27.57
N ASP C 45 -13.89 24.31 -26.89
CA ASP C 45 -12.49 24.77 -26.75
C ASP C 45 -11.90 24.05 -25.53
N VAL C 46 -11.02 23.09 -25.78
CA VAL C 46 -10.49 22.16 -24.73
C VAL C 46 -9.30 22.81 -24.00
N ARG C 47 -8.81 23.96 -24.48
CA ARG C 47 -7.58 24.63 -23.95
C ARG C 47 -7.67 24.87 -22.43
N PRO C 48 -8.81 25.29 -21.85
CA PRO C 48 -8.87 25.38 -20.39
C PRO C 48 -8.53 24.03 -19.71
N LEU C 49 -8.92 22.90 -20.30
CA LEU C 49 -8.75 21.54 -19.69
C LEU C 49 -7.28 21.11 -19.82
N ALA C 50 -6.66 21.31 -20.98
CA ALA C 50 -5.22 21.04 -21.19
C ALA C 50 -4.38 21.91 -20.23
N ALA C 51 -4.81 23.15 -19.93
CA ALA C 51 -4.03 24.11 -19.12
C ALA C 51 -3.92 23.67 -17.66
N ILE C 52 -4.84 22.86 -17.13
CA ILE C 52 -4.82 22.43 -15.69
C ILE C 52 -3.90 21.21 -15.56
N VAL C 53 -3.41 20.60 -16.64
CA VAL C 53 -2.75 19.27 -16.56
C VAL C 53 -1.55 19.34 -15.62
N PRO C 54 -0.64 20.33 -15.73
CA PRO C 54 0.54 20.40 -14.85
C PRO C 54 0.14 20.61 -13.38
N THR C 55 -0.93 21.38 -13.12
CA THR C 55 -1.48 21.62 -11.75
C THR C 55 -1.99 20.29 -11.21
N VAL C 56 -2.69 19.49 -12.02
CA VAL C 56 -3.20 18.15 -11.58
C VAL C 56 -2.02 17.20 -11.32
N ALA C 57 -0.97 17.20 -12.15
CA ALA C 57 0.24 16.36 -11.94
C ALA C 57 0.94 16.72 -10.61
N ALA C 58 1.05 17.99 -10.26
CA ALA C 58 1.62 18.47 -8.96
C ALA C 58 0.73 18.04 -7.77
N LEU C 59 -0.60 18.11 -7.91
CA LEU C 59 -1.57 17.63 -6.90
C LEU C 59 -1.40 16.12 -6.70
N LEU C 60 -1.36 15.33 -7.78
CA LEU C 60 -1.08 13.85 -7.73
C LEU C 60 0.22 13.60 -6.97
N GLN C 61 1.27 14.38 -7.26
CA GLN C 61 2.59 14.21 -6.65
C GLN C 61 2.51 14.61 -5.15
N LEU C 62 1.82 15.70 -4.76
CA LEU C 62 1.63 16.09 -3.33
C LEU C 62 0.97 14.91 -2.60
N ALA C 63 -0.13 14.37 -3.12
CA ALA C 63 -0.88 13.23 -2.53
C ALA C 63 0.05 12.03 -2.39
N ARG C 64 0.81 11.70 -3.44
CA ARG C 64 1.64 10.48 -3.45
C ARG C 64 2.75 10.61 -2.40
N GLU C 65 3.38 11.76 -2.33
CA GLU C 65 4.45 12.13 -1.37
C GLU C 65 3.92 11.96 0.06
N ALA C 66 2.68 12.38 0.32
CA ALA C 66 2.08 12.33 1.67
C ALA C 66 1.53 10.93 1.96
N GLY C 67 1.68 9.96 1.06
CA GLY C 67 1.16 8.59 1.22
C GLY C 67 -0.37 8.54 1.32
N MET C 68 -1.08 9.52 0.74
CA MET C 68 -2.57 9.54 0.68
C MET C 68 -3.10 8.56 -0.40
N LEU C 69 -4.24 7.93 -0.13
CA LEU C 69 -4.96 7.12 -1.13
C LEU C 69 -5.28 8.00 -2.36
N VAL C 70 -5.01 7.51 -3.56
CA VAL C 70 -5.32 8.23 -4.83
C VAL C 70 -6.35 7.42 -5.60
N VAL C 71 -7.45 8.07 -5.99
CA VAL C 71 -8.58 7.51 -6.78
C VAL C 71 -8.65 8.27 -8.11
N HIS C 72 -8.69 7.53 -9.21
CA HIS C 72 -8.95 8.08 -10.55
C HIS C 72 -10.33 7.61 -10.98
N THR C 73 -11.13 8.44 -11.65
CA THR C 73 -12.42 8.02 -12.26
C THR C 73 -12.36 8.19 -13.78
N ARG C 74 -13.01 7.27 -14.46
CA ARG C 74 -13.22 7.31 -15.93
C ARG C 74 -14.72 7.14 -16.19
N GLU C 75 -15.37 8.10 -16.86
CA GLU C 75 -16.73 7.86 -17.40
C GLU C 75 -16.56 6.87 -18.56
N SER C 76 -17.29 5.77 -18.53
CA SER C 76 -17.07 4.68 -19.49
C SER C 76 -18.19 3.64 -19.41
N HIS C 77 -18.40 2.96 -20.54
CA HIS C 77 -19.44 1.91 -20.73
C HIS C 77 -18.78 0.65 -21.26
N LEU C 78 -19.37 -0.51 -20.93
CA LEU C 78 -18.97 -1.84 -21.48
C LEU C 78 -19.12 -1.76 -22.99
N PRO C 79 -18.26 -2.46 -23.77
CA PRO C 79 -18.35 -2.42 -25.24
C PRO C 79 -19.74 -2.74 -25.81
N ASP C 80 -20.54 -3.57 -25.14
CA ASP C 80 -21.93 -3.92 -25.58
C ASP C 80 -22.95 -2.83 -25.17
N LEU C 81 -22.53 -1.80 -24.41
CA LEU C 81 -23.36 -0.66 -23.92
C LEU C 81 -24.49 -1.15 -23.03
N SER C 82 -24.37 -2.36 -22.47
CA SER C 82 -25.37 -2.98 -21.57
C SER C 82 -25.54 -2.16 -20.28
N ASP C 83 -24.56 -1.31 -19.91
CA ASP C 83 -24.64 -0.43 -18.69
C ASP C 83 -24.85 1.04 -19.10
N CYS C 84 -25.25 1.30 -20.35
CA CYS C 84 -25.54 2.67 -20.83
C CYS C 84 -27.06 2.84 -20.96
N PRO C 85 -27.73 3.65 -20.12
CA PRO C 85 -29.18 3.83 -20.24
C PRO C 85 -29.58 4.37 -21.62
N ARG C 86 -30.73 3.92 -22.13
CA ARG C 86 -31.35 4.39 -23.41
C ARG C 86 -31.39 5.92 -23.43
N SER C 87 -31.86 6.55 -22.36
CA SER C 87 -31.91 8.01 -22.15
C SER C 87 -30.56 8.64 -22.59
N LYS C 88 -29.45 8.08 -22.13
CA LYS C 88 -28.11 8.70 -22.27
C LYS C 88 -27.68 8.60 -23.75
N ARG C 89 -28.06 7.54 -24.47
N ARG C 89 -28.05 7.53 -24.45
CA ARG C 89 -27.72 7.37 -25.91
CA ARG C 89 -27.75 7.34 -25.90
C ARG C 89 -28.54 8.33 -26.78
C ARG C 89 -28.51 8.38 -26.73
N LEU C 90 -29.79 8.62 -26.42
CA LEU C 90 -30.70 9.44 -27.26
C LEU C 90 -30.43 10.93 -27.02
N ARG C 91 -29.82 11.28 -25.88
CA ARG C 91 -29.76 12.68 -25.40
C ARG C 91 -28.94 13.52 -26.38
N GLY C 92 -29.52 14.64 -26.80
CA GLY C 92 -28.96 15.56 -27.79
C GLY C 92 -29.12 15.04 -29.23
N ASN C 93 -29.64 13.82 -29.44
CA ASN C 93 -29.71 13.18 -30.80
C ASN C 93 -28.39 13.38 -31.56
N PRO C 94 -27.21 13.09 -30.96
CA PRO C 94 -25.93 13.42 -31.60
C PRO C 94 -25.63 12.46 -32.77
N THR C 95 -25.04 13.00 -33.83
CA THR C 95 -24.55 12.22 -35.00
C THR C 95 -23.34 11.40 -34.55
N LEU C 96 -22.50 11.97 -33.70
CA LEU C 96 -21.40 11.26 -33.00
C LEU C 96 -21.84 10.94 -31.57
N GLY C 97 -22.46 9.80 -31.35
CA GLY C 97 -23.01 9.40 -30.04
C GLY C 97 -22.19 8.32 -29.37
N ILE C 98 -22.60 7.94 -28.16
CA ILE C 98 -21.95 6.87 -27.35
C ILE C 98 -21.86 5.59 -28.19
N GLY C 99 -20.68 4.98 -28.27
CA GLY C 99 -20.46 3.75 -29.05
C GLY C 99 -20.07 4.01 -30.50
N ASP C 100 -20.33 5.19 -31.05
CA ASP C 100 -19.96 5.56 -32.43
C ASP C 100 -18.44 5.78 -32.51
N VAL C 101 -17.85 5.60 -33.70
CA VAL C 101 -16.37 5.82 -33.91
C VAL C 101 -16.12 7.33 -34.00
N GLY C 102 -15.47 7.91 -32.99
CA GLY C 102 -15.01 9.31 -33.01
C GLY C 102 -13.51 9.37 -33.30
N PRO C 103 -12.85 10.55 -33.21
CA PRO C 103 -11.44 10.66 -33.56
C PRO C 103 -10.50 9.79 -32.72
N MET C 104 -10.92 9.26 -31.57
CA MET C 104 -10.03 8.33 -30.81
C MET C 104 -10.77 7.04 -30.47
N GLY C 105 -11.55 6.52 -31.42
CA GLY C 105 -12.22 5.23 -31.28
C GLY C 105 -13.61 5.42 -30.71
N ARG C 106 -14.20 4.36 -30.19
CA ARG C 106 -15.63 4.35 -29.79
C ARG C 106 -15.84 5.29 -28.61
N ILE C 107 -16.81 6.20 -28.76
CA ILE C 107 -17.16 7.26 -27.79
C ILE C 107 -17.66 6.65 -26.46
N LEU C 108 -16.91 6.90 -25.38
CA LEU C 108 -17.34 6.61 -23.99
C LEU C 108 -17.30 5.11 -23.75
N VAL C 109 -16.47 4.38 -24.49
CA VAL C 109 -16.36 2.91 -24.36
C VAL C 109 -14.99 2.56 -23.74
N GLN C 110 -15.03 1.74 -22.70
CA GLN C 110 -13.86 1.12 -22.02
C GLN C 110 -12.94 0.50 -23.07
N GLY C 111 -11.62 0.70 -22.91
CA GLY C 111 -10.57 0.08 -23.74
C GLY C 111 -10.16 0.94 -24.92
N GLU C 112 -10.91 1.99 -25.25
CA GLU C 112 -10.64 2.86 -26.43
C GLU C 112 -9.64 3.96 -26.07
N PRO C 113 -8.72 4.29 -26.99
CA PRO C 113 -7.75 5.37 -26.77
C PRO C 113 -8.31 6.62 -26.09
N GLY C 114 -9.46 7.11 -26.60
CA GLY C 114 -10.11 8.34 -26.13
C GLY C 114 -10.54 8.24 -24.66
N ASN C 115 -10.90 7.04 -24.21
CA ASN C 115 -11.48 6.77 -22.87
C ASN C 115 -10.37 6.80 -21.81
N GLN C 116 -9.10 6.69 -22.20
CA GLN C 116 -7.98 6.42 -21.27
C GLN C 116 -7.67 7.69 -20.51
N ILE C 117 -7.22 7.56 -19.26
CA ILE C 117 -6.68 8.71 -18.50
C ILE C 117 -5.47 9.27 -19.28
N LEU C 118 -5.33 10.59 -19.38
CA LEU C 118 -4.09 11.22 -19.91
C LEU C 118 -2.89 10.47 -19.38
N PRO C 119 -1.98 9.98 -20.26
CA PRO C 119 -0.71 9.40 -19.81
C PRO C 119 0.02 10.32 -18.83
N GLN C 120 -0.03 11.64 -19.02
CA GLN C 120 0.63 12.62 -18.12
C GLN C 120 0.12 12.51 -16.66
N LEU C 121 -1.09 11.98 -16.45
CA LEU C 121 -1.72 11.89 -15.11
C LEU C 121 -2.09 10.44 -14.84
N ALA C 122 -1.36 9.48 -15.42
CA ALA C 122 -1.72 8.04 -15.35
C ALA C 122 -1.71 7.61 -13.89
N PRO C 123 -2.59 6.63 -13.54
CA PRO C 123 -2.53 5.94 -12.27
C PRO C 123 -1.27 5.06 -12.17
N VAL C 124 -0.70 4.96 -10.98
CA VAL C 124 0.38 3.99 -10.66
C VAL C 124 -0.18 2.96 -9.70
N GLU C 125 0.56 1.86 -9.56
CA GLU C 125 0.26 0.69 -8.70
C GLU C 125 -0.22 1.18 -7.34
N GLY C 126 -1.27 0.57 -6.80
CA GLY C 126 -1.76 0.87 -5.44
C GLY C 126 -2.72 2.04 -5.40
N GLU C 127 -3.13 2.54 -6.56
CA GLU C 127 -4.17 3.60 -6.64
C GLU C 127 -5.48 2.99 -7.16
N LEU C 128 -6.63 3.47 -6.68
CA LEU C 128 -7.96 2.97 -7.15
C LEU C 128 -8.33 3.67 -8.47
N VAL C 129 -8.79 2.88 -9.44
CA VAL C 129 -9.33 3.40 -10.73
C VAL C 129 -10.79 2.93 -10.83
N ILE C 130 -11.74 3.86 -10.92
CA ILE C 130 -13.21 3.61 -10.94
C ILE C 130 -13.73 3.87 -12.35
N ASP C 131 -14.33 2.87 -12.99
CA ASP C 131 -15.13 3.11 -14.20
C ASP C 131 -16.55 3.46 -13.76
N LYS C 132 -17.09 4.59 -14.19
CA LYS C 132 -18.45 5.00 -13.77
C LYS C 132 -19.33 5.21 -15.00
N PRO C 133 -20.57 4.65 -15.00
CA PRO C 133 -21.48 4.82 -16.14
C PRO C 133 -22.26 6.15 -16.09
N GLY C 134 -22.05 6.95 -15.03
CA GLY C 134 -22.72 8.24 -14.82
C GLY C 134 -21.71 9.37 -14.68
N LYS C 135 -22.19 10.59 -14.42
CA LYS C 135 -21.34 11.77 -14.14
C LYS C 135 -20.85 11.67 -12.69
N GLY C 136 -21.68 11.16 -11.77
CA GLY C 136 -21.34 11.10 -10.34
C GLY C 136 -20.50 9.87 -10.02
N ALA C 137 -19.36 10.08 -9.35
CA ALA C 137 -18.36 9.06 -8.96
C ALA C 137 -18.95 7.95 -8.09
N PHE C 138 -20.02 8.23 -7.32
CA PHE C 138 -20.60 7.27 -6.33
C PHE C 138 -21.80 6.52 -6.92
N TYR C 139 -22.31 6.86 -8.11
CA TYR C 139 -23.45 6.11 -8.72
C TYR C 139 -22.94 4.86 -9.41
N ALA C 140 -23.44 3.69 -8.99
CA ALA C 140 -23.16 2.36 -9.59
C ALA C 140 -21.65 2.05 -9.53
N THR C 141 -20.93 2.59 -8.55
CA THR C 141 -19.52 2.25 -8.32
C THR C 141 -19.42 1.74 -6.90
N ASP C 142 -18.26 1.20 -6.51
CA ASP C 142 -18.06 0.69 -5.13
C ASP C 142 -17.25 1.72 -4.34
N LEU C 143 -17.18 2.98 -4.80
CA LEU C 143 -16.19 3.99 -4.31
C LEU C 143 -16.41 4.24 -2.82
N HIS C 144 -17.66 4.36 -2.40
CA HIS C 144 -18.06 4.69 -1.00
C HIS C 144 -17.57 3.58 -0.07
N ALA C 145 -17.85 2.33 -0.42
CA ALA C 145 -17.44 1.14 0.35
C ALA C 145 -15.90 1.06 0.37
N GLN C 146 -15.23 1.31 -0.76
CA GLN C 146 -13.74 1.32 -0.83
C GLN C 146 -13.16 2.45 0.03
N LEU C 147 -13.77 3.65 0.05
CA LEU C 147 -13.29 4.74 0.93
C LEU C 147 -13.54 4.37 2.40
N GLN C 148 -14.71 3.81 2.72
CA GLN C 148 -15.16 3.45 4.09
C GLN C 148 -14.24 2.35 4.65
N GLU C 149 -13.85 1.42 3.79
CA GLU C 149 -12.97 0.28 4.17
C GLU C 149 -11.58 0.83 4.49
N ARG C 150 -11.24 2.01 4.00
CA ARG C 150 -9.92 2.62 4.28
C ARG C 150 -10.06 3.73 5.32
N ARG C 151 -11.24 3.89 5.90
CA ARG C 151 -11.55 4.93 6.93
C ARG C 151 -11.27 6.33 6.39
N ILE C 152 -11.50 6.58 5.09
CA ILE C 152 -11.35 7.95 4.51
C ILE C 152 -12.50 8.82 5.01
N THR C 153 -12.22 9.99 5.57
CA THR C 153 -13.22 11.02 5.98
C THR C 153 -13.10 12.26 5.08
N HIS C 154 -11.93 12.54 4.51
CA HIS C 154 -11.60 13.81 3.81
C HIS C 154 -11.23 13.50 2.36
N LEU C 155 -11.76 14.27 1.40
CA LEU C 155 -11.43 14.12 -0.04
C LEU C 155 -10.87 15.44 -0.56
N LEU C 156 -9.73 15.35 -1.28
CA LEU C 156 -9.27 16.45 -2.18
C LEU C 156 -9.84 16.11 -3.56
N VAL C 157 -10.38 17.09 -4.27
CA VAL C 157 -11.16 16.86 -5.51
C VAL C 157 -10.56 17.70 -6.64
N ALA C 158 -10.26 17.05 -7.76
CA ALA C 158 -9.80 17.72 -8.99
C ALA C 158 -10.46 17.07 -10.21
N GLY C 159 -10.35 17.72 -11.38
CA GLY C 159 -10.64 17.10 -12.68
C GLY C 159 -11.64 17.89 -13.51
N VAL C 160 -12.44 17.19 -14.30
CA VAL C 160 -13.26 17.86 -15.35
C VAL C 160 -14.58 17.10 -15.46
N THR C 161 -15.62 17.77 -15.96
CA THR C 161 -15.65 19.23 -16.03
C THR C 161 -16.20 19.71 -14.68
N THR C 162 -15.88 20.94 -14.28
CA THR C 162 -16.23 21.50 -12.95
C THR C 162 -17.73 21.35 -12.71
N GLU C 163 -18.59 21.72 -13.67
CA GLU C 163 -20.05 21.87 -13.42
C GLU C 163 -20.81 20.55 -13.61
N VAL C 164 -20.17 19.55 -14.21
CA VAL C 164 -20.76 18.22 -14.50
C VAL C 164 -20.18 17.19 -13.50
N CYS C 165 -19.11 16.48 -13.86
CA CYS C 165 -18.60 15.31 -13.08
C CYS C 165 -17.98 15.79 -11.75
N VAL C 166 -17.33 16.96 -11.69
CA VAL C 166 -16.64 17.37 -10.43
C VAL C 166 -17.75 17.77 -9.43
N GLN C 167 -18.59 18.70 -9.82
CA GLN C 167 -19.76 19.13 -9.04
C GLN C 167 -20.63 17.94 -8.59
N THR C 168 -20.97 17.02 -9.50
CA THR C 168 -21.95 15.95 -9.18
C THR C 168 -21.35 15.04 -8.11
N SER C 169 -20.10 14.63 -8.34
CA SER C 169 -19.30 13.76 -7.45
C SER C 169 -19.13 14.41 -6.08
N MET C 170 -18.97 15.72 -6.06
CA MET C 170 -18.68 16.41 -4.78
C MET C 170 -19.99 16.54 -3.99
N ARG C 171 -21.10 16.81 -4.67
CA ARG C 171 -22.45 16.81 -4.06
C ARG C 171 -22.74 15.41 -3.49
N GLU C 172 -22.42 14.34 -4.22
CA GLU C 172 -22.59 12.94 -3.75
C GLU C 172 -21.73 12.69 -2.50
N ALA C 173 -20.46 13.12 -2.52
CA ALA C 173 -19.52 12.91 -1.40
C ALA C 173 -20.08 13.60 -0.16
N ASN C 174 -20.49 14.86 -0.34
CA ASN C 174 -21.01 15.68 0.76
C ASN C 174 -22.17 14.92 1.42
N ASP C 175 -23.10 14.40 0.61
CA ASP C 175 -24.31 13.67 1.11
C ASP C 175 -23.87 12.46 1.95
N ARG C 176 -22.77 11.82 1.54
CA ARG C 176 -22.25 10.56 2.12
C ARG C 176 -21.38 10.78 3.36
N GLY C 177 -21.16 12.03 3.76
CA GLY C 177 -20.46 12.43 5.01
C GLY C 177 -18.99 12.79 4.86
N TYR C 178 -18.46 12.92 3.64
CA TYR C 178 -17.08 13.37 3.35
C TYR C 178 -16.93 14.89 3.45
N GLU C 179 -15.79 15.34 4.00
CA GLU C 179 -15.27 16.72 3.98
C GLU C 179 -14.42 16.91 2.72
N CYS C 180 -14.92 17.72 1.78
CA CYS C 180 -14.40 17.84 0.40
C CYS C 180 -13.77 19.23 0.21
N LEU C 181 -12.51 19.22 -0.23
CA LEU C 181 -11.77 20.42 -0.65
C LEU C 181 -11.53 20.27 -2.15
N VAL C 182 -12.19 21.10 -2.95
CA VAL C 182 -11.94 21.13 -4.41
C VAL C 182 -10.73 22.05 -4.66
N ILE C 183 -9.74 21.58 -5.43
CA ILE C 183 -8.52 22.36 -5.79
C ILE C 183 -8.90 23.14 -7.05
N GLU C 184 -9.14 24.44 -6.84
CA GLU C 184 -9.79 25.38 -7.80
C GLU C 184 -9.12 25.32 -9.17
N ASP C 185 -7.78 25.33 -9.21
CA ASP C 185 -6.97 25.45 -10.46
C ASP C 185 -6.56 24.05 -10.93
N ALA C 186 -7.10 23.00 -10.30
CA ALA C 186 -6.94 21.59 -10.72
C ALA C 186 -8.31 21.08 -11.22
N CYS C 187 -9.21 22.00 -11.52
CA CYS C 187 -10.55 21.74 -12.12
C CYS C 187 -10.71 22.62 -13.36
N ALA C 188 -11.45 22.18 -14.37
CA ALA C 188 -11.70 23.00 -15.59
C ALA C 188 -13.03 22.62 -16.22
N SER C 189 -13.57 23.54 -17.01
CA SER C 189 -14.83 23.40 -17.77
C SER C 189 -14.58 23.86 -19.19
N TYR C 190 -15.44 23.47 -20.13
CA TYR C 190 -15.53 24.10 -21.47
C TYR C 190 -16.21 25.48 -21.37
N PHE C 191 -16.90 25.77 -20.25
CA PHE C 191 -17.69 27.01 -20.05
C PHE C 191 -17.15 27.80 -18.84
N PRO C 192 -16.38 28.89 -19.07
CA PRO C 192 -15.76 29.65 -17.98
C PRO C 192 -16.70 30.07 -16.85
N ASP C 193 -17.88 30.58 -17.21
CA ASP C 193 -18.95 30.98 -16.28
C ASP C 193 -19.35 29.78 -15.39
N PHE C 194 -19.61 28.63 -16.01
CA PHE C 194 -20.03 27.40 -15.29
C PHE C 194 -18.93 27.01 -14.30
N HIS C 195 -17.67 27.02 -14.75
CA HIS C 195 -16.51 26.76 -13.89
C HIS C 195 -16.60 27.66 -12.65
N ARG C 196 -16.68 28.98 -12.87
CA ARG C 196 -16.60 30.03 -11.82
C ARG C 196 -17.84 29.94 -10.92
N ILE C 197 -19.08 29.82 -11.45
CA ILE C 197 -20.29 29.75 -10.58
C ILE C 197 -20.31 28.42 -9.82
N THR C 198 -19.90 27.29 -10.40
CA THR C 198 -19.93 26.01 -9.63
C THR C 198 -19.07 26.17 -8.36
N LEU C 199 -17.90 26.76 -8.47
CA LEU C 199 -17.00 26.93 -7.29
C LEU C 199 -17.70 27.77 -6.21
N GLU C 200 -18.37 28.84 -6.60
CA GLU C 200 -19.16 29.70 -5.70
C GLU C 200 -20.32 28.91 -5.09
N MET C 201 -21.00 28.06 -5.87
CA MET C 201 -22.17 27.28 -5.36
C MET C 201 -21.69 26.22 -4.35
N LEU C 202 -20.57 25.56 -4.60
CA LEU C 202 -20.08 24.49 -3.71
C LEU C 202 -19.78 25.07 -2.32
N THR C 203 -19.35 26.34 -2.24
CA THR C 203 -18.87 26.93 -0.97
C THR C 203 -19.88 27.90 -0.37
N ALA C 204 -21.06 28.04 -0.99
CA ALA C 204 -22.10 29.00 -0.57
C ALA C 204 -22.65 28.60 0.80
N GLN C 205 -23.32 29.54 1.46
CA GLN C 205 -24.09 29.34 2.73
C GLN C 205 -23.19 28.65 3.76
N GLY C 206 -21.92 29.07 3.89
CA GLY C 206 -21.00 28.56 4.92
C GLY C 206 -20.50 27.15 4.62
N GLY C 207 -20.39 26.79 3.33
CA GLY C 207 -19.73 25.56 2.86
C GLY C 207 -20.72 24.42 2.66
N ILE C 208 -21.87 24.73 2.05
CA ILE C 208 -22.99 23.76 1.95
C ILE C 208 -22.51 22.46 1.27
N VAL C 209 -21.66 22.51 0.24
CA VAL C 209 -21.11 21.24 -0.32
C VAL C 209 -19.72 20.96 0.26
N GLY C 210 -18.87 21.95 0.33
CA GLY C 210 -17.56 21.80 1.00
C GLY C 210 -16.75 23.06 0.83
N TRP C 211 -15.46 22.88 0.55
CA TRP C 211 -14.42 23.93 0.59
C TRP C 211 -13.74 24.01 -0.78
N ARG C 212 -13.09 25.14 -1.07
CA ARG C 212 -12.22 25.28 -2.27
C ARG C 212 -10.99 26.10 -1.91
N THR C 213 -9.89 25.80 -2.61
CA THR C 213 -8.62 26.54 -2.48
C THR C 213 -7.77 26.27 -3.72
N PRO C 214 -6.91 27.21 -4.16
CA PRO C 214 -5.87 26.91 -5.13
C PRO C 214 -4.83 25.91 -4.62
N LEU C 215 -4.14 25.20 -5.53
CA LEU C 215 -3.07 24.22 -5.18
C LEU C 215 -2.02 24.86 -4.23
N ALA C 216 -1.64 26.12 -4.47
CA ALA C 216 -0.58 26.83 -3.72
C ALA C 216 -0.90 26.84 -2.22
N GLN C 217 -2.18 26.95 -1.85
CA GLN C 217 -2.61 26.98 -0.43
C GLN C 217 -2.45 25.59 0.17
N LEU C 218 -2.78 24.54 -0.59
CA LEU C 218 -2.62 23.13 -0.13
C LEU C 218 -1.12 22.85 0.01
N GLN C 219 -0.33 23.36 -0.96
CA GLN C 219 1.14 23.20 -1.00
C GLN C 219 1.73 23.84 0.26
N ALA C 220 1.33 25.07 0.57
CA ALA C 220 1.85 25.81 1.74
C ALA C 220 1.57 25.01 3.01
N GLY C 221 0.46 24.26 3.09
CA GLY C 221 0.05 23.52 4.30
C GLY C 221 0.80 22.22 4.52
N VAL C 222 1.28 21.56 3.45
CA VAL C 222 2.07 20.28 3.54
C VAL C 222 3.57 20.59 3.65
N ALA C 223 3.95 21.85 3.44
CA ALA C 223 5.34 22.34 3.47
C ALA C 223 5.80 22.44 4.92
N MET D 4 -49.50 10.32 -25.82
CA MET D 4 -48.20 11.01 -25.62
C MET D 4 -48.46 12.51 -25.54
N ILE D 5 -47.90 13.17 -24.53
CA ILE D 5 -47.92 14.66 -24.43
C ILE D 5 -46.60 15.15 -24.98
N ARG D 6 -46.63 16.17 -25.84
CA ARG D 6 -45.40 16.84 -26.33
C ARG D 6 -45.39 18.23 -25.73
N ILE D 7 -44.23 18.61 -25.17
CA ILE D 7 -44.01 19.89 -24.47
C ILE D 7 -42.88 20.64 -25.17
N ASP D 8 -43.11 21.90 -25.50
CA ASP D 8 -42.04 22.80 -26.00
C ASP D 8 -41.11 23.04 -24.79
N ALA D 9 -39.81 22.84 -24.94
CA ALA D 9 -38.86 22.90 -23.81
C ALA D 9 -37.45 23.19 -24.32
N THR D 10 -36.55 23.59 -23.44
CA THR D 10 -35.12 23.77 -23.74
C THR D 10 -34.43 22.50 -23.27
N PRO D 11 -33.52 21.90 -24.07
CA PRO D 11 -33.07 22.47 -25.34
C PRO D 11 -33.83 22.01 -26.61
N TYR D 12 -34.79 21.08 -26.49
CA TYR D 12 -35.69 20.67 -27.60
C TYR D 12 -36.91 20.02 -26.99
N PRO D 13 -37.96 19.73 -27.81
CA PRO D 13 -39.21 19.21 -27.26
C PRO D 13 -39.06 17.98 -26.35
N TYR D 14 -39.84 17.99 -25.28
CA TYR D 14 -39.87 16.91 -24.27
C TYR D 14 -41.19 16.15 -24.40
N GLN D 15 -41.14 14.84 -24.62
CA GLN D 15 -42.35 14.00 -24.70
C GLN D 15 -42.39 13.04 -23.51
N PHE D 16 -43.58 12.76 -22.99
CA PHE D 16 -43.84 11.81 -21.88
C PHE D 16 -45.31 11.37 -21.91
N HIS D 17 -45.55 10.17 -21.37
CA HIS D 17 -46.90 9.61 -21.10
C HIS D 17 -47.16 9.64 -19.59
N PRO D 18 -48.34 10.12 -19.16
CA PRO D 18 -48.72 10.15 -17.75
C PRO D 18 -48.56 8.84 -16.96
N ARG D 19 -48.73 7.69 -17.63
CA ARG D 19 -48.66 6.37 -16.95
C ARG D 19 -47.20 5.97 -16.64
N SER D 20 -46.17 6.60 -17.24
CA SER D 20 -44.75 6.27 -16.93
C SER D 20 -43.98 7.50 -16.45
N THR D 21 -44.69 8.50 -15.93
CA THR D 21 -44.15 9.80 -15.49
C THR D 21 -44.59 10.09 -14.06
N ALA D 22 -43.68 10.60 -13.24
CA ALA D 22 -43.95 11.06 -11.87
C ALA D 22 -43.54 12.51 -11.73
N LEU D 23 -44.35 13.29 -11.02
CA LEU D 23 -43.92 14.62 -10.52
C LEU D 23 -43.14 14.39 -9.21
N VAL D 24 -41.95 14.97 -9.11
CA VAL D 24 -41.14 15.01 -7.86
C VAL D 24 -41.09 16.45 -7.36
N VAL D 25 -41.72 16.69 -6.20
CA VAL D 25 -41.70 17.99 -5.46
C VAL D 25 -40.72 17.91 -4.28
N ILE D 26 -39.66 18.73 -4.34
CA ILE D 26 -38.46 18.56 -3.48
C ILE D 26 -38.49 19.65 -2.41
N ASP D 27 -38.55 19.16 -1.18
CA ASP D 27 -38.15 19.90 0.06
C ASP D 27 -38.96 21.20 0.20
N MET D 28 -40.24 21.22 -0.19
CA MET D 28 -41.11 22.40 0.05
C MET D 28 -41.49 22.40 1.54
N GLN D 29 -40.54 22.72 2.42
CA GLN D 29 -40.67 22.51 3.90
C GLN D 29 -40.77 23.85 4.64
N ARG D 30 -41.55 23.86 5.72
CA ARG D 30 -42.04 25.09 6.37
C ARG D 30 -40.85 25.93 6.83
N ASP D 31 -39.79 25.29 7.35
CA ASP D 31 -38.64 26.01 7.96
C ASP D 31 -37.87 26.77 6.87
N PHE D 32 -37.94 26.35 5.61
CA PHE D 32 -37.17 26.92 4.49
C PHE D 32 -37.93 28.07 3.87
N ILE D 33 -39.27 28.09 4.00
CA ILE D 33 -40.18 28.91 3.15
C ILE D 33 -41.01 29.93 3.98
N GLU D 34 -41.50 29.57 5.17
CA GLU D 34 -42.37 30.45 5.98
C GLU D 34 -41.52 31.51 6.69
N GLU D 35 -42.04 32.73 6.79
CA GLU D 35 -41.36 33.89 7.43
C GLU D 35 -41.22 33.61 8.94
N GLY D 36 -40.01 33.75 9.45
CA GLY D 36 -39.66 33.48 10.86
C GLY D 36 -39.25 32.03 11.12
N GLY D 37 -39.28 31.18 10.07
CA GLY D 37 -38.72 29.81 10.13
C GLY D 37 -37.21 29.86 10.24
N PHE D 38 -36.56 28.71 10.36
CA PHE D 38 -35.08 28.64 10.48
C PHE D 38 -34.37 29.29 9.28
N GLY D 39 -34.98 29.28 8.09
CA GLY D 39 -34.43 29.95 6.88
C GLY D 39 -34.24 31.44 7.11
N SER D 40 -35.29 32.13 7.56
CA SER D 40 -35.32 33.59 7.88
C SER D 40 -34.30 33.92 8.98
N ALA D 41 -34.15 33.03 9.96
CA ALA D 41 -33.29 33.22 11.16
C ALA D 41 -31.80 33.11 10.79
N LEU D 42 -31.45 32.26 9.81
CA LEU D 42 -30.06 32.06 9.31
C LEU D 42 -29.63 33.30 8.50
N GLY D 43 -30.58 34.19 8.18
CA GLY D 43 -30.34 35.43 7.41
C GLY D 43 -30.67 35.26 5.93
N ASN D 44 -31.51 34.28 5.55
CA ASN D 44 -31.96 34.10 4.15
C ASN D 44 -33.31 34.77 3.94
N ASP D 45 -33.48 35.43 2.79
CA ASP D 45 -34.75 36.05 2.33
C ASP D 45 -35.61 34.97 1.67
N VAL D 46 -36.72 34.60 2.31
CA VAL D 46 -37.54 33.42 1.96
C VAL D 46 -38.53 33.78 0.84
N ARG D 47 -38.65 35.05 0.45
CA ARG D 47 -39.75 35.53 -0.42
C ARG D 47 -39.73 34.87 -1.80
N PRO D 48 -38.56 34.59 -2.44
CA PRO D 48 -38.57 33.96 -3.76
C PRO D 48 -39.09 32.52 -3.65
N LEU D 49 -38.83 31.87 -2.52
CA LEU D 49 -39.33 30.48 -2.27
C LEU D 49 -40.83 30.53 -2.07
N ALA D 50 -41.30 31.44 -1.20
CA ALA D 50 -42.75 31.72 -0.98
C ALA D 50 -43.43 32.00 -2.31
N ALA D 51 -42.80 32.83 -3.15
CA ALA D 51 -43.33 33.34 -4.44
C ALA D 51 -43.64 32.21 -5.44
N ILE D 52 -43.07 30.99 -5.34
CA ILE D 52 -43.35 29.89 -6.31
C ILE D 52 -44.52 29.02 -5.83
N VAL D 53 -44.99 29.16 -4.59
CA VAL D 53 -45.93 28.18 -3.94
C VAL D 53 -47.19 28.00 -4.81
N PRO D 54 -47.81 29.09 -5.36
CA PRO D 54 -48.95 28.92 -6.27
C PRO D 54 -48.65 28.11 -7.54
N THR D 55 -47.47 28.31 -8.12
CA THR D 55 -47.04 27.60 -9.34
C THR D 55 -46.84 26.14 -8.98
N VAL D 56 -46.24 25.84 -7.84
CA VAL D 56 -46.03 24.42 -7.41
C VAL D 56 -47.39 23.77 -7.15
N ALA D 57 -48.35 24.47 -6.52
CA ALA D 57 -49.70 23.90 -6.25
C ALA D 57 -50.42 23.61 -7.57
N ALA D 58 -50.30 24.51 -8.57
CA ALA D 58 -50.88 24.35 -9.93
C ALA D 58 -50.23 23.13 -10.60
N LEU D 59 -48.91 22.98 -10.44
CA LEU D 59 -48.18 21.80 -10.99
C LEU D 59 -48.68 20.55 -10.26
N LEU D 60 -48.90 20.60 -8.94
CA LEU D 60 -49.44 19.42 -8.21
C LEU D 60 -50.81 19.08 -8.79
N GLN D 61 -51.65 20.09 -8.96
CA GLN D 61 -53.04 19.93 -9.47
C GLN D 61 -52.95 19.35 -10.88
N LEU D 62 -52.04 19.84 -11.72
CA LEU D 62 -51.89 19.33 -13.10
C LEU D 62 -51.56 17.85 -13.02
N ALA D 63 -50.60 17.43 -12.17
CA ALA D 63 -50.14 16.03 -12.08
C ALA D 63 -51.29 15.13 -11.65
N ARG D 64 -52.03 15.58 -10.64
CA ARG D 64 -53.09 14.79 -9.97
C ARG D 64 -54.28 14.61 -10.94
N GLU D 65 -54.65 15.65 -11.69
CA GLU D 65 -55.60 15.62 -12.84
C GLU D 65 -55.22 14.55 -13.88
N ALA D 66 -53.96 14.45 -14.30
CA ALA D 66 -53.47 13.53 -15.35
C ALA D 66 -53.26 12.12 -14.76
N GLY D 67 -53.48 11.95 -13.46
CA GLY D 67 -53.39 10.64 -12.76
C GLY D 67 -51.96 10.14 -12.64
N MET D 68 -50.96 11.02 -12.71
CA MET D 68 -49.52 10.66 -12.63
C MET D 68 -49.16 10.39 -11.16
N LEU D 69 -48.17 9.54 -10.94
CA LEU D 69 -47.53 9.39 -9.61
C LEU D 69 -46.97 10.75 -9.15
N VAL D 70 -47.21 11.11 -7.89
CA VAL D 70 -46.55 12.28 -7.24
C VAL D 70 -45.61 11.79 -6.14
N VAL D 71 -44.41 12.35 -6.11
CA VAL D 71 -43.38 12.07 -5.08
C VAL D 71 -43.06 13.40 -4.43
N HIS D 72 -43.08 13.39 -3.11
CA HIS D 72 -42.66 14.54 -2.26
C HIS D 72 -41.46 14.12 -1.44
N THR D 73 -40.42 14.94 -1.43
CA THR D 73 -39.25 14.71 -0.54
C THR D 73 -39.26 15.71 0.60
N ARG D 74 -38.70 15.26 1.70
CA ARG D 74 -38.34 16.11 2.86
C ARG D 74 -36.89 15.81 3.18
N GLU D 75 -36.05 16.83 3.27
CA GLU D 75 -34.73 16.70 3.95
C GLU D 75 -34.99 16.58 5.45
N SER D 76 -34.58 15.47 6.07
CA SER D 76 -34.90 15.15 7.47
C SER D 76 -33.94 14.10 8.07
N HIS D 77 -33.86 14.09 9.40
CA HIS D 77 -33.08 13.09 10.17
C HIS D 77 -33.95 12.44 11.22
N LEU D 78 -33.65 11.16 11.49
CA LEU D 78 -34.16 10.43 12.67
C LEU D 78 -33.92 11.31 13.90
N PRO D 79 -34.89 11.33 14.84
CA PRO D 79 -34.74 12.09 16.07
C PRO D 79 -33.44 11.81 16.84
N ASP D 80 -32.86 10.61 16.72
CA ASP D 80 -31.56 10.28 17.35
C ASP D 80 -30.36 10.73 16.48
N LEU D 81 -30.58 11.26 15.28
CA LEU D 81 -29.53 11.83 14.39
C LEU D 81 -28.55 10.75 13.94
N SER D 82 -28.94 9.48 13.99
CA SER D 82 -28.08 8.34 13.59
C SER D 82 -27.88 8.34 12.08
N ASP D 83 -28.79 8.93 11.28
CA ASP D 83 -28.61 9.00 9.79
C ASP D 83 -28.03 10.35 9.39
N CYS D 84 -27.42 11.11 10.31
CA CYS D 84 -26.91 12.49 10.10
C CYS D 84 -25.39 12.52 10.32
N PRO D 85 -24.59 12.63 9.23
CA PRO D 85 -23.14 12.68 9.35
C PRO D 85 -22.67 13.83 10.25
N ARG D 86 -21.61 13.56 11.00
CA ARG D 86 -20.87 14.51 11.86
C ARG D 86 -20.54 15.76 11.01
N SER D 87 -20.10 15.57 9.77
CA SER D 87 -19.61 16.61 8.85
C SER D 87 -20.71 17.62 8.60
N LYS D 88 -21.92 17.11 8.34
CA LYS D 88 -23.12 17.94 8.05
C LYS D 88 -23.45 18.74 9.31
N ARG D 89 -23.31 18.11 10.46
CA ARG D 89 -23.61 18.80 11.75
C ARG D 89 -22.59 19.91 12.04
N LEU D 90 -21.29 19.75 11.70
CA LEU D 90 -20.24 20.75 12.07
C LEU D 90 -20.17 21.87 11.03
N ARG D 91 -20.83 21.73 9.86
CA ARG D 91 -20.50 22.51 8.63
C ARG D 91 -21.02 23.94 8.80
N GLY D 92 -20.16 24.92 8.54
CA GLY D 92 -20.45 26.34 8.77
C GLY D 92 -20.33 26.71 10.25
N ASN D 93 -19.74 25.85 11.07
CA ASN D 93 -19.45 26.13 12.51
C ASN D 93 -20.66 26.83 13.12
N PRO D 94 -21.87 26.24 13.05
CA PRO D 94 -23.08 26.95 13.47
C PRO D 94 -23.23 27.06 14.99
N THR D 95 -23.94 28.12 15.41
CA THR D 95 -24.45 28.41 16.80
C THR D 95 -25.67 27.50 17.07
N LEU D 96 -26.71 27.59 16.22
CA LEU D 96 -27.88 26.69 16.19
C LEU D 96 -27.79 25.73 15.00
N GLY D 97 -27.48 24.46 15.25
CA GLY D 97 -27.30 23.42 14.22
C GLY D 97 -28.44 22.42 14.17
N ILE D 98 -28.25 21.36 13.41
CA ILE D 98 -29.23 20.27 13.20
C ILE D 98 -29.58 19.67 14.58
N GLY D 99 -30.89 19.54 14.87
CA GLY D 99 -31.39 18.88 16.09
C GLY D 99 -31.51 19.86 17.24
N ASP D 100 -30.97 21.06 17.08
CA ASP D 100 -31.12 22.16 18.07
C ASP D 100 -32.51 22.72 17.88
N VAL D 101 -33.10 23.27 18.96
CA VAL D 101 -34.49 23.78 18.93
C VAL D 101 -34.44 25.13 18.24
N GLY D 102 -35.08 25.26 17.07
CA GLY D 102 -35.14 26.54 16.34
C GLY D 102 -36.54 27.11 16.42
N PRO D 103 -36.88 28.17 15.66
CA PRO D 103 -38.21 28.77 15.74
C PRO D 103 -39.38 27.79 15.46
N MET D 104 -39.13 26.63 14.84
CA MET D 104 -40.23 25.68 14.54
C MET D 104 -39.85 24.27 14.99
N GLY D 105 -39.23 24.13 16.16
CA GLY D 105 -38.80 22.82 16.71
C GLY D 105 -37.40 22.45 16.22
N ARG D 106 -36.99 21.20 16.45
CA ARG D 106 -35.60 20.71 16.23
C ARG D 106 -35.27 20.78 14.74
N ILE D 107 -34.14 21.39 14.42
CA ILE D 107 -33.75 21.73 13.03
C ILE D 107 -33.44 20.46 12.26
N LEU D 108 -34.08 20.28 11.10
CA LEU D 108 -33.87 19.15 10.15
C LEU D 108 -34.28 17.81 10.79
N VAL D 109 -35.15 17.78 11.81
CA VAL D 109 -35.50 16.50 12.50
C VAL D 109 -36.92 16.05 12.10
N GLN D 110 -37.07 14.76 11.78
CA GLN D 110 -38.37 14.15 11.38
C GLN D 110 -39.39 14.36 12.50
N GLY D 111 -40.62 14.71 12.14
CA GLY D 111 -41.71 14.87 13.11
C GLY D 111 -41.90 16.30 13.58
N GLU D 112 -40.96 17.22 13.32
CA GLU D 112 -41.02 18.61 13.86
C GLU D 112 -41.85 19.52 12.94
N PRO D 113 -42.53 20.54 13.46
CA PRO D 113 -43.34 21.42 12.62
C PRO D 113 -42.54 21.98 11.43
N GLY D 114 -41.34 22.51 11.67
CA GLY D 114 -40.48 23.14 10.64
C GLY D 114 -40.10 22.20 9.49
N ASN D 115 -40.03 20.91 9.79
CA ASN D 115 -39.68 19.79 8.88
C ASN D 115 -40.82 19.48 7.91
N GLN D 116 -42.06 19.81 8.27
CA GLN D 116 -43.27 19.42 7.49
C GLN D 116 -43.30 20.15 6.13
N ILE D 117 -43.73 19.41 5.12
CA ILE D 117 -44.23 19.99 3.85
C ILE D 117 -45.26 21.08 4.19
N LEU D 118 -45.20 22.21 3.47
CA LEU D 118 -46.23 23.27 3.54
C LEU D 118 -47.58 22.59 3.50
N PRO D 119 -48.51 22.93 4.44
CA PRO D 119 -49.88 22.43 4.40
C PRO D 119 -50.59 22.71 3.05
N GLN D 120 -50.20 23.80 2.39
CA GLN D 120 -50.75 24.23 1.07
C GLN D 120 -50.29 23.27 -0.04
N LEU D 121 -49.28 22.42 0.20
CA LEU D 121 -48.76 21.44 -0.78
C LEU D 121 -48.75 20.04 -0.18
N ALA D 122 -49.69 19.73 0.72
CA ALA D 122 -49.65 18.47 1.51
C ALA D 122 -49.81 17.29 0.57
N PRO D 123 -49.10 16.15 0.77
CA PRO D 123 -49.39 14.91 0.04
C PRO D 123 -50.84 14.41 0.21
N VAL D 124 -51.41 13.71 -0.78
CA VAL D 124 -52.73 13.03 -0.64
C VAL D 124 -52.49 11.52 -0.71
N GLU D 125 -53.53 10.71 -0.47
CA GLU D 125 -53.48 9.22 -0.50
C GLU D 125 -52.92 8.77 -1.86
N GLY D 126 -52.02 7.77 -1.88
CA GLY D 126 -51.43 7.23 -3.12
C GLY D 126 -50.08 7.86 -3.50
N GLU D 127 -49.70 8.97 -2.87
CA GLU D 127 -48.45 9.72 -3.20
C GLU D 127 -47.30 9.16 -2.36
N LEU D 128 -46.07 9.15 -2.90
CA LEU D 128 -44.85 8.76 -2.15
C LEU D 128 -44.34 9.99 -1.39
N VAL D 129 -43.90 9.75 -0.18
CA VAL D 129 -43.28 10.78 0.69
C VAL D 129 -41.94 10.19 1.09
N ILE D 130 -40.87 10.74 0.54
CA ILE D 130 -39.47 10.32 0.81
C ILE D 130 -38.87 11.26 1.84
N ASP D 131 -38.39 10.70 2.95
CA ASP D 131 -37.48 11.39 3.89
C ASP D 131 -36.05 11.14 3.43
N LYS D 132 -35.24 12.17 3.22
CA LYS D 132 -33.86 11.96 2.70
C LYS D 132 -32.86 12.57 3.66
N PRO D 133 -31.75 11.89 3.98
CA PRO D 133 -30.74 12.46 4.86
C PRO D 133 -29.75 13.37 4.12
N GLY D 134 -29.82 13.44 2.80
CA GLY D 134 -28.95 14.34 1.99
C GLY D 134 -29.74 15.30 1.13
N LYS D 135 -29.04 16.03 0.24
CA LYS D 135 -29.65 16.98 -0.73
C LYS D 135 -30.23 16.21 -1.91
N GLY D 136 -29.61 15.09 -2.30
CA GLY D 136 -30.09 14.29 -3.43
C GLY D 136 -31.17 13.33 -2.99
N ALA D 137 -32.27 13.21 -3.76
CA ALA D 137 -33.44 12.42 -3.36
C ALA D 137 -33.18 10.91 -3.51
N PHE D 138 -32.11 10.51 -4.20
CA PHE D 138 -31.84 9.08 -4.52
C PHE D 138 -30.87 8.48 -3.48
N TYR D 139 -30.18 9.30 -2.69
CA TYR D 139 -29.13 8.80 -1.80
C TYR D 139 -29.77 8.35 -0.47
N ALA D 140 -29.55 7.08 -0.13
CA ALA D 140 -29.98 6.47 1.15
C ALA D 140 -31.51 6.59 1.25
N THR D 141 -32.21 6.43 0.12
CA THR D 141 -33.69 6.31 0.05
C THR D 141 -33.99 5.14 -0.88
N ASP D 142 -35.25 4.74 -0.95
CA ASP D 142 -35.66 3.62 -1.85
C ASP D 142 -36.36 4.22 -3.08
N LEU D 143 -36.11 5.49 -3.42
CA LEU D 143 -36.87 6.21 -4.47
C LEU D 143 -36.61 5.52 -5.80
N HIS D 144 -35.38 5.11 -6.11
CA HIS D 144 -35.05 4.42 -7.38
C HIS D 144 -35.85 3.11 -7.47
N ALA D 145 -35.91 2.33 -6.38
CA ALA D 145 -36.60 1.02 -6.38
C ALA D 145 -38.12 1.23 -6.54
N GLN D 146 -38.68 2.23 -5.86
CA GLN D 146 -40.12 2.55 -5.92
C GLN D 146 -40.53 3.01 -7.33
N LEU D 147 -39.68 3.80 -8.00
CA LEU D 147 -39.92 4.27 -9.38
C LEU D 147 -39.75 3.10 -10.37
N GLN D 148 -38.76 2.21 -10.19
CA GLN D 148 -38.56 1.04 -11.11
C GLN D 148 -39.78 0.12 -11.01
N GLU D 149 -40.26 -0.08 -9.79
CA GLU D 149 -41.39 -0.96 -9.38
C GLU D 149 -42.67 -0.47 -10.06
N ARG D 150 -42.78 0.85 -10.31
CA ARG D 150 -43.95 1.44 -11.00
C ARG D 150 -43.62 1.78 -12.45
N ARG D 151 -42.52 1.28 -13.00
CA ARG D 151 -42.12 1.50 -14.43
C ARG D 151 -42.18 3.00 -14.75
N ILE D 152 -41.64 3.87 -13.90
CA ILE D 152 -41.50 5.33 -14.22
C ILE D 152 -40.20 5.49 -15.01
N THR D 153 -40.25 6.23 -16.13
CA THR D 153 -39.10 6.53 -17.01
C THR D 153 -38.92 8.05 -17.08
N HIS D 154 -40.00 8.81 -16.84
CA HIS D 154 -39.99 10.30 -16.97
C HIS D 154 -40.28 10.96 -15.60
N LEU D 155 -39.62 12.09 -15.29
CA LEU D 155 -39.79 12.87 -14.03
C LEU D 155 -40.02 14.34 -14.39
N LEU D 156 -41.09 14.93 -13.86
CA LEU D 156 -41.22 16.41 -13.84
C LEU D 156 -40.69 16.84 -12.48
N VAL D 157 -39.82 17.85 -12.43
CA VAL D 157 -39.08 18.22 -11.19
C VAL D 157 -39.44 19.66 -10.81
N ALA D 158 -39.76 19.86 -9.53
CA ALA D 158 -40.11 21.17 -8.95
C ALA D 158 -39.57 21.19 -7.52
N GLY D 159 -39.49 22.36 -6.91
CA GLY D 159 -39.11 22.51 -5.50
C GLY D 159 -37.93 23.43 -5.29
N VAL D 160 -37.24 23.28 -4.16
CA VAL D 160 -36.20 24.21 -3.63
C VAL D 160 -35.08 23.37 -3.03
N THR D 161 -33.87 23.93 -2.95
CA THR D 161 -33.50 25.12 -3.69
C THR D 161 -32.87 24.66 -5.01
N THR D 162 -32.91 25.49 -6.04
CA THR D 162 -32.60 25.09 -7.45
C THR D 162 -31.17 24.54 -7.54
N GLU D 163 -30.21 25.18 -6.88
CA GLU D 163 -28.78 24.83 -7.04
C GLU D 163 -28.39 23.71 -6.07
N VAL D 164 -29.23 23.43 -5.08
CA VAL D 164 -28.90 22.36 -4.09
C VAL D 164 -29.80 21.12 -4.28
N CYS D 165 -30.92 20.98 -3.59
CA CYS D 165 -31.64 19.69 -3.60
C CYS D 165 -32.18 19.40 -5.01
N VAL D 166 -32.58 20.43 -5.76
CA VAL D 166 -33.20 20.22 -7.09
C VAL D 166 -32.10 19.75 -8.05
N GLN D 167 -30.98 20.48 -8.07
CA GLN D 167 -29.87 20.19 -9.00
C GLN D 167 -29.29 18.80 -8.69
N THR D 168 -29.06 18.50 -7.41
CA THR D 168 -28.49 17.20 -6.99
C THR D 168 -29.45 16.06 -7.39
N SER D 169 -30.73 16.20 -7.08
CA SER D 169 -31.74 15.13 -7.29
C SER D 169 -31.86 14.87 -8.80
N MET D 170 -31.82 15.91 -9.62
CA MET D 170 -31.95 15.79 -11.08
C MET D 170 -30.69 15.19 -11.70
N ARG D 171 -29.52 15.52 -11.18
CA ARG D 171 -28.22 14.98 -11.67
C ARG D 171 -28.20 13.48 -11.32
N GLU D 172 -28.63 13.13 -10.12
CA GLU D 172 -28.81 11.71 -9.69
C GLU D 172 -29.82 11.00 -10.60
N ALA D 173 -30.97 11.60 -10.85
CA ALA D 173 -32.02 10.98 -11.68
C ALA D 173 -31.45 10.73 -13.09
N ASN D 174 -30.74 11.72 -13.64
CA ASN D 174 -30.13 11.65 -14.99
C ASN D 174 -29.16 10.45 -15.06
N ASP D 175 -28.30 10.23 -14.05
CA ASP D 175 -27.31 9.12 -14.03
C ASP D 175 -28.05 7.77 -14.06
N ARG D 176 -29.18 7.66 -13.36
CA ARG D 176 -29.98 6.43 -13.23
C ARG D 176 -30.92 6.25 -14.44
N GLY D 177 -30.95 7.18 -15.40
CA GLY D 177 -31.56 6.93 -16.72
C GLY D 177 -32.97 7.49 -16.88
N TYR D 178 -33.43 8.35 -15.96
CA TYR D 178 -34.72 9.07 -16.04
C TYR D 178 -34.59 10.25 -17.01
N GLU D 179 -35.70 10.52 -17.71
CA GLU D 179 -35.85 11.69 -18.61
C GLU D 179 -36.58 12.77 -17.82
N CYS D 180 -35.86 13.82 -17.43
CA CYS D 180 -36.32 14.84 -16.44
C CYS D 180 -36.62 16.17 -17.10
N LEU D 181 -37.82 16.67 -16.86
CA LEU D 181 -38.21 18.06 -17.18
C LEU D 181 -38.31 18.82 -15.86
N VAL D 182 -37.43 19.80 -15.60
CA VAL D 182 -37.55 20.73 -14.45
C VAL D 182 -38.50 21.88 -14.82
N ILE D 183 -39.48 22.18 -13.96
CA ILE D 183 -40.45 23.27 -14.23
C ILE D 183 -39.86 24.53 -13.59
N GLU D 184 -39.33 25.42 -14.44
CA GLU D 184 -38.38 26.50 -14.11
C GLU D 184 -38.96 27.44 -13.06
N ASP D 185 -40.25 27.78 -13.22
CA ASP D 185 -40.93 28.72 -12.30
C ASP D 185 -41.60 27.98 -11.13
N ALA D 186 -41.50 26.64 -11.05
CA ALA D 186 -41.88 25.86 -9.84
C ALA D 186 -40.61 25.48 -9.06
N CYS D 187 -39.51 26.22 -9.29
CA CYS D 187 -38.22 26.10 -8.56
C CYS D 187 -37.78 27.48 -8.07
N ALA D 188 -37.11 27.55 -6.94
CA ALA D 188 -36.62 28.83 -6.39
C ALA D 188 -35.34 28.61 -5.57
N SER D 189 -34.52 29.64 -5.50
CA SER D 189 -33.24 29.65 -4.79
C SER D 189 -33.19 30.91 -3.92
N TYR D 190 -32.42 30.91 -2.82
CA TYR D 190 -32.15 32.14 -2.04
C TYR D 190 -31.20 33.05 -2.83
N PHE D 191 -30.66 32.59 -3.96
CA PHE D 191 -29.64 33.27 -4.79
C PHE D 191 -30.11 33.25 -6.24
N PRO D 192 -30.68 34.35 -6.80
CA PRO D 192 -31.28 34.31 -8.14
C PRO D 192 -30.27 33.91 -9.24
N ASP D 193 -28.99 34.25 -9.04
CA ASP D 193 -27.88 33.88 -9.96
C ASP D 193 -27.72 32.36 -9.98
N PHE D 194 -27.62 31.73 -8.81
CA PHE D 194 -27.56 30.24 -8.70
C PHE D 194 -28.80 29.64 -9.36
N HIS D 195 -29.98 30.26 -9.18
CA HIS D 195 -31.24 29.74 -9.76
C HIS D 195 -31.15 29.71 -11.29
N ARG D 196 -30.88 30.87 -11.91
CA ARG D 196 -30.76 31.05 -13.38
C ARG D 196 -29.67 30.12 -13.96
N ILE D 197 -28.48 30.10 -13.34
CA ILE D 197 -27.28 29.45 -13.95
C ILE D 197 -27.37 27.93 -13.76
N THR D 198 -28.01 27.47 -12.67
CA THR D 198 -28.33 26.03 -12.47
C THR D 198 -29.18 25.56 -13.64
N LEU D 199 -30.22 26.33 -13.97
CA LEU D 199 -31.17 25.94 -15.04
C LEU D 199 -30.40 25.83 -16.36
N GLU D 200 -29.45 26.74 -16.60
CA GLU D 200 -28.62 26.79 -17.84
C GLU D 200 -27.69 25.58 -17.88
N MET D 201 -27.08 25.21 -16.75
CA MET D 201 -26.15 24.05 -16.66
C MET D 201 -26.92 22.76 -16.92
N LEU D 202 -28.12 22.62 -16.35
CA LEU D 202 -28.89 21.35 -16.48
C LEU D 202 -29.16 21.08 -17.97
N THR D 203 -29.34 22.11 -18.80
CA THR D 203 -29.78 21.95 -20.22
C THR D 203 -28.63 22.24 -21.20
N ALA D 204 -27.42 22.50 -20.72
CA ALA D 204 -26.25 22.80 -21.57
C ALA D 204 -25.88 21.57 -22.41
N GLN D 205 -25.11 21.79 -23.49
CA GLN D 205 -24.52 20.71 -24.33
C GLN D 205 -25.62 19.75 -24.85
N GLY D 206 -26.78 20.28 -25.26
CA GLY D 206 -27.91 19.52 -25.82
C GLY D 206 -28.64 18.66 -24.80
N GLY D 207 -28.72 19.13 -23.54
CA GLY D 207 -29.57 18.53 -22.48
C GLY D 207 -28.78 17.57 -21.59
N ILE D 208 -27.56 17.93 -21.24
CA ILE D 208 -26.64 16.97 -20.54
C ILE D 208 -27.34 16.40 -19.30
N VAL D 209 -28.03 17.19 -18.46
CA VAL D 209 -28.81 16.60 -17.32
C VAL D 209 -30.26 16.37 -17.71
N GLY D 210 -30.86 17.28 -18.48
CA GLY D 210 -32.22 17.06 -18.98
C GLY D 210 -32.80 18.31 -19.62
N TRP D 211 -34.06 18.60 -19.36
CA TRP D 211 -34.86 19.65 -20.06
C TRP D 211 -35.41 20.63 -19.02
N ARG D 212 -35.77 21.84 -19.46
CA ARG D 212 -36.57 22.79 -18.64
C ARG D 212 -37.59 23.53 -19.52
N THR D 213 -38.67 23.98 -18.87
CA THR D 213 -39.79 24.76 -19.48
C THR D 213 -40.62 25.38 -18.36
N PRO D 214 -41.23 26.57 -18.56
CA PRO D 214 -42.16 27.13 -17.58
C PRO D 214 -43.45 26.29 -17.50
N LEU D 215 -44.20 26.44 -16.42
CA LEU D 215 -45.45 25.66 -16.20
C LEU D 215 -46.45 25.88 -17.36
N ALA D 216 -46.57 27.10 -17.88
CA ALA D 216 -47.49 27.47 -18.99
C ALA D 216 -47.28 26.53 -20.17
N GLN D 217 -46.03 26.26 -20.56
CA GLN D 217 -45.73 25.30 -21.65
C GLN D 217 -46.24 23.90 -21.29
N LEU D 218 -46.07 23.48 -20.03
CA LEU D 218 -46.58 22.15 -19.60
C LEU D 218 -48.11 22.19 -19.66
N GLN D 219 -48.72 23.29 -19.19
CA GLN D 219 -50.20 23.44 -19.22
C GLN D 219 -50.67 23.32 -20.67
N ALA D 220 -50.02 24.03 -21.60
CA ALA D 220 -50.34 24.05 -23.05
C ALA D 220 -50.34 22.61 -23.57
N GLY D 221 -49.35 21.82 -23.17
CA GLY D 221 -49.21 20.42 -23.59
C GLY D 221 -50.41 19.56 -23.22
N VAL D 222 -51.00 19.74 -22.04
CA VAL D 222 -52.10 18.86 -21.50
C VAL D 222 -53.49 19.49 -21.72
N ALA D 223 -53.59 20.66 -22.35
CA ALA D 223 -54.87 21.36 -22.64
C ALA D 223 -55.54 20.71 -23.87
N MET E 4 49.25 -4.02 19.06
CA MET E 4 47.84 -3.84 18.62
C MET E 4 47.85 -2.95 17.37
N ILE E 5 46.94 -3.20 16.44
CA ILE E 5 46.75 -2.40 15.18
C ILE E 5 45.32 -1.87 15.15
N ARG E 6 45.14 -0.57 14.89
CA ARG E 6 43.82 0.06 14.67
C ARG E 6 43.66 0.34 13.16
N ILE E 7 42.52 -0.07 12.60
CA ILE E 7 42.16 0.06 11.16
C ILE E 7 40.87 0.87 11.05
N ASP E 8 40.88 1.94 10.27
CA ASP E 8 39.66 2.66 9.82
C ASP E 8 38.75 1.64 9.10
N ALA E 9 37.51 1.53 9.57
CA ALA E 9 36.56 0.55 9.04
C ALA E 9 35.13 1.01 9.30
N THR E 10 34.21 0.42 8.54
CA THR E 10 32.74 0.51 8.70
C THR E 10 32.31 -0.71 9.52
N PRO E 11 31.47 -0.54 10.56
CA PRO E 11 30.88 0.77 10.89
C PRO E 11 31.63 1.67 11.89
N TYR E 12 32.78 1.24 12.40
CA TYR E 12 33.69 2.05 13.29
C TYR E 12 35.03 1.32 13.29
N PRO E 13 36.13 1.91 13.85
CA PRO E 13 37.47 1.32 13.75
C PRO E 13 37.54 -0.11 14.31
N TYR E 14 38.31 -0.94 13.61
CA TYR E 14 38.57 -2.36 13.95
C TYR E 14 39.99 -2.45 14.48
N GLN E 15 40.15 -3.11 15.61
CA GLN E 15 41.41 -3.24 16.38
C GLN E 15 41.73 -4.73 16.47
N PHE E 16 42.97 -5.11 16.19
CA PHE E 16 43.44 -6.52 16.26
C PHE E 16 44.91 -6.58 16.66
N HIS E 17 45.31 -7.72 17.24
CA HIS E 17 46.72 -8.15 17.44
C HIS E 17 47.09 -9.29 16.48
N PRO E 18 48.15 -9.15 15.64
CA PRO E 18 48.53 -10.17 14.66
C PRO E 18 48.68 -11.59 15.21
N ARG E 19 49.07 -11.69 16.48
CA ARG E 19 49.31 -12.97 17.22
C ARG E 19 48.01 -13.70 17.49
N SER E 20 46.90 -12.98 17.63
CA SER E 20 45.55 -13.55 17.94
C SER E 20 44.59 -13.30 16.78
N THR E 21 45.12 -13.10 15.57
CA THR E 21 44.34 -12.83 14.34
C THR E 21 44.71 -13.81 13.22
N ALA E 22 43.70 -14.30 12.48
CA ALA E 22 43.87 -15.17 11.30
C ALA E 22 43.29 -14.54 10.04
N LEU E 23 43.97 -14.76 8.91
CA LEU E 23 43.46 -14.41 7.55
C LEU E 23 42.76 -15.68 7.06
N VAL E 24 41.48 -15.55 6.68
CA VAL E 24 40.66 -16.66 6.12
C VAL E 24 40.33 -16.29 4.66
N VAL E 25 40.81 -17.11 3.72
CA VAL E 25 40.59 -16.96 2.25
C VAL E 25 39.67 -18.10 1.83
N ILE E 26 38.48 -17.76 1.41
CA ILE E 26 37.37 -18.72 1.16
C ILE E 26 37.29 -18.99 -0.34
N ASP E 27 37.56 -20.24 -0.73
CA ASP E 27 37.04 -20.93 -1.94
C ASP E 27 37.61 -20.31 -3.23
N MET E 28 38.87 -19.89 -3.23
CA MET E 28 39.46 -19.24 -4.43
C MET E 28 39.88 -20.36 -5.43
N GLN E 29 38.90 -21.09 -5.94
CA GLN E 29 39.10 -22.39 -6.62
C GLN E 29 38.97 -22.25 -8.15
N ARG E 30 39.79 -23.02 -8.86
CA ARG E 30 40.05 -22.84 -10.31
C ARG E 30 38.74 -22.90 -11.05
N ASP E 31 37.87 -23.84 -10.70
CA ASP E 31 36.59 -24.05 -11.41
C ASP E 31 35.67 -22.85 -11.28
N PHE E 32 35.79 -22.05 -10.21
CA PHE E 32 34.87 -20.90 -9.97
C PHE E 32 35.36 -19.65 -10.71
N ILE E 33 36.66 -19.55 -11.00
CA ILE E 33 37.33 -18.27 -11.34
C ILE E 33 37.82 -18.29 -12.80
N GLU E 34 38.35 -19.43 -13.26
CA GLU E 34 39.06 -19.56 -14.57
C GLU E 34 38.03 -19.62 -15.71
N GLU E 35 38.34 -18.89 -16.80
CA GLU E 35 37.46 -18.78 -18.00
C GLU E 35 37.15 -20.19 -18.52
N GLY E 36 35.88 -20.51 -18.72
CA GLY E 36 35.41 -21.79 -19.31
C GLY E 36 35.47 -22.97 -18.34
N GLY E 37 35.71 -22.71 -17.05
CA GLY E 37 35.54 -23.70 -15.96
C GLY E 37 34.06 -23.83 -15.64
N PHE E 38 33.72 -24.53 -14.57
CA PHE E 38 32.32 -24.88 -14.20
C PHE E 38 31.49 -23.59 -14.05
N GLY E 39 32.06 -22.54 -13.45
CA GLY E 39 31.37 -21.24 -13.29
C GLY E 39 30.78 -20.77 -14.61
N SER E 40 31.60 -20.65 -15.65
CA SER E 40 31.24 -20.16 -17.02
C SER E 40 30.19 -21.10 -17.66
N ALA E 41 30.42 -22.42 -17.58
CA ALA E 41 29.53 -23.47 -18.12
C ALA E 41 28.07 -23.16 -17.73
N LEU E 42 27.84 -22.79 -16.47
CA LEU E 42 26.49 -22.45 -15.91
C LEU E 42 26.01 -21.07 -16.41
N GLY E 43 26.81 -20.36 -17.21
CA GLY E 43 26.55 -18.99 -17.67
C GLY E 43 26.71 -17.95 -16.57
N ASN E 44 27.76 -18.08 -15.74
CA ASN E 44 28.19 -17.05 -14.75
C ASN E 44 29.35 -16.27 -15.35
N ASP E 45 29.33 -14.95 -15.19
CA ASP E 45 30.45 -14.06 -15.58
C ASP E 45 31.52 -14.09 -14.47
N VAL E 46 32.70 -14.69 -14.76
CA VAL E 46 33.79 -14.97 -13.78
C VAL E 46 34.66 -13.73 -13.56
N ARG E 47 34.55 -12.73 -14.44
CA ARG E 47 35.47 -11.57 -14.49
C ARG E 47 35.55 -10.87 -13.14
N PRO E 48 34.45 -10.57 -12.40
CA PRO E 48 34.58 -9.94 -11.09
C PRO E 48 35.43 -10.77 -10.11
N LEU E 49 35.36 -12.11 -10.21
CA LEU E 49 36.13 -13.02 -9.34
C LEU E 49 37.63 -12.96 -9.70
N ALA E 50 37.99 -13.13 -10.99
CA ALA E 50 39.38 -12.99 -11.48
C ALA E 50 39.96 -11.62 -11.11
N ALA E 51 39.14 -10.56 -11.16
CA ALA E 51 39.57 -9.17 -10.89
C ALA E 51 40.13 -9.02 -9.46
N ILE E 52 39.72 -9.84 -8.48
CA ILE E 52 40.17 -9.62 -7.08
C ILE E 52 41.47 -10.37 -6.79
N VAL E 53 41.96 -11.16 -7.74
CA VAL E 53 43.10 -12.10 -7.47
C VAL E 53 44.32 -11.30 -6.99
N PRO E 54 44.75 -10.21 -7.67
CA PRO E 54 45.90 -9.44 -7.19
C PRO E 54 45.74 -8.87 -5.78
N THR E 55 44.54 -8.43 -5.42
CA THR E 55 44.18 -7.95 -4.05
C THR E 55 44.31 -9.12 -3.05
N VAL E 56 43.77 -10.29 -3.33
CA VAL E 56 43.85 -11.43 -2.36
C VAL E 56 45.34 -11.80 -2.20
N ALA E 57 46.08 -11.93 -3.30
CA ALA E 57 47.54 -12.16 -3.32
C ALA E 57 48.23 -11.20 -2.34
N ALA E 58 47.96 -9.90 -2.48
CA ALA E 58 48.54 -8.84 -1.64
C ALA E 58 48.06 -9.02 -0.20
N LEU E 59 46.80 -9.43 0.02
CA LEU E 59 46.31 -9.70 1.40
C LEU E 59 47.12 -10.87 1.96
N LEU E 60 47.36 -11.93 1.19
CA LEU E 60 48.12 -13.12 1.67
C LEU E 60 49.55 -12.72 2.04
N GLN E 61 50.20 -12.01 1.12
CA GLN E 61 51.52 -11.38 1.28
C GLN E 61 51.56 -10.64 2.62
N LEU E 62 50.62 -9.71 2.84
CA LEU E 62 50.48 -8.90 4.09
C LEU E 62 50.42 -9.80 5.34
N ALA E 63 49.55 -10.81 5.36
CA ALA E 63 49.40 -11.72 6.52
C ALA E 63 50.72 -12.48 6.77
N ARG E 64 51.30 -13.05 5.71
CA ARG E 64 52.59 -13.77 5.77
C ARG E 64 53.70 -12.84 6.29
N GLU E 65 53.80 -11.57 5.88
CA GLU E 65 54.82 -10.63 6.44
C GLU E 65 54.60 -10.48 7.95
N ALA E 66 53.33 -10.35 8.39
CA ALA E 66 52.98 -10.04 9.79
C ALA E 66 53.11 -11.28 10.69
N GLY E 67 53.26 -12.46 10.12
CA GLY E 67 53.38 -13.69 10.91
C GLY E 67 52.02 -14.22 11.39
N MET E 68 50.92 -13.70 10.84
CA MET E 68 49.55 -14.17 11.18
C MET E 68 49.29 -15.55 10.58
N LEU E 69 48.53 -16.40 11.30
CA LEU E 69 47.98 -17.68 10.79
C LEU E 69 47.20 -17.41 9.50
N VAL E 70 47.40 -18.24 8.49
CA VAL E 70 46.58 -18.15 7.24
C VAL E 70 45.76 -19.43 7.12
N VAL E 71 44.47 -19.28 6.86
CA VAL E 71 43.50 -20.39 6.64
C VAL E 71 42.98 -20.27 5.21
N HIS E 72 42.98 -21.36 4.46
CA HIS E 72 42.33 -21.48 3.13
C HIS E 72 41.14 -22.42 3.25
N THR E 73 40.06 -22.14 2.54
CA THR E 73 38.95 -23.11 2.42
C THR E 73 38.80 -23.52 0.95
N ARG E 74 38.26 -24.72 0.77
CA ARG E 74 37.86 -25.35 -0.52
C ARG E 74 36.51 -26.01 -0.28
N GLU E 75 35.49 -25.64 -1.04
CA GLU E 75 34.23 -26.42 -1.08
C GLU E 75 34.56 -27.68 -1.87
N SER E 76 34.31 -28.85 -1.26
CA SER E 76 34.72 -30.14 -1.82
C SER E 76 34.01 -31.27 -1.09
N HIS E 77 33.95 -32.39 -1.81
CA HIS E 77 33.39 -33.68 -1.37
C HIS E 77 34.40 -34.80 -1.62
N LEU E 78 34.34 -35.83 -0.78
CA LEU E 78 34.94 -37.18 -1.00
C LEU E 78 34.51 -37.70 -2.37
N PRO E 79 35.39 -38.45 -3.08
CA PRO E 79 35.07 -38.96 -4.42
C PRO E 79 33.86 -39.91 -4.43
N ASP E 80 33.51 -40.54 -3.30
CA ASP E 80 32.27 -41.36 -3.24
C ASP E 80 31.03 -40.48 -2.94
N LEU E 81 31.21 -39.16 -2.74
CA LEU E 81 30.11 -38.19 -2.43
C LEU E 81 29.36 -38.56 -1.14
N SER E 82 29.98 -39.33 -0.25
CA SER E 82 29.39 -39.78 1.04
C SER E 82 29.17 -38.59 1.97
N ASP E 83 29.85 -37.44 1.76
CA ASP E 83 29.68 -36.21 2.59
C ASP E 83 28.90 -35.14 1.81
N CYS E 84 28.13 -35.54 0.82
CA CYS E 84 27.34 -34.63 -0.04
C CYS E 84 25.86 -34.97 0.17
N PRO E 85 25.07 -34.10 0.84
CA PRO E 85 23.65 -34.38 1.01
C PRO E 85 22.95 -34.53 -0.35
N ARG E 86 21.94 -35.40 -0.39
CA ARG E 86 21.10 -35.65 -1.58
C ARG E 86 20.44 -34.33 -2.06
N SER E 87 19.90 -33.55 -1.12
CA SER E 87 19.35 -32.19 -1.37
C SER E 87 20.30 -31.36 -2.26
N LYS E 88 21.57 -31.27 -1.89
CA LYS E 88 22.59 -30.46 -2.60
C LYS E 88 22.82 -31.03 -4.01
N ARG E 89 22.79 -32.35 -4.15
CA ARG E 89 23.01 -32.99 -5.47
C ARG E 89 21.82 -32.71 -6.39
N LEU E 90 20.60 -32.70 -5.88
CA LEU E 90 19.38 -32.53 -6.71
C LEU E 90 19.12 -31.05 -7.05
N ARG E 91 19.57 -30.14 -6.19
CA ARG E 91 19.10 -28.72 -6.18
C ARG E 91 19.28 -28.14 -7.58
N GLY E 92 18.19 -27.68 -8.20
CA GLY E 92 18.20 -26.97 -9.49
C GLY E 92 18.39 -27.94 -10.67
N ASN E 93 18.44 -29.25 -10.39
CA ASN E 93 18.58 -30.31 -11.42
C ASN E 93 19.64 -29.86 -12.43
N PRO E 94 20.88 -29.58 -11.96
CA PRO E 94 21.91 -29.01 -12.81
C PRO E 94 22.28 -29.98 -13.95
N THR E 95 22.58 -29.45 -15.11
CA THR E 95 23.01 -30.26 -16.29
C THR E 95 24.37 -30.89 -15.94
N LEU E 96 25.28 -30.13 -15.34
CA LEU E 96 26.54 -30.63 -14.73
C LEU E 96 26.42 -30.56 -13.22
N GLY E 97 26.19 -31.71 -12.59
CA GLY E 97 25.99 -31.87 -11.15
C GLY E 97 27.27 -32.22 -10.41
N ILE E 98 27.23 -32.15 -9.08
CA ILE E 98 28.37 -32.51 -8.21
C ILE E 98 28.76 -33.94 -8.59
N GLY E 99 30.04 -34.19 -8.83
CA GLY E 99 30.54 -35.51 -9.23
C GLY E 99 30.55 -35.74 -10.73
N ASP E 100 29.75 -35.03 -11.53
CA ASP E 100 29.80 -35.15 -13.01
C ASP E 100 31.14 -34.58 -13.51
N VAL E 101 31.60 -35.08 -14.65
CA VAL E 101 32.89 -34.66 -15.27
C VAL E 101 32.64 -33.32 -15.96
N GLY E 102 33.20 -32.25 -15.40
CA GLY E 102 33.11 -30.90 -15.98
C GLY E 102 34.36 -30.59 -16.78
N PRO E 103 34.53 -29.33 -17.23
CA PRO E 103 35.69 -28.93 -18.00
C PRO E 103 37.02 -29.14 -17.26
N MET E 104 37.01 -29.15 -15.92
CA MET E 104 38.25 -29.28 -15.09
C MET E 104 38.13 -30.48 -14.16
N GLY E 105 37.46 -31.55 -14.62
CA GLY E 105 37.32 -32.81 -13.88
C GLY E 105 36.05 -32.82 -13.08
N ARG E 106 35.90 -33.77 -12.16
CA ARG E 106 34.63 -34.01 -11.43
C ARG E 106 34.30 -32.79 -10.56
N ILE E 107 33.06 -32.33 -10.65
CA ILE E 107 32.64 -31.03 -10.06
C ILE E 107 32.58 -31.18 -8.54
N LEU E 108 33.24 -30.24 -7.84
CA LEU E 108 33.24 -30.12 -6.36
C LEU E 108 33.81 -31.41 -5.74
N VAL E 109 34.71 -32.11 -6.42
CA VAL E 109 35.34 -33.35 -5.85
C VAL E 109 36.80 -33.07 -5.47
N GLN E 110 37.16 -33.46 -4.25
CA GLN E 110 38.55 -33.45 -3.69
C GLN E 110 39.53 -34.09 -4.67
N GLY E 111 40.65 -33.41 -4.91
CA GLY E 111 41.79 -33.88 -5.74
C GLY E 111 41.64 -33.52 -7.22
N GLU E 112 40.45 -33.16 -7.70
CA GLU E 112 40.24 -32.75 -9.12
C GLU E 112 40.91 -31.40 -9.32
N PRO E 113 41.40 -31.06 -10.54
CA PRO E 113 42.15 -29.82 -10.74
C PRO E 113 41.26 -28.56 -10.61
N GLY E 114 39.99 -28.64 -11.02
CA GLY E 114 39.01 -27.55 -10.81
C GLY E 114 38.80 -27.20 -9.34
N ASN E 115 38.97 -28.19 -8.46
CA ASN E 115 38.78 -28.05 -6.98
C ASN E 115 39.97 -27.34 -6.34
N GLN E 116 41.10 -27.27 -7.05
CA GLN E 116 42.36 -26.71 -6.48
C GLN E 116 42.26 -25.19 -6.42
N ILE E 117 42.90 -24.63 -5.40
CA ILE E 117 43.05 -23.17 -5.19
C ILE E 117 43.97 -22.63 -6.29
N LEU E 118 43.64 -21.46 -6.85
CA LEU E 118 44.52 -20.77 -7.83
C LEU E 118 45.96 -20.86 -7.36
N PRO E 119 46.89 -21.33 -8.23
CA PRO E 119 48.32 -21.23 -7.94
C PRO E 119 48.79 -19.89 -7.35
N GLN E 120 48.25 -18.77 -7.85
N GLN E 120 48.25 -18.77 -7.85
CA GLN E 120 48.69 -17.41 -7.46
CA GLN E 120 48.69 -17.40 -7.47
C GLN E 120 48.33 -17.14 -6.00
C GLN E 120 48.31 -17.11 -6.00
N LEU E 121 47.38 -17.89 -5.43
CA LEU E 121 46.88 -17.70 -4.03
C LEU E 121 47.01 -19.00 -3.23
N ALA E 122 47.82 -19.96 -3.72
CA ALA E 122 47.86 -21.34 -3.18
C ALA E 122 48.50 -21.31 -1.81
N PRO E 123 48.07 -22.24 -0.91
CA PRO E 123 48.66 -22.36 0.41
C PRO E 123 50.15 -22.66 0.37
N VAL E 124 50.91 -22.16 1.35
CA VAL E 124 52.32 -22.56 1.61
C VAL E 124 52.37 -23.39 2.89
N GLU E 125 53.52 -23.99 3.16
CA GLU E 125 53.80 -24.78 4.39
C GLU E 125 53.46 -23.92 5.61
N GLY E 126 52.80 -24.50 6.62
CA GLY E 126 52.43 -23.82 7.88
C GLY E 126 51.07 -23.15 7.82
N GLU E 127 50.30 -23.28 6.71
CA GLU E 127 48.93 -22.69 6.62
C GLU E 127 47.86 -23.79 6.75
N LEU E 128 46.74 -23.50 7.41
CA LEU E 128 45.61 -24.44 7.55
C LEU E 128 44.81 -24.52 6.24
N VAL E 129 44.49 -25.72 5.78
CA VAL E 129 43.62 -25.92 4.58
C VAL E 129 42.36 -26.67 5.04
N ILE E 130 41.20 -26.05 4.91
CA ILE E 130 39.90 -26.64 5.33
C ILE E 130 39.16 -27.10 4.07
N ASP E 131 38.86 -28.40 3.96
CA ASP E 131 37.88 -28.92 2.96
C ASP E 131 36.48 -28.95 3.61
N LYS E 132 35.49 -28.27 3.04
CA LYS E 132 34.17 -28.08 3.69
C LYS E 132 33.07 -28.54 2.75
N PRO E 133 32.10 -29.35 3.24
CA PRO E 133 31.00 -29.85 2.41
C PRO E 133 29.81 -28.89 2.27
N GLY E 134 29.80 -27.76 3.02
CA GLY E 134 28.78 -26.72 2.93
C GLY E 134 29.38 -25.38 2.47
N LYS E 135 28.55 -24.33 2.42
CA LYS E 135 28.98 -22.94 2.14
C LYS E 135 29.75 -22.38 3.35
N GLY E 136 29.32 -22.71 4.58
CA GLY E 136 29.92 -22.20 5.83
C GLY E 136 31.21 -22.92 6.20
N ALA E 137 32.30 -22.17 6.35
CA ALA E 137 33.65 -22.69 6.69
C ALA E 137 33.64 -23.46 8.01
N PHE E 138 32.61 -23.29 8.85
CA PHE E 138 32.58 -23.83 10.24
C PHE E 138 31.77 -25.13 10.28
N TYR E 139 30.87 -25.34 9.32
CA TYR E 139 30.02 -26.54 9.28
C TYR E 139 30.80 -27.79 8.86
N ALA E 140 30.73 -28.84 9.68
CA ALA E 140 31.34 -30.18 9.46
C ALA E 140 32.85 -30.05 9.23
N THR E 141 33.51 -29.14 9.92
CA THR E 141 34.98 -28.95 9.81
C THR E 141 35.51 -28.79 11.23
N ASP E 142 36.83 -28.76 11.38
CA ASP E 142 37.49 -28.54 12.69
C ASP E 142 38.03 -27.10 12.78
N LEU E 143 37.52 -26.18 11.95
CA LEU E 143 38.06 -24.79 11.90
C LEU E 143 37.93 -24.16 13.28
N HIS E 144 36.77 -24.25 13.93
CA HIS E 144 36.55 -23.58 15.24
C HIS E 144 37.55 -24.17 16.25
N ALA E 145 37.72 -25.49 16.28
CA ALA E 145 38.64 -26.19 17.21
C ALA E 145 40.11 -25.79 16.93
N GLN E 146 40.49 -25.72 15.65
CA GLN E 146 41.84 -25.33 15.20
C GLN E 146 42.13 -23.88 15.57
N LEU E 147 41.17 -22.98 15.40
CA LEU E 147 41.35 -21.55 15.77
C LEU E 147 41.40 -21.41 17.30
N GLN E 148 40.57 -22.15 18.05
CA GLN E 148 40.55 -22.11 19.54
C GLN E 148 41.92 -22.57 20.08
N GLU E 149 42.47 -23.64 19.51
CA GLU E 149 43.76 -24.26 19.92
C GLU E 149 44.88 -23.24 19.71
N ARG E 150 44.79 -22.37 18.70
CA ARG E 150 45.80 -21.32 18.44
C ARG E 150 45.38 -19.97 19.04
N ARG E 151 44.34 -19.91 19.87
CA ARG E 151 43.92 -18.68 20.62
C ARG E 151 43.62 -17.51 19.67
N ILE E 152 43.03 -17.78 18.50
CA ILE E 152 42.56 -16.74 17.55
C ILE E 152 41.22 -16.20 18.02
N THR E 153 41.07 -14.87 18.00
CA THR E 153 39.87 -14.11 18.43
C THR E 153 39.38 -13.21 17.28
N HIS E 154 40.23 -12.96 16.29
CA HIS E 154 40.00 -12.00 15.18
C HIS E 154 40.28 -12.68 13.84
N LEU E 155 39.37 -12.49 12.89
CA LEU E 155 39.49 -13.05 11.52
C LEU E 155 39.48 -11.89 10.52
N LEU E 156 40.43 -11.90 9.58
CA LEU E 156 40.35 -11.11 8.34
C LEU E 156 39.76 -12.04 7.29
N VAL E 157 38.73 -11.61 6.57
CA VAL E 157 37.99 -12.53 5.67
C VAL E 157 38.12 -12.03 4.24
N ALA E 158 38.39 -12.94 3.31
CA ALA E 158 38.40 -12.66 1.86
C ALA E 158 37.86 -13.86 1.10
N GLY E 159 37.59 -13.66 -0.19
CA GLY E 159 37.33 -14.76 -1.15
C GLY E 159 35.93 -14.71 -1.71
N VAL E 160 35.39 -15.86 -2.10
CA VAL E 160 34.15 -15.88 -2.93
C VAL E 160 33.22 -16.97 -2.46
N THR E 161 31.94 -16.88 -2.81
CA THR E 161 31.36 -15.65 -3.32
C THR E 161 30.80 -14.89 -2.12
N THR E 162 30.68 -13.56 -2.24
CA THR E 162 30.37 -12.64 -1.12
C THR E 162 29.05 -13.03 -0.44
N GLU E 163 27.98 -13.29 -1.21
CA GLU E 163 26.62 -13.51 -0.61
C GLU E 163 26.46 -14.97 -0.21
N VAL E 164 27.35 -15.87 -0.63
CA VAL E 164 27.19 -17.31 -0.30
C VAL E 164 28.27 -17.69 0.73
N CYS E 165 29.47 -18.07 0.32
CA CYS E 165 30.46 -18.69 1.24
C CYS E 165 31.01 -17.65 2.21
N VAL E 166 31.27 -16.43 1.72
CA VAL E 166 31.87 -15.37 2.56
C VAL E 166 30.87 -14.99 3.64
N GLN E 167 29.66 -14.64 3.24
CA GLN E 167 28.59 -14.22 4.19
C GLN E 167 28.28 -15.39 5.14
N THR E 168 28.11 -16.59 4.62
CA THR E 168 27.72 -17.74 5.51
C THR E 168 28.81 -17.88 6.60
N SER E 169 30.07 -17.94 6.18
CA SER E 169 31.25 -18.19 7.05
C SER E 169 31.37 -17.07 8.08
N MET E 170 31.11 -15.85 7.64
CA MET E 170 31.26 -14.68 8.52
C MET E 170 30.13 -14.72 9.57
N ARG E 171 28.91 -15.00 9.14
CA ARG E 171 27.75 -15.14 10.03
C ARG E 171 28.07 -16.23 11.07
N GLU E 172 28.66 -17.35 10.62
CA GLU E 172 29.00 -18.47 11.55
C GLU E 172 30.06 -17.98 12.54
N ALA E 173 31.04 -17.22 12.06
CA ALA E 173 32.20 -16.77 12.88
C ALA E 173 31.69 -15.82 13.96
N ASN E 174 30.81 -14.91 13.57
CA ASN E 174 30.21 -13.90 14.48
C ASN E 174 29.46 -14.61 15.61
N ASP E 175 28.63 -15.60 15.28
CA ASP E 175 27.88 -16.40 16.28
C ASP E 175 28.86 -17.08 17.26
N ARG E 176 30.00 -17.56 16.78
CA ARG E 176 31.03 -18.27 17.59
C ARG E 176 31.94 -17.29 18.38
N GLY E 177 31.76 -15.97 18.23
CA GLY E 177 32.39 -14.97 19.09
C GLY E 177 33.69 -14.40 18.53
N TYR E 178 33.96 -14.59 17.22
CA TYR E 178 35.08 -13.96 16.49
C TYR E 178 34.73 -12.52 16.08
N GLU E 179 35.71 -11.63 16.11
CA GLU E 179 35.62 -10.23 15.63
C GLU E 179 36.11 -10.22 14.17
N CYS E 180 35.22 -10.15 13.20
CA CYS E 180 35.59 -10.40 11.80
C CYS E 180 35.64 -9.09 11.02
N LEU E 181 36.72 -8.91 10.25
CA LEU E 181 36.86 -7.80 9.25
C LEU E 181 36.86 -8.40 7.85
N VAL E 182 35.82 -8.20 7.05
CA VAL E 182 35.84 -8.64 5.62
C VAL E 182 36.60 -7.56 4.84
N ILE E 183 37.56 -7.96 4.00
CA ILE E 183 38.31 -7.02 3.11
C ILE E 183 37.50 -6.95 1.81
N GLU E 184 36.71 -5.87 1.68
CA GLU E 184 35.64 -5.65 0.66
C GLU E 184 36.12 -5.88 -0.77
N ASP E 185 37.37 -5.51 -1.07
CA ASP E 185 37.92 -5.58 -2.44
C ASP E 185 38.69 -6.89 -2.62
N ALA E 186 38.68 -7.74 -1.61
CA ALA E 186 39.18 -9.13 -1.69
C ALA E 186 38.02 -10.12 -1.60
N CYS E 187 36.79 -9.67 -1.90
CA CYS E 187 35.57 -10.53 -2.01
C CYS E 187 34.92 -10.23 -3.36
N ALA E 188 34.29 -11.22 -3.98
CA ALA E 188 33.60 -11.00 -5.27
C ALA E 188 32.41 -11.91 -5.34
N SER E 189 31.48 -11.53 -6.18
CA SER E 189 30.26 -12.30 -6.47
C SER E 189 30.11 -12.43 -7.98
N TYR E 190 29.33 -13.38 -8.45
CA TYR E 190 28.83 -13.38 -9.84
C TYR E 190 27.74 -12.31 -9.98
N PHE E 191 27.26 -11.74 -8.86
CA PHE E 191 26.13 -10.77 -8.80
C PHE E 191 26.55 -9.50 -8.07
N PRO E 192 26.96 -8.42 -8.78
CA PRO E 192 27.41 -7.19 -8.13
C PRO E 192 26.42 -6.58 -7.10
N ASP E 193 25.11 -6.62 -7.36
CA ASP E 193 24.11 -6.16 -6.36
C ASP E 193 24.19 -7.03 -5.10
N PHE E 194 24.30 -8.34 -5.23
CA PHE E 194 24.39 -9.24 -4.05
C PHE E 194 25.65 -8.95 -3.26
N HIS E 195 26.76 -8.71 -3.96
CA HIS E 195 28.07 -8.30 -3.35
C HIS E 195 27.87 -7.07 -2.47
N ARG E 196 27.29 -6.01 -3.03
CA ARG E 196 27.15 -4.69 -2.36
C ARG E 196 26.19 -4.77 -1.17
N ILE E 197 24.99 -5.32 -1.38
CA ILE E 197 23.98 -5.44 -0.30
C ILE E 197 24.51 -6.38 0.80
N THR E 198 25.23 -7.42 0.46
CA THR E 198 25.75 -8.34 1.51
C THR E 198 26.68 -7.56 2.47
N LEU E 199 27.57 -6.74 1.92
CA LEU E 199 28.56 -5.96 2.73
C LEU E 199 27.83 -4.96 3.64
N GLU E 200 26.77 -4.32 3.12
CA GLU E 200 25.88 -3.42 3.88
C GLU E 200 25.17 -4.22 4.98
N MET E 201 24.61 -5.40 4.67
CA MET E 201 23.93 -6.22 5.72
C MET E 201 24.93 -6.60 6.83
N LEU E 202 26.15 -6.95 6.46
CA LEU E 202 27.11 -7.56 7.43
C LEU E 202 27.47 -6.51 8.49
N THR E 203 27.44 -5.21 8.13
CA THR E 203 27.89 -4.09 9.01
C THR E 203 26.70 -3.24 9.48
N ALA E 204 25.47 -3.63 9.15
CA ALA E 204 24.23 -2.94 9.54
C ALA E 204 24.02 -2.97 11.06
N GLN E 205 23.22 -2.03 11.56
CA GLN E 205 22.75 -1.96 12.97
C GLN E 205 23.96 -1.90 13.92
N GLY E 206 25.03 -1.20 13.57
CA GLY E 206 26.21 -1.00 14.45
C GLY E 206 27.21 -2.16 14.37
N GLY E 207 27.20 -2.92 13.26
CA GLY E 207 28.16 -4.00 12.98
C GLY E 207 27.64 -5.36 13.45
N ILE E 208 26.41 -5.71 13.10
CA ILE E 208 25.71 -6.89 13.70
C ILE E 208 26.46 -8.20 13.34
N VAL E 209 27.06 -8.29 12.16
CA VAL E 209 27.88 -9.48 11.83
C VAL E 209 29.35 -9.16 12.05
N GLY E 210 29.75 -7.96 11.67
CA GLY E 210 31.13 -7.50 11.88
C GLY E 210 31.43 -6.22 11.11
N TRP E 211 32.69 -6.10 10.66
CA TRP E 211 33.30 -4.87 10.09
C TRP E 211 33.64 -5.12 8.62
N ARG E 212 33.78 -4.04 7.83
CA ARG E 212 34.35 -4.10 6.46
C ARG E 212 35.28 -2.92 6.19
N THR E 213 36.28 -3.12 5.33
CA THR E 213 37.20 -2.05 4.89
C THR E 213 37.97 -2.52 3.67
N PRO E 214 38.36 -1.64 2.71
CA PRO E 214 39.29 -2.00 1.63
C PRO E 214 40.67 -2.37 2.15
N LEU E 215 41.40 -3.16 1.36
CA LEU E 215 42.80 -3.58 1.62
C LEU E 215 43.66 -2.35 1.95
N ALA E 216 43.48 -1.26 1.20
CA ALA E 216 44.22 0.01 1.39
C ALA E 216 44.21 0.38 2.87
N GLN E 217 43.03 0.38 3.52
CA GLN E 217 42.90 0.71 4.96
C GLN E 217 43.70 -0.29 5.79
N LEU E 218 43.62 -1.60 5.51
CA LEU E 218 44.40 -2.60 6.27
C LEU E 218 45.92 -2.32 6.09
N GLN E 219 46.37 -2.09 4.84
CA GLN E 219 47.80 -1.81 4.53
C GLN E 219 48.28 -0.58 5.31
N ALA E 220 47.44 0.45 5.42
CA ALA E 220 47.74 1.71 6.13
C ALA E 220 47.99 1.45 7.61
N GLY E 221 47.32 0.45 8.23
CA GLY E 221 47.45 0.19 9.67
C GLY E 221 48.68 -0.64 10.02
N VAL E 222 49.11 -1.52 9.14
CA VAL E 222 50.25 -2.44 9.37
C VAL E 222 51.55 -1.74 8.96
N ALA E 223 51.46 -0.69 8.14
CA ALA E 223 52.62 0.09 7.60
C ALA E 223 53.21 0.95 8.72
N MET F 4 6.40 2.86 -44.56
CA MET F 4 7.64 3.72 -44.58
C MET F 4 7.21 5.19 -44.47
N ILE F 5 7.74 5.91 -43.48
CA ILE F 5 7.30 7.30 -43.13
C ILE F 5 8.40 8.25 -43.59
N ARG F 6 8.04 9.33 -44.29
CA ARG F 6 8.96 10.36 -44.83
C ARG F 6 8.66 11.71 -44.19
N ILE F 7 9.62 12.29 -43.49
CA ILE F 7 9.48 13.51 -42.65
C ILE F 7 10.26 14.64 -43.33
N ASP F 8 9.69 15.84 -43.41
CA ASP F 8 10.45 17.08 -43.70
C ASP F 8 11.39 17.33 -42.52
N ALA F 9 12.68 17.56 -42.78
CA ALA F 9 13.75 17.61 -41.76
C ALA F 9 14.96 18.36 -42.31
N THR F 10 15.74 18.98 -41.43
CA THR F 10 17.07 19.54 -41.73
C THR F 10 18.08 18.43 -41.47
N PRO F 11 19.05 18.13 -42.38
CA PRO F 11 19.30 18.92 -43.59
C PRO F 11 18.65 18.45 -44.91
N TYR F 12 18.02 17.26 -44.91
CA TYR F 12 17.16 16.74 -46.01
C TYR F 12 16.12 15.81 -45.39
N PRO F 13 15.06 15.40 -46.14
CA PRO F 13 14.05 14.50 -45.59
C PRO F 13 14.60 13.27 -44.87
N TYR F 14 13.92 12.91 -43.79
CA TYR F 14 14.32 11.79 -42.92
C TYR F 14 13.25 10.72 -43.07
N GLN F 15 13.68 9.50 -43.32
CA GLN F 15 12.80 8.39 -43.72
C GLN F 15 13.04 7.27 -42.71
N PHE F 16 11.99 6.69 -42.16
CA PHE F 16 12.12 5.66 -41.09
C PHE F 16 10.95 4.70 -41.18
N HIS F 17 11.13 3.50 -40.66
CA HIS F 17 10.03 2.52 -40.49
C HIS F 17 9.82 2.22 -39.00
N PRO F 18 8.57 2.42 -38.50
CA PRO F 18 8.21 2.16 -37.11
C PRO F 18 8.75 0.87 -36.49
N ARG F 19 8.82 -0.21 -37.27
CA ARG F 19 9.34 -1.53 -36.81
C ARG F 19 10.81 -1.40 -36.40
N SER F 20 11.63 -0.59 -37.09
CA SER F 20 13.10 -0.51 -36.84
C SER F 20 13.51 0.85 -36.24
N THR F 21 12.55 1.55 -35.63
CA THR F 21 12.72 2.91 -35.06
C THR F 21 12.42 2.89 -33.54
N ALA F 22 13.23 3.57 -32.74
CA ALA F 22 12.99 3.74 -31.29
C ALA F 22 12.98 5.22 -30.94
N LEU F 23 12.17 5.57 -29.93
CA LEU F 23 12.19 6.89 -29.26
C LEU F 23 13.07 6.77 -28.01
N VAL F 24 14.05 7.67 -27.92
CA VAL F 24 14.96 7.80 -26.75
C VAL F 24 14.64 9.15 -26.11
N VAL F 25 14.09 9.11 -24.90
CA VAL F 25 13.82 10.32 -24.07
C VAL F 25 14.91 10.39 -22.99
N ILE F 26 15.73 11.43 -23.02
CA ILE F 26 16.97 11.54 -22.22
C ILE F 26 16.73 12.43 -20.98
N ASP F 27 16.86 11.79 -19.82
CA ASP F 27 17.17 12.40 -18.51
C ASP F 27 16.12 13.44 -18.13
N MET F 28 14.84 13.15 -18.37
CA MET F 28 13.75 14.07 -18.01
C MET F 28 13.46 13.90 -16.51
N GLN F 29 14.40 14.29 -15.66
CA GLN F 29 14.50 13.95 -14.22
C GLN F 29 14.03 15.15 -13.37
N ARG F 30 13.26 14.87 -12.32
CA ARG F 30 12.59 15.92 -11.50
C ARG F 30 13.64 16.94 -11.04
N ASP F 31 14.83 16.49 -10.63
CA ASP F 31 15.82 17.44 -10.06
C ASP F 31 16.27 18.47 -11.10
N PHE F 32 16.22 18.17 -12.41
CA PHE F 32 16.68 19.14 -13.45
C PHE F 32 15.55 20.08 -13.88
N ILE F 33 14.29 19.67 -13.71
CA ILE F 33 13.15 20.30 -14.44
C ILE F 33 12.22 21.05 -13.46
N GLU F 34 12.03 20.55 -12.24
CA GLU F 34 11.04 21.11 -11.29
C GLU F 34 11.63 22.35 -10.59
N GLU F 35 10.81 23.38 -10.41
CA GLU F 35 11.13 24.60 -9.59
C GLU F 35 11.57 24.18 -8.16
N GLY F 36 12.65 24.74 -7.65
CA GLY F 36 13.19 24.46 -6.31
C GLY F 36 13.88 23.10 -6.23
N GLY F 37 14.09 22.40 -7.36
CA GLY F 37 14.94 21.22 -7.45
C GLY F 37 16.41 21.61 -7.48
N PHE F 38 17.30 20.62 -7.57
CA PHE F 38 18.78 20.76 -7.65
C PHE F 38 19.17 21.76 -8.75
N GLY F 39 18.64 21.61 -9.97
CA GLY F 39 18.90 22.54 -11.09
C GLY F 39 18.65 23.98 -10.69
N SER F 40 17.51 24.22 -10.03
CA SER F 40 17.08 25.53 -9.49
C SER F 40 18.02 26.04 -8.40
N ALA F 41 18.41 25.19 -7.45
CA ALA F 41 19.30 25.51 -6.31
C ALA F 41 20.67 26.02 -6.80
N LEU F 42 21.14 25.53 -7.96
CA LEU F 42 22.44 25.91 -8.53
C LEU F 42 22.32 27.28 -9.23
N GLY F 43 21.10 27.78 -9.39
CA GLY F 43 20.84 29.11 -9.98
C GLY F 43 20.49 29.03 -11.46
N ASN F 44 20.15 27.86 -11.98
CA ASN F 44 19.71 27.70 -13.40
C ASN F 44 18.22 27.99 -13.48
N ASP F 45 17.80 28.60 -14.57
CA ASP F 45 16.38 28.88 -14.90
C ASP F 45 15.80 27.63 -15.57
N VAL F 46 14.93 26.88 -14.88
CA VAL F 46 14.42 25.56 -15.36
C VAL F 46 13.16 25.69 -16.24
N ARG F 47 12.65 26.91 -16.45
CA ARG F 47 11.35 27.14 -17.14
C ARG F 47 11.44 26.60 -18.56
N PRO F 48 12.55 26.76 -19.32
CA PRO F 48 12.64 26.17 -20.66
C PRO F 48 12.49 24.63 -20.70
N LEU F 49 12.94 23.92 -19.66
CA LEU F 49 12.88 22.43 -19.59
C LEU F 49 11.44 22.00 -19.26
N ALA F 50 10.80 22.72 -18.34
CA ALA F 50 9.38 22.57 -17.96
C ALA F 50 8.52 22.80 -19.20
N ALA F 51 8.91 23.78 -20.01
CA ALA F 51 8.17 24.26 -21.20
C ALA F 51 7.98 23.11 -22.20
N ILE F 52 9.00 22.28 -22.46
CA ILE F 52 8.95 21.18 -23.49
C ILE F 52 8.13 19.96 -22.98
N VAL F 53 7.70 19.89 -21.73
CA VAL F 53 7.13 18.64 -21.15
C VAL F 53 5.88 18.17 -21.91
N PRO F 54 4.92 19.06 -22.24
CA PRO F 54 3.77 18.68 -23.08
C PRO F 54 4.20 18.19 -24.47
N THR F 55 5.21 18.81 -25.09
CA THR F 55 5.74 18.38 -26.42
C THR F 55 6.33 16.97 -26.29
N VAL F 56 7.15 16.69 -25.27
CA VAL F 56 7.73 15.33 -25.03
C VAL F 56 6.62 14.31 -24.76
N ALA F 57 5.59 14.68 -24.00
CA ALA F 57 4.42 13.80 -23.74
C ALA F 57 3.74 13.42 -25.08
N ALA F 58 3.54 14.38 -25.99
CA ALA F 58 2.87 14.18 -27.30
C ALA F 58 3.74 13.28 -28.20
N LEU F 59 5.07 13.42 -28.09
CA LEU F 59 6.09 12.58 -28.78
C LEU F 59 6.10 11.16 -28.20
N LEU F 60 6.05 11.02 -26.88
CA LEU F 60 5.87 9.69 -26.23
C LEU F 60 4.58 9.05 -26.76
N GLN F 61 3.48 9.82 -26.82
CA GLN F 61 2.18 9.33 -27.32
C GLN F 61 2.31 8.91 -28.80
N LEU F 62 2.95 9.74 -29.64
CA LEU F 62 3.13 9.41 -31.09
C LEU F 62 3.81 8.04 -31.23
N ALA F 63 4.92 7.81 -30.51
CA ALA F 63 5.76 6.60 -30.57
C ALA F 63 4.98 5.37 -30.07
N ARG F 64 4.25 5.51 -28.97
CA ARG F 64 3.45 4.43 -28.36
C ARG F 64 2.36 3.98 -29.35
N GLU F 65 1.69 4.95 -29.99
CA GLU F 65 0.60 4.75 -31.00
C GLU F 65 1.13 4.11 -32.28
N ALA F 66 2.37 4.41 -32.69
CA ALA F 66 3.05 3.75 -33.85
C ALA F 66 3.63 2.41 -33.44
N GLY F 67 3.50 2.01 -32.16
CA GLY F 67 4.05 0.75 -31.65
C GLY F 67 5.58 0.71 -31.59
N MET F 68 6.28 1.86 -31.61
CA MET F 68 7.77 1.89 -31.67
C MET F 68 8.37 1.55 -30.29
N LEU F 69 9.59 1.03 -30.29
CA LEU F 69 10.37 0.83 -29.04
C LEU F 69 10.60 2.19 -28.39
N VAL F 70 10.34 2.30 -27.09
CA VAL F 70 10.58 3.56 -26.32
C VAL F 70 11.68 3.28 -25.31
N VAL F 71 12.72 4.11 -25.30
CA VAL F 71 13.87 4.06 -24.35
C VAL F 71 13.85 5.36 -23.53
N HIS F 72 13.91 5.22 -22.21
CA HIS F 72 14.07 6.33 -21.23
C HIS F 72 15.48 6.24 -20.61
N THR F 73 16.24 7.32 -20.52
CA THR F 73 17.54 7.35 -19.77
C THR F 73 17.40 8.19 -18.48
N ARG F 74 18.11 7.80 -17.44
CA ARG F 74 18.30 8.58 -16.18
C ARG F 74 19.79 8.67 -15.87
N GLU F 75 20.34 9.88 -15.73
CA GLU F 75 21.72 9.98 -15.19
C GLU F 75 21.61 9.60 -13.72
N SER F 76 22.36 8.60 -13.27
CA SER F 76 22.27 8.14 -11.87
C SER F 76 23.50 7.33 -11.46
N HIS F 77 23.71 7.21 -10.15
CA HIS F 77 24.80 6.42 -9.50
C HIS F 77 24.23 5.54 -8.38
N LEU F 78 24.95 4.46 -8.07
CA LEU F 78 24.60 3.57 -6.91
C LEU F 78 24.71 4.39 -5.65
N PRO F 79 23.92 4.10 -4.58
CA PRO F 79 23.93 4.92 -3.38
C PRO F 79 25.31 4.99 -2.72
N ASP F 80 26.15 3.99 -2.97
CA ASP F 80 27.55 3.88 -2.47
C ASP F 80 28.52 4.66 -3.37
N LEU F 81 28.06 5.21 -4.51
CA LEU F 81 28.84 6.10 -5.44
C LEU F 81 30.01 5.32 -6.03
N SER F 82 29.95 3.99 -6.00
CA SER F 82 31.04 3.09 -6.48
C SER F 82 31.15 3.12 -8.02
N ASP F 83 30.11 3.56 -8.74
CA ASP F 83 30.18 3.78 -10.21
C ASP F 83 30.32 5.28 -10.52
N CYS F 84 30.69 6.10 -9.54
CA CYS F 84 30.85 7.55 -9.80
C CYS F 84 32.33 7.89 -9.79
N PRO F 85 32.96 8.17 -10.98
CA PRO F 85 34.36 8.58 -11.03
C PRO F 85 34.69 9.72 -10.06
N ARG F 86 35.88 9.68 -9.45
CA ARG F 86 36.39 10.71 -8.49
C ARG F 86 36.40 12.09 -9.17
N SER F 87 36.84 12.14 -10.42
CA SER F 87 36.85 13.38 -11.23
C SER F 87 35.46 14.04 -11.23
N LYS F 88 34.41 13.25 -11.41
CA LYS F 88 33.03 13.79 -11.58
C LYS F 88 32.60 14.34 -10.21
N ARG F 89 32.99 13.66 -9.13
N ARG F 89 32.97 13.66 -9.12
CA ARG F 89 32.70 14.11 -7.74
CA ARG F 89 32.67 14.11 -7.73
C ARG F 89 33.42 15.42 -7.45
C ARG F 89 33.42 15.42 -7.42
N LEU F 90 34.64 15.60 -7.94
CA LEU F 90 35.43 16.81 -7.60
C LEU F 90 35.09 17.97 -8.53
N ARG F 91 34.50 17.73 -9.70
CA ARG F 91 34.39 18.76 -10.78
C ARG F 91 33.55 19.94 -10.28
N GLY F 92 34.07 21.16 -10.44
CA GLY F 92 33.41 22.41 -10.02
C GLY F 92 33.54 22.69 -8.52
N ASN F 93 34.07 21.75 -7.72
CA ASN F 93 34.15 21.84 -6.22
C ASN F 93 32.80 22.28 -5.65
N PRO F 94 31.67 21.66 -6.05
CA PRO F 94 30.36 22.15 -5.64
C PRO F 94 30.13 21.92 -4.12
N THR F 95 29.45 22.85 -3.45
CA THR F 95 29.02 22.67 -2.04
C THR F 95 27.82 21.70 -2.01
N LEU F 96 27.02 21.66 -3.08
CA LEU F 96 25.98 20.63 -3.31
C LEU F 96 26.42 19.66 -4.42
N GLY F 97 27.10 18.59 -4.04
CA GLY F 97 27.69 17.62 -4.99
C GLY F 97 26.96 16.31 -5.04
N ILE F 98 27.46 15.43 -5.91
CA ILE F 98 26.93 14.08 -6.17
C ILE F 98 26.86 13.38 -4.82
N GLY F 99 25.69 12.87 -4.46
CA GLY F 99 25.52 12.15 -3.19
C GLY F 99 25.17 13.03 -2.01
N ASP F 100 25.39 14.35 -2.07
CA ASP F 100 24.99 15.28 -0.99
C ASP F 100 23.46 15.42 -0.99
N VAL F 101 22.88 15.84 0.14
CA VAL F 101 21.40 15.99 0.30
C VAL F 101 20.99 17.33 -0.30
N GLY F 102 20.32 17.29 -1.46
CA GLY F 102 19.73 18.47 -2.12
C GLY F 102 18.25 18.62 -1.77
N PRO F 103 17.51 19.53 -2.43
CA PRO F 103 16.12 19.74 -2.08
C PRO F 103 15.22 18.54 -2.39
N MET F 104 15.65 17.59 -3.24
CA MET F 104 14.85 16.38 -3.59
C MET F 104 15.65 15.11 -3.28
N GLY F 105 16.41 15.13 -2.20
CA GLY F 105 17.17 13.96 -1.74
C GLY F 105 18.55 13.96 -2.35
N ARG F 106 19.23 12.83 -2.25
CA ARG F 106 20.68 12.73 -2.56
C ARG F 106 20.88 13.00 -4.05
N ILE F 107 21.85 13.85 -4.36
CA ILE F 107 22.04 14.37 -5.75
C ILE F 107 22.62 13.27 -6.64
N LEU F 108 21.90 12.94 -7.73
CA LEU F 108 22.37 12.04 -8.83
C LEU F 108 22.35 10.58 -8.33
N VAL F 109 21.63 10.28 -7.25
CA VAL F 109 21.64 8.90 -6.69
C VAL F 109 20.34 8.13 -7.03
N GLN F 110 20.49 6.87 -7.45
CA GLN F 110 19.38 5.96 -7.82
C GLN F 110 18.46 5.77 -6.60
N GLY F 111 17.14 5.80 -6.83
CA GLY F 111 16.10 5.62 -5.79
C GLY F 111 15.60 6.94 -5.19
N GLU F 112 16.33 8.04 -5.33
CA GLU F 112 16.00 9.34 -4.71
C GLU F 112 14.88 10.02 -5.50
N PRO F 113 14.02 10.82 -4.84
CA PRO F 113 12.91 11.50 -5.53
C PRO F 113 13.39 12.34 -6.73
N GLY F 114 14.50 13.07 -6.59
CA GLY F 114 14.97 14.04 -7.61
C GLY F 114 15.52 13.36 -8.85
N ASN F 115 15.97 12.11 -8.69
CA ASN F 115 16.52 11.22 -9.74
C ASN F 115 15.40 10.65 -10.64
N GLN F 116 14.16 10.63 -10.17
CA GLN F 116 13.05 9.94 -10.86
C GLN F 116 12.71 10.71 -12.13
N ILE F 117 12.30 9.98 -13.17
CA ILE F 117 11.73 10.57 -14.41
C ILE F 117 10.48 11.36 -14.00
N LEU F 118 10.21 12.51 -14.61
CA LEU F 118 8.92 13.24 -14.38
C LEU F 118 7.81 12.23 -14.50
N PRO F 119 6.95 12.13 -13.45
CA PRO F 119 5.71 11.34 -13.53
C PRO F 119 4.91 11.59 -14.82
N GLN F 120 4.83 12.84 -15.30
CA GLN F 120 4.09 13.23 -16.53
C GLN F 120 4.61 12.49 -17.77
N LEU F 121 5.86 12.03 -17.72
CA LEU F 121 6.57 11.36 -18.85
C LEU F 121 7.05 10.01 -18.39
N ALA F 122 6.37 9.35 -17.45
CA ALA F 122 6.87 8.07 -16.86
C ALA F 122 6.94 6.99 -17.93
N PRO F 123 7.90 6.05 -17.80
CA PRO F 123 7.91 4.83 -18.60
C PRO F 123 6.69 3.98 -18.25
N VAL F 124 6.14 3.25 -19.22
CA VAL F 124 5.09 2.23 -18.98
C VAL F 124 5.70 0.87 -19.28
N GLU F 125 4.97 -0.19 -18.95
CA GLU F 125 5.40 -1.60 -19.11
C GLU F 125 5.81 -1.86 -20.57
N GLY F 126 6.94 -2.54 -20.80
CA GLY F 126 7.43 -2.90 -22.14
C GLY F 126 8.39 -1.88 -22.73
N GLU F 127 8.71 -0.83 -21.98
CA GLU F 127 9.63 0.25 -22.42
C GLU F 127 11.00 0.04 -21.76
N LEU F 128 12.08 0.41 -22.44
CA LEU F 128 13.48 0.26 -21.90
C LEU F 128 13.83 1.46 -21.02
N VAL F 129 14.34 1.19 -19.82
CA VAL F 129 14.80 2.25 -18.88
C VAL F 129 16.28 2.01 -18.54
N ILE F 130 17.13 2.96 -18.92
CA ILE F 130 18.62 2.90 -18.76
C ILE F 130 19.05 3.84 -17.64
N ASP F 131 19.82 3.35 -16.68
CA ASP F 131 20.62 4.17 -15.74
C ASP F 131 22.04 4.30 -16.30
N LYS F 132 22.47 5.53 -16.54
CA LYS F 132 23.80 5.82 -17.13
C LYS F 132 24.59 6.59 -16.09
N PRO F 133 25.87 6.24 -15.85
CA PRO F 133 26.73 7.01 -14.94
C PRO F 133 27.41 8.20 -15.62
N GLY F 134 27.09 8.45 -16.89
CA GLY F 134 27.71 9.51 -17.70
C GLY F 134 26.66 10.32 -18.42
N LYS F 135 27.09 11.24 -19.27
CA LYS F 135 26.20 12.11 -20.06
C LYS F 135 25.73 11.31 -21.28
N GLY F 136 26.62 10.51 -21.87
CA GLY F 136 26.34 9.68 -23.05
C GLY F 136 25.54 8.42 -22.69
N ALA F 137 24.40 8.23 -23.36
CA ALA F 137 23.44 7.12 -23.14
C ALA F 137 24.09 5.76 -23.40
N PHE F 138 25.19 5.70 -24.17
CA PHE F 138 25.82 4.42 -24.60
C PHE F 138 26.99 4.00 -23.71
N TYR F 139 27.57 4.87 -22.90
CA TYR F 139 28.75 4.52 -22.09
C TYR F 139 28.33 3.75 -20.83
N ALA F 140 28.95 2.59 -20.62
CA ALA F 140 28.73 1.72 -19.44
C ALA F 140 27.25 1.37 -19.30
N THR F 141 26.54 1.19 -20.41
CA THR F 141 25.12 0.75 -20.44
C THR F 141 25.01 -0.34 -21.51
N ASP F 142 23.88 -1.04 -21.53
CA ASP F 142 23.64 -2.15 -22.47
C ASP F 142 22.83 -1.63 -23.65
N LEU F 143 22.72 -0.31 -23.82
CA LEU F 143 21.75 0.30 -24.78
C LEU F 143 22.04 -0.19 -26.22
N HIS F 144 23.30 -0.22 -26.64
CA HIS F 144 23.68 -0.54 -28.04
C HIS F 144 23.27 -1.98 -28.38
N ALA F 145 23.51 -2.89 -27.44
CA ALA F 145 23.21 -4.34 -27.53
C ALA F 145 21.69 -4.56 -27.51
N GLN F 146 20.98 -3.89 -26.60
CA GLN F 146 19.49 -3.96 -26.47
C GLN F 146 18.85 -3.46 -27.77
N LEU F 147 19.33 -2.34 -28.31
CA LEU F 147 18.87 -1.77 -29.61
C LEU F 147 19.20 -2.71 -30.78
N GLN F 148 20.41 -3.27 -30.80
CA GLN F 148 20.88 -4.19 -31.88
C GLN F 148 19.97 -5.44 -31.88
N GLU F 149 19.67 -5.97 -30.69
CA GLU F 149 18.89 -7.20 -30.50
C GLU F 149 17.47 -6.99 -31.04
N ARG F 150 16.94 -5.77 -30.96
CA ARG F 150 15.60 -5.40 -31.50
C ARG F 150 15.71 -4.84 -32.93
N ARG F 151 16.88 -4.93 -33.56
CA ARG F 151 17.12 -4.53 -34.97
C ARG F 151 16.65 -3.10 -35.23
N ILE F 152 16.93 -2.20 -34.29
CA ILE F 152 16.64 -0.75 -34.43
C ILE F 152 17.77 -0.14 -35.27
N THR F 153 17.45 0.67 -36.28
CA THR F 153 18.41 1.40 -37.14
C THR F 153 18.20 2.91 -37.02
N HIS F 154 17.00 3.35 -36.64
CA HIS F 154 16.62 4.78 -36.55
C HIS F 154 16.23 5.10 -35.12
N LEU F 155 16.67 6.25 -34.62
CA LEU F 155 16.37 6.80 -33.28
C LEU F 155 15.71 8.15 -33.46
N LEU F 156 14.57 8.36 -32.82
CA LEU F 156 14.00 9.71 -32.57
C LEU F 156 14.55 10.12 -31.21
N VAL F 157 15.03 11.34 -31.08
CA VAL F 157 15.81 11.79 -29.89
C VAL F 157 15.07 12.98 -29.27
N ALA F 158 14.84 12.96 -27.96
CA ALA F 158 14.33 14.14 -27.22
C ALA F 158 15.00 14.17 -25.84
N GLY F 159 14.83 15.28 -25.11
CA GLY F 159 15.13 15.37 -23.66
C GLY F 159 16.09 16.48 -23.36
N VAL F 160 16.87 16.33 -22.29
CA VAL F 160 17.65 17.46 -21.70
C VAL F 160 19.02 16.94 -21.28
N THR F 161 19.98 17.84 -21.19
CA THR F 161 19.90 19.16 -21.80
C THR F 161 20.47 19.04 -23.21
N THR F 162 20.04 19.91 -24.13
CA THR F 162 20.37 19.78 -25.58
C THR F 162 21.89 19.58 -25.75
N GLU F 163 22.71 20.45 -25.15
CA GLU F 163 24.18 20.54 -25.42
C GLU F 163 25.01 19.50 -24.66
N VAL F 164 24.42 18.81 -23.68
CA VAL F 164 25.16 17.88 -22.77
C VAL F 164 24.69 16.46 -23.10
N CYS F 165 23.64 15.96 -22.43
CA CYS F 165 23.24 14.53 -22.54
C CYS F 165 22.61 14.26 -23.90
N VAL F 166 21.84 15.18 -24.48
CA VAL F 166 21.21 14.94 -25.81
C VAL F 166 22.32 14.90 -26.87
N GLN F 167 23.12 15.97 -27.01
CA GLN F 167 24.26 16.05 -27.96
C GLN F 167 25.21 14.84 -27.78
N THR F 168 25.60 14.51 -26.54
CA THR F 168 26.56 13.42 -26.27
C THR F 168 26.00 12.09 -26.78
N SER F 169 24.77 11.78 -26.41
CA SER F 169 24.06 10.53 -26.76
C SER F 169 23.84 10.45 -28.28
N MET F 170 23.51 11.56 -28.93
CA MET F 170 23.27 11.54 -30.40
C MET F 170 24.60 11.31 -31.14
N ARG F 171 25.66 12.00 -30.72
CA ARG F 171 27.04 11.79 -31.23
C ARG F 171 27.43 10.33 -31.06
N GLU F 172 27.17 9.74 -29.90
CA GLU F 172 27.47 8.30 -29.64
C GLU F 172 26.67 7.41 -30.59
N ALA F 173 25.38 7.70 -30.74
CA ALA F 173 24.45 6.93 -31.59
C ALA F 173 24.94 6.95 -33.03
N ASN F 174 25.36 8.13 -33.49
CA ASN F 174 25.79 8.35 -34.88
C ASN F 174 27.04 7.52 -35.16
N ASP F 175 28.02 7.56 -34.26
CA ASP F 175 29.26 6.72 -34.34
C ASP F 175 28.89 5.24 -34.42
N ARG F 176 27.87 4.78 -33.70
CA ARG F 176 27.43 3.36 -33.71
C ARG F 176 26.54 3.05 -34.92
N GLY F 177 26.23 4.01 -35.79
CA GLY F 177 25.57 3.74 -37.08
C GLY F 177 24.05 3.86 -37.06
N TYR F 178 23.46 4.57 -36.08
CA TYR F 178 22.01 4.89 -36.04
C TYR F 178 21.73 6.20 -36.77
N GLU F 179 20.59 6.22 -37.48
CA GLU F 179 20.00 7.40 -38.18
C GLU F 179 19.12 8.15 -37.18
N CYS F 180 19.60 9.27 -36.67
CA CYS F 180 19.02 10.01 -35.51
C CYS F 180 18.28 11.25 -36.02
N LEU F 181 17.00 11.36 -35.65
CA LEU F 181 16.22 12.61 -35.82
C LEU F 181 16.04 13.23 -34.44
N VAL F 182 16.63 14.38 -34.19
CA VAL F 182 16.35 15.12 -32.92
C VAL F 182 15.08 15.94 -33.14
N ILE F 183 14.14 15.87 -32.18
CA ILE F 183 12.86 16.65 -32.20
C ILE F 183 13.18 17.95 -31.49
N GLU F 184 13.39 19.00 -32.29
CA GLU F 184 13.89 20.36 -31.91
C GLU F 184 13.17 20.87 -30.65
N ASP F 185 11.84 20.88 -30.65
CA ASP F 185 11.03 21.48 -29.56
C ASP F 185 10.71 20.41 -28.50
N ALA F 186 11.24 19.18 -28.60
CA ALA F 186 11.22 18.16 -27.51
C ALA F 186 12.60 18.08 -26.80
N CYS F 187 13.42 19.13 -26.92
CA CYS F 187 14.77 19.24 -26.34
C CYS F 187 14.88 20.58 -25.64
N ALA F 188 15.58 20.68 -24.53
CA ALA F 188 15.72 22.01 -23.90
C ALA F 188 17.06 22.10 -23.18
N SER F 189 17.57 23.31 -23.05
CA SER F 189 18.83 23.65 -22.35
C SER F 189 18.57 24.73 -21.30
N TYR F 190 19.41 24.83 -20.27
CA TYR F 190 19.45 26.02 -19.39
C TYR F 190 19.99 27.23 -20.17
N PHE F 191 20.67 27.00 -21.31
CA PHE F 191 21.38 28.04 -22.09
C PHE F 191 20.78 28.07 -23.50
N PRO F 192 19.88 29.05 -23.79
CA PRO F 192 19.22 29.12 -25.09
C PRO F 192 20.20 29.16 -26.28
N ASP F 193 21.35 29.81 -26.12
CA ASP F 193 22.38 29.88 -27.20
C ASP F 193 22.97 28.49 -27.42
N PHE F 194 23.25 27.74 -26.35
CA PHE F 194 23.78 26.35 -26.45
C PHE F 194 22.76 25.45 -27.16
N HIS F 195 21.50 25.49 -26.75
CA HIS F 195 20.38 24.81 -27.44
C HIS F 195 20.46 25.06 -28.97
N ARG F 196 20.34 26.30 -29.44
CA ARG F 196 20.21 26.66 -30.88
C ARG F 196 21.48 26.21 -31.62
N ILE F 197 22.67 26.44 -31.06
CA ILE F 197 23.93 26.15 -31.80
C ILE F 197 24.20 24.63 -31.81
N THR F 198 23.76 23.88 -30.79
CA THR F 198 23.89 22.41 -30.79
C THR F 198 23.09 21.84 -31.97
N LEU F 199 21.85 22.29 -32.16
CA LEU F 199 20.97 21.79 -33.25
C LEU F 199 21.69 22.08 -34.59
N GLU F 200 22.29 23.25 -34.73
CA GLU F 200 22.99 23.67 -35.97
C GLU F 200 24.22 22.77 -36.18
N MET F 201 24.97 22.48 -35.12
CA MET F 201 26.16 21.59 -35.19
C MET F 201 25.74 20.15 -35.53
N LEU F 202 24.63 19.65 -34.97
CA LEU F 202 24.23 18.22 -35.15
C LEU F 202 23.94 17.97 -36.65
N THR F 203 23.35 18.93 -37.35
CA THR F 203 22.90 18.76 -38.77
C THR F 203 23.88 19.43 -39.76
N ALA F 204 25.06 19.88 -39.32
CA ALA F 204 25.98 20.65 -40.17
C ALA F 204 26.66 19.73 -41.20
N GLN F 205 27.22 20.33 -42.26
CA GLN F 205 28.00 19.60 -43.29
C GLN F 205 27.13 18.46 -43.86
N GLY F 206 25.87 18.76 -44.17
CA GLY F 206 24.91 17.80 -44.78
C GLY F 206 24.58 16.65 -43.83
N GLY F 207 24.55 16.91 -42.52
CA GLY F 207 23.97 16.01 -41.50
C GLY F 207 24.99 15.12 -40.82
N ILE F 208 26.16 15.67 -40.44
CA ILE F 208 27.32 14.88 -39.94
C ILE F 208 26.92 14.04 -38.72
N VAL F 209 26.08 14.56 -37.83
CA VAL F 209 25.56 13.74 -36.70
C VAL F 209 24.16 13.23 -37.06
N GLY F 210 23.33 14.04 -37.69
CA GLY F 210 22.02 13.52 -38.10
C GLY F 210 21.10 14.63 -38.54
N TRP F 211 19.83 14.52 -38.16
CA TRP F 211 18.68 15.31 -38.68
C TRP F 211 18.00 15.98 -37.48
N ARG F 212 17.35 17.11 -37.71
CA ARG F 212 16.43 17.76 -36.74
C ARG F 212 15.13 18.14 -37.47
N THR F 213 14.04 18.26 -36.71
CA THR F 213 12.70 18.75 -37.16
C THR F 213 11.85 18.99 -35.91
N PRO F 214 10.94 20.00 -35.95
CA PRO F 214 9.97 20.16 -34.88
C PRO F 214 8.95 19.01 -34.86
N LEU F 215 8.30 18.78 -33.72
CA LEU F 215 7.29 17.70 -33.52
C LEU F 215 6.25 17.68 -34.65
N ALA F 216 5.83 18.86 -35.09
CA ALA F 216 4.68 19.02 -36.02
C ALA F 216 5.02 18.34 -37.36
N GLN F 217 6.27 18.45 -37.81
CA GLN F 217 6.75 17.79 -39.06
C GLN F 217 6.73 16.27 -38.88
N LEU F 218 7.00 15.74 -37.67
CA LEU F 218 6.93 14.28 -37.41
C LEU F 218 5.46 13.86 -37.39
N GLN F 219 4.61 14.69 -36.77
CA GLN F 219 3.14 14.47 -36.69
C GLN F 219 2.57 14.51 -38.13
N ALA F 220 2.89 15.53 -38.93
CA ALA F 220 2.48 15.57 -40.36
C ALA F 220 2.73 14.19 -40.99
N GLY F 221 3.93 13.62 -40.80
CA GLY F 221 4.40 12.34 -41.38
C GLY F 221 3.59 11.11 -40.99
N VAL F 222 3.10 10.99 -39.74
CA VAL F 222 2.40 9.76 -39.25
C VAL F 222 0.88 9.93 -39.41
N ALA F 223 0.41 11.10 -39.88
CA ALA F 223 -1.01 11.52 -39.93
C ALA F 223 -1.63 11.17 -41.29
N MET G 4 -5.88 -24.75 45.11
CA MET G 4 -6.96 -23.72 45.11
C MET G 4 -6.35 -22.35 44.78
N ILE G 5 -6.61 -21.82 43.60
CA ILE G 5 -6.06 -20.49 43.19
C ILE G 5 -7.07 -19.43 43.59
N ARG G 6 -6.59 -18.34 44.17
CA ARG G 6 -7.44 -17.23 44.63
C ARG G 6 -7.05 -15.99 43.80
N ILE G 7 -8.03 -15.35 43.16
CA ILE G 7 -7.85 -14.18 42.24
C ILE G 7 -8.56 -12.96 42.84
N ASP G 8 -7.88 -11.82 42.93
CA ASP G 8 -8.58 -10.55 43.23
C ASP G 8 -9.61 -10.29 42.12
N ALA G 9 -10.81 -9.91 42.52
CA ALA G 9 -11.95 -9.71 41.59
C ALA G 9 -13.07 -8.97 42.30
N THR G 10 -13.96 -8.43 41.48
CA THR G 10 -15.21 -7.74 41.83
C THR G 10 -16.32 -8.76 41.66
N PRO G 11 -17.28 -8.93 42.60
CA PRO G 11 -17.39 -8.10 43.81
C PRO G 11 -16.58 -8.54 45.04
N TYR G 12 -15.97 -9.71 44.96
CA TYR G 12 -15.08 -10.27 46.00
C TYR G 12 -14.16 -11.29 45.33
N PRO G 13 -13.02 -11.63 45.96
CA PRO G 13 -12.13 -12.64 45.39
C PRO G 13 -12.82 -13.92 44.89
N TYR G 14 -12.30 -14.45 43.79
CA TYR G 14 -12.77 -15.65 43.05
C TYR G 14 -11.77 -16.77 43.24
N GLN G 15 -12.22 -17.92 43.75
CA GLN G 15 -11.35 -19.10 43.98
C GLN G 15 -11.77 -20.17 43.00
N PHE G 16 -10.83 -20.87 42.40
CA PHE G 16 -11.09 -22.02 41.49
C PHE G 16 -9.93 -22.99 41.58
N HIS G 17 -10.18 -24.23 41.18
CA HIS G 17 -9.15 -25.27 40.90
C HIS G 17 -9.08 -25.55 39.41
N PRO G 18 -7.87 -25.51 38.79
CA PRO G 18 -7.73 -25.76 37.36
C PRO G 18 -8.34 -27.06 36.83
N ARG G 19 -8.43 -28.13 37.63
CA ARG G 19 -8.99 -29.43 37.21
C ARG G 19 -10.51 -29.31 36.96
N SER G 20 -11.20 -28.39 37.63
CA SER G 20 -12.66 -28.20 37.52
C SER G 20 -12.99 -26.81 36.92
N THR G 21 -12.06 -26.21 36.18
CA THR G 21 -12.22 -24.87 35.57
C THR G 21 -11.97 -24.95 34.07
N ALA G 22 -12.83 -24.30 33.27
CA ALA G 22 -12.64 -24.17 31.80
C ALA G 22 -12.62 -22.69 31.43
N LEU G 23 -11.76 -22.36 30.47
CA LEU G 23 -11.73 -21.07 29.75
C LEU G 23 -12.76 -21.17 28.61
N VAL G 24 -13.71 -20.23 28.54
CA VAL G 24 -14.65 -20.13 27.40
C VAL G 24 -14.33 -18.84 26.62
N VAL G 25 -13.95 -18.95 25.36
CA VAL G 25 -13.60 -17.80 24.48
C VAL G 25 -14.71 -17.70 23.44
N ILE G 26 -15.52 -16.66 23.52
CA ILE G 26 -16.83 -16.58 22.78
C ILE G 26 -16.64 -15.79 21.48
N ASP G 27 -16.86 -16.45 20.34
CA ASP G 27 -17.18 -15.84 19.02
C ASP G 27 -16.04 -14.93 18.49
N MET G 28 -14.75 -15.26 18.72
CA MET G 28 -13.64 -14.42 18.21
C MET G 28 -13.40 -14.74 16.71
N GLN G 29 -14.39 -14.38 15.88
CA GLN G 29 -14.53 -14.80 14.47
C GLN G 29 -14.11 -13.65 13.56
N ARG G 30 -13.59 -13.98 12.36
CA ARG G 30 -12.98 -13.05 11.39
C ARG G 30 -13.98 -11.98 10.92
N ASP G 31 -15.19 -12.35 10.52
CA ASP G 31 -16.19 -11.36 10.04
C ASP G 31 -16.52 -10.32 11.12
N PHE G 32 -16.33 -10.62 12.39
CA PHE G 32 -16.71 -9.65 13.47
C PHE G 32 -15.57 -8.70 13.80
N ILE G 33 -14.33 -9.09 13.53
CA ILE G 33 -13.14 -8.40 14.09
C ILE G 33 -12.20 -7.88 13.01
N GLU G 34 -12.08 -8.54 11.84
CA GLU G 34 -11.05 -8.13 10.85
C GLU G 34 -11.53 -6.88 10.12
N GLU G 35 -10.61 -5.98 9.76
CA GLU G 35 -10.86 -4.84 8.83
C GLU G 35 -11.33 -5.44 7.50
N GLY G 36 -12.32 -4.87 6.83
CA GLY G 36 -12.88 -5.43 5.57
C GLY G 36 -13.81 -6.63 5.81
N GLY G 37 -14.17 -6.94 7.06
CA GLY G 37 -15.12 -8.02 7.37
C GLY G 37 -16.55 -7.53 7.35
N PHE G 38 -17.52 -8.41 7.58
CA PHE G 38 -18.95 -8.04 7.55
C PHE G 38 -19.24 -7.03 8.65
N GLY G 39 -18.67 -7.20 9.85
CA GLY G 39 -18.78 -6.21 10.94
C GLY G 39 -18.45 -4.80 10.43
N SER G 40 -17.30 -4.60 9.79
CA SER G 40 -16.88 -3.26 9.25
C SER G 40 -17.83 -2.80 8.14
N ALA G 41 -18.16 -3.69 7.20
CA ALA G 41 -19.06 -3.43 6.05
C ALA G 41 -20.36 -2.82 6.57
N LEU G 42 -20.89 -3.32 7.69
CA LEU G 42 -22.10 -2.78 8.36
C LEU G 42 -21.81 -1.43 9.06
N GLY G 43 -20.58 -0.92 9.03
CA GLY G 43 -20.22 0.39 9.61
C GLY G 43 -19.91 0.31 11.10
N ASN G 44 -19.90 -0.88 11.71
CA ASN G 44 -19.32 -1.06 13.06
C ASN G 44 -17.82 -0.76 13.04
N ASP G 45 -17.34 -0.07 14.07
CA ASP G 45 -15.89 0.11 14.30
C ASP G 45 -15.33 -1.11 15.04
N VAL G 46 -14.56 -1.94 14.33
CA VAL G 46 -14.12 -3.26 14.87
C VAL G 46 -12.86 -3.08 15.72
N ARG G 47 -12.31 -1.86 15.78
CA ARG G 47 -10.96 -1.64 16.37
C ARG G 47 -10.96 -2.04 17.85
N PRO G 48 -12.03 -1.77 18.63
CA PRO G 48 -12.09 -2.24 20.02
C PRO G 48 -12.09 -3.78 20.17
N LEU G 49 -12.58 -4.54 19.18
CA LEU G 49 -12.55 -6.04 19.22
C LEU G 49 -11.11 -6.51 18.89
N ALA G 50 -10.52 -5.92 17.85
CA ALA G 50 -9.13 -6.19 17.42
C ALA G 50 -8.18 -5.88 18.59
N ALA G 51 -8.48 -4.85 19.38
CA ALA G 51 -7.58 -4.39 20.47
C ALA G 51 -7.43 -5.47 21.56
N ILE G 52 -8.41 -6.35 21.76
CA ILE G 52 -8.32 -7.36 22.87
C ILE G 52 -7.59 -8.63 22.43
N VAL G 53 -7.33 -8.83 21.14
CA VAL G 53 -6.79 -10.12 20.59
C VAL G 53 -5.50 -10.49 21.34
N PRO G 54 -4.55 -9.56 21.58
CA PRO G 54 -3.35 -9.94 22.34
C PRO G 54 -3.69 -10.36 23.77
N THR G 55 -4.71 -9.76 24.41
CA THR G 55 -5.09 -10.06 25.81
C THR G 55 -5.73 -11.45 25.81
N VAL G 56 -6.57 -11.72 24.81
CA VAL G 56 -7.26 -13.03 24.67
C VAL G 56 -6.19 -14.10 24.41
N ALA G 57 -5.21 -13.87 23.54
CA ALA G 57 -4.12 -14.84 23.26
C ALA G 57 -3.32 -15.11 24.55
N ALA G 58 -3.04 -14.08 25.34
CA ALA G 58 -2.38 -14.23 26.67
C ALA G 58 -3.25 -15.07 27.61
N LEU G 59 -4.57 -14.86 27.61
CA LEU G 59 -5.48 -15.64 28.46
C LEU G 59 -5.50 -17.10 28.00
N LEU G 60 -5.53 -17.36 26.69
CA LEU G 60 -5.45 -18.71 26.10
C LEU G 60 -4.15 -19.39 26.53
N GLN G 61 -3.01 -18.73 26.34
CA GLN G 61 -1.68 -19.27 26.72
C GLN G 61 -1.70 -19.62 28.22
N LEU G 62 -2.29 -18.76 29.07
CA LEU G 62 -2.36 -19.00 30.54
C LEU G 62 -3.13 -20.31 30.78
N ALA G 63 -4.31 -20.49 30.16
CA ALA G 63 -5.18 -21.67 30.40
C ALA G 63 -4.52 -22.96 29.88
N ARG G 64 -3.89 -22.90 28.71
CA ARG G 64 -3.13 -24.03 28.10
C ARG G 64 -1.97 -24.42 29.02
N GLU G 65 -1.17 -23.47 29.53
CA GLU G 65 -0.06 -23.80 30.46
C GLU G 65 -0.58 -24.42 31.78
N ALA G 66 -1.76 -24.03 32.27
CA ALA G 66 -2.32 -24.56 33.54
C ALA G 66 -3.02 -25.89 33.27
N GLY G 67 -3.11 -26.32 32.01
CA GLY G 67 -3.79 -27.55 31.59
C GLY G 67 -5.29 -27.52 31.82
N MET G 68 -5.92 -26.35 31.79
CA MET G 68 -7.39 -26.22 31.95
C MET G 68 -8.06 -26.63 30.64
N LEU G 69 -9.30 -27.12 30.72
CA LEU G 69 -10.15 -27.29 29.53
C LEU G 69 -10.35 -25.91 28.87
N VAL G 70 -10.25 -25.86 27.55
CA VAL G 70 -10.50 -24.62 26.75
C VAL G 70 -11.67 -24.96 25.84
N VAL G 71 -12.71 -24.12 25.90
CA VAL G 71 -13.90 -24.17 25.01
C VAL G 71 -13.90 -22.89 24.18
N HIS G 72 -14.06 -23.03 22.87
CA HIS G 72 -14.26 -21.92 21.89
C HIS G 72 -15.69 -22.02 21.39
N THR G 73 -16.34 -20.90 21.12
CA THR G 73 -17.67 -20.83 20.48
C THR G 73 -17.59 -20.04 19.19
N ARG G 74 -18.39 -20.48 18.23
CA ARG G 74 -18.64 -19.81 16.94
C ARG G 74 -20.14 -19.63 16.80
N GLU G 75 -20.61 -18.42 16.59
CA GLU G 75 -22.00 -18.23 16.13
C GLU G 75 -22.03 -18.66 14.67
N SER G 76 -22.86 -19.65 14.34
CA SER G 76 -22.82 -20.27 13.01
C SER G 76 -24.09 -21.07 12.73
N HIS G 77 -24.34 -21.29 11.44
CA HIS G 77 -25.52 -22.01 10.91
C HIS G 77 -25.11 -22.99 9.82
N LEU G 78 -25.85 -24.08 9.69
CA LEU G 78 -25.68 -25.06 8.58
C LEU G 78 -25.82 -24.27 7.28
N PRO G 79 -25.09 -24.63 6.21
CA PRO G 79 -25.31 -23.98 4.90
C PRO G 79 -26.76 -23.88 4.38
N ASP G 80 -27.62 -24.85 4.68
CA ASP G 80 -29.06 -24.76 4.26
C ASP G 80 -29.88 -23.93 5.26
N LEU G 81 -29.24 -23.38 6.30
CA LEU G 81 -29.82 -22.49 7.33
C LEU G 81 -31.04 -23.15 8.01
N SER G 82 -31.09 -24.48 8.06
CA SER G 82 -32.22 -25.23 8.68
C SER G 82 -32.20 -25.04 10.20
N ASP G 83 -31.08 -24.65 10.81
CA ASP G 83 -30.97 -24.37 12.26
C ASP G 83 -31.05 -22.86 12.53
N CYS G 84 -31.49 -22.06 11.58
CA CYS G 84 -31.57 -20.58 11.70
C CYS G 84 -33.05 -20.17 11.66
N PRO G 85 -33.58 -19.67 12.80
CA PRO G 85 -34.98 -19.29 12.88
C PRO G 85 -35.24 -18.15 11.88
N ARG G 86 -36.41 -18.16 11.24
CA ARG G 86 -36.80 -17.16 10.24
C ARG G 86 -36.72 -15.77 10.87
N SER G 87 -37.22 -15.61 12.11
CA SER G 87 -37.13 -14.36 12.91
C SER G 87 -35.73 -13.76 12.81
N LYS G 88 -34.71 -14.60 13.04
CA LYS G 88 -33.28 -14.18 13.06
C LYS G 88 -32.88 -13.64 11.68
N ARG G 89 -33.44 -14.20 10.62
CA ARG G 89 -33.10 -13.85 9.22
C ARG G 89 -33.75 -12.52 8.84
N LEU G 90 -34.96 -12.25 9.31
CA LEU G 90 -35.72 -11.04 8.92
C LEU G 90 -35.32 -9.85 9.81
N ARG G 91 -34.79 -10.09 11.00
CA ARG G 91 -34.63 -9.02 12.01
C ARG G 91 -33.77 -7.90 11.40
N GLY G 92 -34.23 -6.66 11.50
CA GLY G 92 -33.52 -5.47 11.00
C GLY G 92 -33.72 -5.22 9.52
N ASN G 93 -34.57 -5.99 8.83
CA ASN G 93 -34.77 -5.87 7.36
C ASN G 93 -33.40 -5.62 6.70
N PRO G 94 -32.44 -6.56 6.82
CA PRO G 94 -31.06 -6.28 6.42
C PRO G 94 -30.84 -6.25 4.90
N THR G 95 -29.86 -5.48 4.47
CA THR G 95 -29.56 -5.29 3.04
C THR G 95 -28.75 -6.52 2.60
N LEU G 96 -27.74 -6.90 3.39
CA LEU G 96 -27.06 -8.23 3.34
C LEU G 96 -27.33 -8.94 4.67
N GLY G 97 -28.01 -10.09 4.58
CA GLY G 97 -28.49 -10.82 5.76
C GLY G 97 -27.75 -12.13 5.87
N ILE G 98 -28.15 -12.93 6.85
CA ILE G 98 -27.55 -14.28 7.08
C ILE G 98 -27.65 -15.08 5.79
N GLY G 99 -26.57 -15.76 5.42
CA GLY G 99 -26.52 -16.65 4.23
C GLY G 99 -26.27 -15.89 2.95
N ASP G 100 -26.38 -14.57 2.92
CA ASP G 100 -26.01 -13.76 1.74
C ASP G 100 -24.49 -13.66 1.66
N VAL G 101 -23.95 -13.34 0.49
CA VAL G 101 -22.47 -13.36 0.29
C VAL G 101 -21.92 -12.04 0.82
N GLY G 102 -21.13 -12.09 1.90
CA GLY G 102 -20.46 -10.88 2.41
C GLY G 102 -18.99 -10.84 1.98
N PRO G 103 -18.21 -9.88 2.51
CA PRO G 103 -16.81 -9.73 2.12
C PRO G 103 -15.99 -10.98 2.42
N MET G 104 -16.38 -11.83 3.38
CA MET G 104 -15.61 -13.07 3.68
C MET G 104 -16.51 -14.30 3.51
N GLY G 105 -17.45 -14.26 2.55
CA GLY G 105 -18.32 -15.43 2.32
C GLY G 105 -19.72 -15.29 2.92
N ARG G 106 -20.50 -16.36 2.87
CA ARG G 106 -21.91 -16.35 3.34
C ARG G 106 -21.91 -15.98 4.83
N ILE G 107 -22.70 -14.97 5.19
CA ILE G 107 -22.77 -14.39 6.55
C ILE G 107 -23.36 -15.44 7.50
N LEU G 108 -22.60 -15.77 8.55
CA LEU G 108 -22.94 -16.63 9.71
C LEU G 108 -23.08 -18.09 9.28
N VAL G 109 -22.44 -18.48 8.18
CA VAL G 109 -22.56 -19.89 7.69
C VAL G 109 -21.27 -20.65 8.02
N GLN G 110 -21.44 -21.88 8.50
CA GLN G 110 -20.35 -22.82 8.84
C GLN G 110 -19.46 -23.04 7.61
N GLY G 111 -18.14 -23.08 7.83
CA GLY G 111 -17.13 -23.39 6.81
C GLY G 111 -16.71 -22.16 6.01
N GLU G 112 -17.35 -20.99 6.18
CA GLU G 112 -16.97 -19.79 5.40
C GLU G 112 -15.77 -19.13 6.08
N PRO G 113 -14.82 -18.54 5.29
CA PRO G 113 -13.69 -17.81 5.87
C PRO G 113 -14.06 -16.83 7.01
N GLY G 114 -15.12 -16.02 6.82
CA GLY G 114 -15.61 -15.05 7.80
C GLY G 114 -16.02 -15.71 9.14
N ASN G 115 -16.55 -16.93 9.07
CA ASN G 115 -17.06 -17.71 10.22
C ASN G 115 -15.93 -18.21 11.13
N GLN G 116 -14.69 -18.28 10.64
CA GLN G 116 -13.56 -18.95 11.32
C GLN G 116 -13.06 -18.08 12.48
N ILE G 117 -12.62 -18.76 13.53
CA ILE G 117 -11.96 -18.11 14.67
C ILE G 117 -10.63 -17.56 14.14
N LEU G 118 -10.24 -16.37 14.58
CA LEU G 118 -8.92 -15.75 14.29
C LEU G 118 -7.82 -16.78 14.45
N PRO G 119 -6.92 -16.93 13.44
CA PRO G 119 -5.74 -17.78 13.59
C PRO G 119 -4.97 -17.45 14.89
N GLN G 120 -4.91 -16.19 15.29
CA GLN G 120 -4.15 -15.81 16.51
C GLN G 120 -4.76 -16.43 17.78
N LEU G 121 -5.98 -16.95 17.68
CA LEU G 121 -6.73 -17.57 18.81
C LEU G 121 -7.29 -18.93 18.40
N ALA G 122 -6.66 -19.59 17.44
CA ALA G 122 -7.18 -20.84 16.84
C ALA G 122 -7.24 -21.91 17.93
N PRO G 123 -8.29 -22.74 17.93
CA PRO G 123 -8.29 -23.93 18.76
C PRO G 123 -7.13 -24.87 18.41
N VAL G 124 -6.70 -25.65 19.40
CA VAL G 124 -5.72 -26.74 19.16
C VAL G 124 -6.36 -28.04 19.62
N GLU G 125 -5.73 -29.16 19.26
CA GLU G 125 -6.19 -30.53 19.63
C GLU G 125 -6.46 -30.57 21.12
N GLY G 126 -7.59 -31.19 21.50
CA GLY G 126 -7.99 -31.39 22.90
C GLY G 126 -8.84 -30.24 23.41
N GLU G 127 -9.24 -29.32 22.54
CA GLU G 127 -10.11 -28.19 22.93
C GLU G 127 -11.48 -28.41 22.31
N LEU G 128 -12.51 -28.02 23.04
CA LEU G 128 -13.92 -28.14 22.60
C LEU G 128 -14.20 -26.93 21.72
N VAL G 129 -14.89 -27.15 20.62
CA VAL G 129 -15.28 -26.05 19.71
C VAL G 129 -16.78 -26.17 19.53
N ILE G 130 -17.51 -25.16 19.95
CA ILE G 130 -19.00 -25.21 19.97
C ILE G 130 -19.49 -24.31 18.85
N ASP G 131 -20.28 -24.85 17.94
CA ASP G 131 -21.05 -24.06 16.96
C ASP G 131 -22.44 -23.82 17.55
N LYS G 132 -22.90 -22.57 17.62
CA LYS G 132 -24.17 -22.22 18.31
C LYS G 132 -25.04 -21.39 17.37
N PRO G 133 -26.35 -21.69 17.30
CA PRO G 133 -27.23 -21.00 16.37
C PRO G 133 -27.81 -19.73 16.98
N GLY G 134 -27.51 -19.49 18.26
CA GLY G 134 -27.96 -18.31 19.00
C GLY G 134 -26.82 -17.53 19.60
N LYS G 135 -27.16 -16.54 20.43
CA LYS G 135 -26.20 -15.68 21.15
C LYS G 135 -25.67 -16.42 22.38
N GLY G 136 -26.53 -17.20 23.04
CA GLY G 136 -26.12 -17.95 24.22
C GLY G 136 -25.41 -19.24 23.85
N ALA G 137 -24.26 -19.50 24.48
CA ALA G 137 -23.41 -20.67 24.20
C ALA G 137 -24.10 -21.96 24.64
N PHE G 138 -25.15 -21.90 25.46
CA PHE G 138 -25.80 -23.12 26.01
C PHE G 138 -27.02 -23.47 25.19
N TYR G 139 -27.62 -22.53 24.48
CA TYR G 139 -28.87 -22.85 23.76
C TYR G 139 -28.56 -23.69 22.51
N ALA G 140 -29.22 -24.84 22.40
CA ALA G 140 -29.14 -25.80 21.28
C ALA G 140 -27.71 -26.32 21.09
N THR G 141 -26.89 -26.33 22.15
CA THR G 141 -25.53 -26.92 22.14
C THR G 141 -25.44 -28.08 23.15
N ASP G 142 -24.39 -28.87 23.09
CA ASP G 142 -24.17 -29.90 24.15
C ASP G 142 -23.16 -29.30 25.14
N LEU G 143 -23.04 -27.96 25.19
CA LEU G 143 -21.99 -27.38 26.06
C LEU G 143 -22.17 -27.83 27.52
N HIS G 144 -23.38 -27.67 28.08
CA HIS G 144 -23.71 -27.97 29.50
C HIS G 144 -23.32 -29.43 29.79
N ALA G 145 -23.71 -30.35 28.90
CA ALA G 145 -23.49 -31.82 29.05
C ALA G 145 -21.99 -32.12 28.92
N GLN G 146 -21.27 -31.39 28.07
CA GLN G 146 -19.80 -31.60 27.92
C GLN G 146 -19.08 -31.16 29.20
N LEU G 147 -19.48 -30.05 29.81
CA LEU G 147 -18.84 -29.50 31.05
C LEU G 147 -19.18 -30.39 32.25
N GLN G 148 -20.43 -30.82 32.39
CA GLN G 148 -20.88 -31.76 33.46
C GLN G 148 -20.06 -33.05 33.40
N GLU G 149 -19.94 -33.64 32.21
CA GLU G 149 -19.19 -34.87 31.89
C GLU G 149 -17.73 -34.72 32.31
N ARG G 150 -17.16 -33.52 32.21
CA ARG G 150 -15.74 -33.28 32.61
C ARG G 150 -15.65 -32.64 33.99
N ARG G 151 -16.74 -32.66 34.74
CA ARG G 151 -16.84 -32.18 36.15
C ARG G 151 -16.41 -30.71 36.27
N ILE G 152 -16.78 -29.87 35.29
CA ILE G 152 -16.45 -28.42 35.34
C ILE G 152 -17.49 -27.70 36.21
N THR G 153 -17.04 -26.93 37.21
CA THR G 153 -17.89 -26.10 38.08
C THR G 153 -17.62 -24.58 37.89
N HIS G 154 -16.44 -24.21 37.36
CA HIS G 154 -15.97 -22.80 37.22
C HIS G 154 -15.66 -22.48 35.74
N LEU G 155 -16.03 -21.28 35.29
CA LEU G 155 -15.74 -20.81 33.92
C LEU G 155 -14.95 -19.48 33.97
N LEU G 156 -13.87 -19.39 33.20
CA LEU G 156 -13.27 -18.08 32.88
C LEU G 156 -13.83 -17.67 31.53
N VAL G 157 -14.31 -16.43 31.43
CA VAL G 157 -15.13 -15.99 30.27
C VAL G 157 -14.47 -14.80 29.58
N ALA G 158 -14.34 -14.89 28.27
CA ALA G 158 -13.72 -13.89 27.38
C ALA G 158 -14.46 -13.98 26.04
N GLY G 159 -14.37 -12.89 25.30
CA GLY G 159 -14.83 -12.84 23.90
C GLY G 159 -15.68 -11.62 23.58
N VAL G 160 -16.52 -11.74 22.57
CA VAL G 160 -17.29 -10.62 21.97
C VAL G 160 -18.70 -11.12 21.62
N THR G 161 -19.62 -10.17 21.49
CA THR G 161 -19.52 -8.86 22.08
C THR G 161 -19.96 -8.95 23.55
N THR G 162 -19.44 -8.09 24.41
CA THR G 162 -19.74 -8.08 25.87
C THR G 162 -21.25 -8.16 26.16
N GLU G 163 -22.04 -7.24 25.57
CA GLU G 163 -23.47 -7.05 25.96
C GLU G 163 -24.36 -8.10 25.25
N VAL G 164 -23.87 -8.78 24.22
CA VAL G 164 -24.68 -9.77 23.47
C VAL G 164 -24.26 -11.19 23.86
N CYS G 165 -23.30 -11.80 23.16
CA CYS G 165 -22.97 -13.23 23.37
C CYS G 165 -22.24 -13.48 24.70
N VAL G 166 -21.37 -12.58 25.15
CA VAL G 166 -20.70 -12.79 26.46
C VAL G 166 -21.75 -12.70 27.59
N GLN G 167 -22.55 -11.66 27.61
CA GLN G 167 -23.57 -11.43 28.68
C GLN G 167 -24.61 -12.55 28.63
N THR G 168 -25.06 -12.95 27.43
CA THR G 168 -26.09 -14.01 27.30
C THR G 168 -25.53 -15.32 27.86
N SER G 169 -24.31 -15.68 27.45
CA SER G 169 -23.63 -16.94 27.82
C SER G 169 -23.33 -16.96 29.32
N MET G 170 -22.89 -15.85 29.87
CA MET G 170 -22.65 -15.76 31.33
C MET G 170 -23.98 -15.87 32.09
N ARG G 171 -25.04 -15.24 31.61
CA ARG G 171 -26.35 -15.31 32.32
C ARG G 171 -26.89 -16.75 32.25
N GLU G 172 -26.76 -17.41 31.10
CA GLU G 172 -27.12 -18.84 30.96
C GLU G 172 -26.27 -19.66 31.95
N ALA G 173 -24.95 -19.46 31.96
CA ALA G 173 -24.01 -20.26 32.79
C ALA G 173 -24.33 -20.05 34.28
N ASN G 174 -24.66 -18.82 34.68
CA ASN G 174 -25.06 -18.55 36.09
C ASN G 174 -26.28 -19.42 36.46
N ASP G 175 -27.33 -19.42 35.63
CA ASP G 175 -28.59 -20.14 35.89
C ASP G 175 -28.31 -21.65 36.08
N ARG G 176 -27.35 -22.15 35.31
CA ARG G 176 -26.98 -23.59 35.24
C ARG G 176 -26.09 -23.99 36.42
N GLY G 177 -25.63 -23.02 37.22
CA GLY G 177 -24.92 -23.27 38.50
C GLY G 177 -23.41 -23.15 38.37
N TYR G 178 -22.88 -22.64 37.26
CA TYR G 178 -21.44 -22.33 37.10
C TYR G 178 -21.06 -21.05 37.87
N GLU G 179 -19.83 -21.02 38.35
CA GLU G 179 -19.15 -19.81 38.91
C GLU G 179 -18.28 -19.17 37.82
N CYS G 180 -18.69 -18.00 37.33
CA CYS G 180 -18.11 -17.35 36.13
C CYS G 180 -17.33 -16.10 36.52
N LEU G 181 -16.09 -16.05 36.04
CA LEU G 181 -15.17 -14.90 36.14
C LEU G 181 -14.97 -14.41 34.70
N VAL G 182 -15.58 -13.27 34.37
CA VAL G 182 -15.35 -12.61 33.06
C VAL G 182 -14.05 -11.82 33.17
N ILE G 183 -13.14 -12.04 32.24
CA ILE G 183 -11.81 -11.36 32.17
C ILE G 183 -12.03 -10.10 31.32
N GLU G 184 -12.19 -8.99 32.02
CA GLU G 184 -12.80 -7.72 31.55
C GLU G 184 -12.08 -7.14 30.33
N ASP G 185 -10.76 -7.12 30.37
CA ASP G 185 -9.93 -6.56 29.25
C ASP G 185 -9.78 -7.64 28.14
N ALA G 186 -10.41 -8.81 28.29
CA ALA G 186 -10.45 -9.90 27.28
C ALA G 186 -11.86 -10.06 26.71
N CYS G 187 -12.68 -9.02 26.83
CA CYS G 187 -14.01 -8.88 26.19
C CYS G 187 -14.06 -7.50 25.54
N ALA G 188 -14.94 -7.29 24.57
CA ALA G 188 -15.07 -6.01 23.87
C ALA G 188 -16.43 -5.96 23.18
N SER G 189 -16.84 -4.75 22.86
CA SER G 189 -18.14 -4.38 22.25
C SER G 189 -17.86 -3.33 21.20
N TYR G 190 -18.75 -3.25 20.21
CA TYR G 190 -18.83 -2.14 19.25
C TYR G 190 -19.17 -0.86 20.01
N PHE G 191 -19.82 -0.98 21.17
CA PHE G 191 -20.40 0.16 21.95
C PHE G 191 -19.76 0.19 23.33
N PRO G 192 -18.73 1.02 23.54
CA PRO G 192 -17.97 1.04 24.78
C PRO G 192 -18.81 1.17 26.07
N ASP G 193 -19.89 1.95 26.02
CA ASP G 193 -20.80 2.17 27.17
C ASP G 193 -21.57 0.88 27.49
N PHE G 194 -21.96 0.09 26.46
CA PHE G 194 -22.61 -1.24 26.63
C PHE G 194 -21.61 -2.21 27.28
N HIS G 195 -20.34 -2.12 26.91
CA HIS G 195 -19.25 -2.97 27.46
C HIS G 195 -19.14 -2.72 28.97
N ARG G 196 -18.95 -1.46 29.35
CA ARG G 196 -18.73 -1.01 30.75
C ARG G 196 -19.95 -1.36 31.61
N ILE G 197 -21.13 -0.99 31.15
CA ILE G 197 -22.38 -1.18 31.94
C ILE G 197 -22.77 -2.66 32.00
N THR G 198 -22.52 -3.46 30.97
CA THR G 198 -22.67 -4.94 31.05
C THR G 198 -21.85 -5.47 32.24
N LEU G 199 -20.59 -5.10 32.34
CA LEU G 199 -19.69 -5.62 33.40
C LEU G 199 -20.27 -5.24 34.77
N GLU G 200 -20.77 -4.02 34.91
CA GLU G 200 -21.42 -3.52 36.14
C GLU G 200 -22.70 -4.28 36.45
N MET G 201 -23.51 -4.67 35.44
CA MET G 201 -24.76 -5.43 35.70
C MET G 201 -24.43 -6.88 36.12
N LEU G 202 -23.40 -7.48 35.53
CA LEU G 202 -23.04 -8.91 35.75
C LEU G 202 -22.61 -9.11 37.20
N THR G 203 -21.94 -8.12 37.80
CA THR G 203 -21.40 -8.21 39.19
C THR G 203 -22.28 -7.41 40.16
N ALA G 204 -23.42 -6.89 39.72
CA ALA G 204 -24.32 -6.07 40.56
C ALA G 204 -24.90 -6.90 41.71
N GLN G 205 -25.40 -6.22 42.75
CA GLN G 205 -26.22 -6.84 43.84
C GLN G 205 -25.38 -7.91 44.55
N GLY G 206 -24.07 -7.67 44.69
CA GLY G 206 -23.15 -8.64 45.34
C GLY G 206 -22.85 -9.88 44.50
N GLY G 207 -22.84 -9.74 43.15
CA GLY G 207 -22.39 -10.80 42.22
C GLY G 207 -23.55 -11.59 41.63
N ILE G 208 -24.63 -10.93 41.21
CA ILE G 208 -25.90 -11.61 40.78
C ILE G 208 -25.61 -12.53 39.58
N VAL G 209 -24.80 -12.16 38.61
CA VAL G 209 -24.49 -13.12 37.50
C VAL G 209 -23.11 -13.77 37.74
N GLY G 210 -22.14 -13.04 38.28
CA GLY G 210 -20.79 -13.57 38.48
C GLY G 210 -19.79 -12.53 38.93
N TRP G 211 -18.53 -12.79 38.57
CA TRP G 211 -17.32 -12.04 38.96
C TRP G 211 -16.73 -11.42 37.70
N ARG G 212 -15.91 -10.41 37.87
CA ARG G 212 -15.08 -9.82 36.81
C ARG G 212 -13.71 -9.41 37.38
N THR G 213 -12.68 -9.46 36.54
CA THR G 213 -11.33 -9.00 36.91
C THR G 213 -10.49 -8.83 35.65
N PRO G 214 -9.46 -7.95 35.66
CA PRO G 214 -8.58 -7.82 34.50
C PRO G 214 -7.65 -9.04 34.42
N LEU G 215 -7.03 -9.27 33.26
CA LEU G 215 -6.12 -10.42 33.05
C LEU G 215 -4.95 -10.37 34.05
N ALA G 216 -4.40 -9.21 34.35
CA ALA G 216 -3.21 -9.06 35.24
C ALA G 216 -3.51 -9.71 36.61
N GLN G 217 -4.75 -9.56 37.12
CA GLN G 217 -5.16 -10.18 38.42
C GLN G 217 -5.19 -11.70 38.30
N LEU G 218 -5.61 -12.25 37.15
CA LEU G 218 -5.64 -13.72 36.95
C LEU G 218 -4.19 -14.20 36.85
N GLN G 219 -3.38 -13.52 36.05
CA GLN G 219 -1.93 -13.83 35.89
C GLN G 219 -1.25 -13.87 37.28
N ALA G 220 -1.65 -13.00 38.20
CA ALA G 220 -1.07 -12.82 39.55
C ALA G 220 -1.34 -14.05 40.42
N GLY G 221 -2.53 -14.64 40.30
CA GLY G 221 -2.98 -15.79 41.10
C GLY G 221 -2.33 -17.08 40.68
N VAL G 222 -1.96 -17.18 39.40
CA VAL G 222 -1.14 -18.31 38.86
C VAL G 222 0.29 -17.79 38.74
N MET H 4 54.38 18.19 -9.72
CA MET H 4 52.91 18.37 -9.93
C MET H 4 52.63 19.75 -10.54
N ILE H 5 52.49 19.79 -11.87
CA ILE H 5 52.39 21.01 -12.71
C ILE H 5 51.01 21.64 -12.52
N ARG H 6 50.97 22.95 -12.41
CA ARG H 6 49.70 23.70 -12.24
C ARG H 6 49.59 24.67 -13.41
N ILE H 7 48.45 24.66 -14.10
CA ILE H 7 48.17 25.47 -15.32
C ILE H 7 47.00 26.38 -15.00
N ASP H 8 47.18 27.68 -15.24
CA ASP H 8 46.06 28.66 -15.30
C ASP H 8 45.13 28.22 -16.45
N ALA H 9 43.84 28.09 -16.19
CA ALA H 9 42.87 27.49 -17.14
C ALA H 9 41.46 27.95 -16.79
N THR H 10 40.53 27.78 -17.74
CA THR H 10 39.07 27.96 -17.53
C THR H 10 38.50 26.57 -17.26
N PRO H 11 37.59 26.39 -16.28
CA PRO H 11 37.08 27.47 -15.45
C PRO H 11 37.83 27.69 -14.13
N TYR H 12 38.89 26.93 -13.89
CA TYR H 12 39.80 27.15 -12.73
C TYR H 12 41.08 26.40 -13.01
N PRO H 13 42.14 26.62 -12.21
CA PRO H 13 43.43 26.00 -12.47
C PRO H 13 43.32 24.50 -12.67
N TYR H 14 44.17 23.99 -13.56
CA TYR H 14 44.27 22.55 -13.90
C TYR H 14 45.64 22.03 -13.46
N GLN H 15 45.66 20.89 -12.80
CA GLN H 15 46.88 20.30 -12.20
C GLN H 15 46.99 18.86 -12.69
N PHE H 16 48.21 18.47 -13.05
CA PHE H 16 48.54 17.14 -13.62
C PHE H 16 50.00 16.79 -13.30
N HIS H 17 50.30 15.49 -13.27
CA HIS H 17 51.67 14.93 -13.24
C HIS H 17 51.94 14.28 -14.60
N PRO H 18 53.09 14.59 -15.23
CA PRO H 18 53.44 13.98 -16.52
C PRO H 18 53.39 12.45 -16.52
N ARG H 19 53.71 11.79 -15.40
CA ARG H 19 53.73 10.30 -15.33
C ARG H 19 52.30 9.72 -15.41
N SER H 20 51.25 10.51 -15.15
CA SER H 20 49.84 10.04 -15.26
C SER H 20 49.05 10.89 -16.27
N THR H 21 49.72 11.55 -17.20
CA THR H 21 49.10 12.45 -18.21
C THR H 21 49.49 12.04 -19.64
N ALA H 22 48.52 11.91 -20.53
CA ALA H 22 48.75 11.66 -21.98
C ALA H 22 48.27 12.88 -22.77
N LEU H 23 49.00 13.22 -23.83
CA LEU H 23 48.55 14.19 -24.87
C LEU H 23 47.80 13.36 -25.92
N VAL H 24 46.59 13.79 -26.31
CA VAL H 24 45.82 13.12 -27.38
C VAL H 24 45.70 14.12 -28.52
N VAL H 25 46.30 13.79 -29.67
CA VAL H 25 46.22 14.63 -30.91
C VAL H 25 45.27 13.94 -31.88
N ILE H 26 44.14 14.58 -32.21
CA ILE H 26 42.98 13.92 -32.88
C ILE H 26 42.93 14.29 -34.37
N ASP H 27 43.06 13.26 -35.22
CA ASP H 27 42.72 13.27 -36.67
C ASP H 27 43.39 14.43 -37.42
N MET H 28 44.68 14.67 -37.17
CA MET H 28 45.48 15.65 -37.94
C MET H 28 45.91 14.92 -39.22
N GLN H 29 44.94 14.67 -40.11
CA GLN H 29 45.11 13.84 -41.32
C GLN H 29 45.13 14.70 -42.57
N ARG H 30 45.90 14.25 -43.56
CA ARG H 30 46.27 15.02 -44.77
C ARG H 30 45.00 15.43 -45.53
N ASP H 31 44.05 14.51 -45.74
CA ASP H 31 42.81 14.81 -46.51
C ASP H 31 42.01 15.96 -45.89
N PHE H 32 42.10 16.22 -44.57
CA PHE H 32 41.32 17.27 -43.86
C PHE H 32 42.01 18.65 -43.88
N ILE H 33 43.35 18.68 -43.95
CA ILE H 33 44.16 19.89 -43.65
C ILE H 33 44.92 20.36 -44.92
N GLU H 34 45.52 19.47 -45.71
CA GLU H 34 46.38 19.81 -46.89
C GLU H 34 45.53 20.38 -48.05
N GLU H 35 46.09 21.39 -48.73
CA GLU H 35 45.49 22.06 -49.91
C GLU H 35 45.30 21.01 -51.03
N GLY H 36 44.08 20.91 -51.56
CA GLY H 36 43.75 20.01 -52.68
C GLY H 36 43.49 18.58 -52.22
N GLY H 37 43.42 18.36 -50.90
CA GLY H 37 42.92 17.10 -50.31
C GLY H 37 41.40 17.06 -50.38
N PHE H 38 40.81 15.96 -49.92
CA PHE H 38 39.35 15.69 -50.01
C PHE H 38 38.58 16.80 -49.27
N GLY H 39 39.13 17.36 -48.19
CA GLY H 39 38.55 18.51 -47.47
C GLY H 39 38.30 19.72 -48.37
N SER H 40 39.30 20.09 -49.19
CA SER H 40 39.22 21.20 -50.17
C SER H 40 38.13 20.94 -51.22
N ALA H 41 38.08 19.71 -51.76
CA ALA H 41 37.22 19.29 -52.90
C ALA H 41 35.74 19.28 -52.52
N LEU H 42 35.41 19.15 -51.22
CA LEU H 42 34.01 19.27 -50.69
C LEU H 42 33.64 20.76 -50.51
N GLY H 43 34.62 21.67 -50.66
CA GLY H 43 34.42 23.13 -50.56
C GLY H 43 34.51 23.64 -49.14
N ASN H 44 35.38 23.02 -48.32
CA ASN H 44 35.74 23.53 -46.97
C ASN H 44 36.98 24.42 -47.12
N ASP H 45 37.00 25.54 -46.40
CA ASP H 45 38.19 26.41 -46.28
C ASP H 45 39.08 25.81 -45.19
N VAL H 46 40.13 25.07 -45.60
CA VAL H 46 40.98 24.27 -44.68
C VAL H 46 42.04 25.14 -44.00
N ARG H 47 42.03 26.46 -44.23
CA ARG H 47 43.12 27.36 -43.75
C ARG H 47 43.17 27.38 -42.23
N PRO H 48 42.04 27.43 -41.48
CA PRO H 48 42.12 27.50 -40.01
C PRO H 48 42.66 26.21 -39.41
N LEU H 49 42.47 25.07 -40.09
CA LEU H 49 43.06 23.79 -39.64
C LEU H 49 44.58 23.82 -39.88
N ALA H 50 45.02 24.22 -41.07
CA ALA H 50 46.46 24.35 -41.41
C ALA H 50 47.13 25.36 -40.46
N ALA H 51 46.39 26.39 -40.03
CA ALA H 51 46.86 27.51 -39.17
C ALA H 51 47.34 27.04 -37.78
N ILE H 52 46.89 25.90 -37.26
CA ILE H 52 47.21 25.43 -35.87
C ILE H 52 48.38 24.43 -35.91
N VAL H 53 48.83 24.03 -37.11
CA VAL H 53 49.81 22.90 -37.26
C VAL H 53 51.08 23.20 -36.45
N PRO H 54 51.64 24.43 -36.46
CA PRO H 54 52.85 24.72 -35.68
C PRO H 54 52.58 24.72 -34.16
N THR H 55 51.38 25.07 -33.77
CA THR H 55 50.95 25.04 -32.35
C THR H 55 50.82 23.58 -31.91
N VAL H 56 50.22 22.73 -32.71
CA VAL H 56 50.11 21.28 -32.37
C VAL H 56 51.53 20.70 -32.34
N ALA H 57 52.43 21.11 -33.27
CA ALA H 57 53.82 20.60 -33.30
C ALA H 57 54.53 20.99 -31.99
N ALA H 58 54.43 22.25 -31.57
CA ALA H 58 54.96 22.78 -30.29
C ALA H 58 54.40 21.96 -29.13
N LEU H 59 53.11 21.62 -29.15
CA LEU H 59 52.43 20.86 -28.05
C LEU H 59 53.02 19.45 -28.02
N LEU H 60 53.23 18.83 -29.20
CA LEU H 60 53.87 17.48 -29.28
C LEU H 60 55.28 17.57 -28.67
N GLN H 61 56.02 18.63 -28.97
CA GLN H 61 57.42 18.74 -28.49
C GLN H 61 57.35 18.96 -26.97
N LEU H 62 56.34 19.70 -26.48
CA LEU H 62 56.16 19.91 -25.02
C LEU H 62 55.89 18.55 -24.37
N ALA H 63 54.96 17.72 -24.89
CA ALA H 63 54.64 16.41 -24.25
C ALA H 63 55.88 15.50 -24.24
N ARG H 64 56.57 15.40 -25.39
CA ARG H 64 57.71 14.47 -25.62
C ARG H 64 58.89 14.87 -24.72
N GLU H 65 59.14 16.17 -24.54
CA GLU H 65 60.16 16.72 -23.59
C GLU H 65 59.78 16.38 -22.13
N ALA H 66 58.50 16.33 -21.80
CA ALA H 66 58.03 16.03 -20.43
C ALA H 66 58.06 14.51 -20.20
N GLY H 67 58.23 13.70 -21.25
CA GLY H 67 58.24 12.23 -21.16
C GLY H 67 56.84 11.65 -21.02
N MET H 68 55.80 12.42 -21.36
CA MET H 68 54.38 11.98 -21.25
C MET H 68 54.04 11.01 -22.38
N LEU H 69 53.08 10.10 -22.14
CA LEU H 69 52.47 9.29 -23.18
C LEU H 69 51.81 10.24 -24.19
N VAL H 70 51.96 9.92 -25.48
CA VAL H 70 51.36 10.65 -26.63
C VAL H 70 50.44 9.67 -27.39
N VAL H 71 49.20 10.07 -27.61
CA VAL H 71 48.20 9.28 -28.37
C VAL H 71 47.87 10.08 -29.63
N HIS H 72 47.94 9.43 -30.80
CA HIS H 72 47.45 9.96 -32.10
C HIS H 72 46.20 9.20 -32.55
N THR H 73 45.18 9.88 -33.06
CA THR H 73 43.99 9.19 -33.62
C THR H 73 43.95 9.48 -35.11
N ARG H 74 43.44 8.49 -35.84
CA ARG H 74 43.07 8.59 -37.28
C ARG H 74 41.64 8.12 -37.43
N GLU H 75 40.75 8.96 -37.95
CA GLU H 75 39.41 8.49 -38.40
C GLU H 75 39.69 7.64 -39.65
N SER H 76 39.41 6.33 -39.58
CA SER H 76 39.78 5.36 -40.66
C SER H 76 38.84 4.15 -40.67
N HIS H 77 38.74 3.53 -41.84
CA HIS H 77 38.00 2.27 -42.05
C HIS H 77 38.95 1.21 -42.59
N LEU H 78 38.69 -0.05 -42.24
CA LEU H 78 39.31 -1.25 -42.88
C LEU H 78 39.03 -1.19 -44.38
N PRO H 79 40.00 -1.62 -45.22
CA PRO H 79 39.84 -1.56 -46.68
C PRO H 79 38.57 -2.23 -47.24
N ASP H 80 38.03 -3.24 -46.56
CA ASP H 80 36.78 -3.97 -46.94
C ASP H 80 35.54 -3.27 -46.34
N LEU H 81 35.71 -2.15 -45.61
CA LEU H 81 34.62 -1.24 -45.15
C LEU H 81 33.71 -1.94 -44.14
N SER H 82 34.16 -3.06 -43.59
CA SER H 82 33.36 -3.94 -42.69
C SER H 82 33.09 -3.21 -41.37
N ASP H 83 33.90 -2.22 -40.99
CA ASP H 83 33.76 -1.42 -39.74
C ASP H 83 33.16 -0.03 -40.05
N CYS H 84 32.56 0.15 -41.23
CA CYS H 84 31.96 1.43 -41.65
C CYS H 84 30.45 1.27 -41.79
N PRO H 85 29.63 1.79 -40.83
CA PRO H 85 28.18 1.63 -40.93
C PRO H 85 27.64 2.13 -42.27
N ARG H 86 26.52 1.56 -42.70
CA ARG H 86 25.78 1.95 -43.91
C ARG H 86 25.32 3.41 -43.79
N SER H 87 24.87 3.83 -42.60
CA SER H 87 24.37 5.20 -42.33
C SER H 87 25.43 6.22 -42.74
N LYS H 88 26.67 5.99 -42.30
CA LYS H 88 27.79 6.95 -42.44
C LYS H 88 28.19 7.00 -43.91
N ARG H 89 28.21 5.85 -44.57
CA ARG H 89 28.40 5.78 -46.05
C ARG H 89 27.31 6.57 -46.79
N LEU H 90 26.04 6.49 -46.39
CA LEU H 90 24.93 7.11 -47.17
C LEU H 90 24.78 8.58 -46.82
N ARG H 91 25.32 9.03 -45.67
CA ARG H 91 24.97 10.35 -45.07
C ARG H 91 25.40 11.49 -45.99
N GLY H 92 24.46 12.40 -46.25
CA GLY H 92 24.68 13.58 -47.10
C GLY H 92 24.64 13.25 -48.58
N ASN H 93 24.46 11.97 -48.97
CA ASN H 93 24.41 11.46 -50.37
C ASN H 93 25.55 12.05 -51.20
N PRO H 94 26.81 11.82 -50.82
CA PRO H 94 27.93 12.56 -51.40
C PRO H 94 28.26 12.03 -52.81
N THR H 95 28.91 12.87 -53.63
CA THR H 95 29.38 12.51 -55.01
C THR H 95 30.50 11.47 -54.87
N LEU H 96 31.57 11.84 -54.17
CA LEU H 96 32.66 10.95 -53.69
C LEU H 96 32.39 10.58 -52.22
N GLY H 97 32.12 9.30 -51.97
CA GLY H 97 31.78 8.74 -50.65
C GLY H 97 32.97 8.04 -50.02
N ILE H 98 32.83 7.65 -48.77
CA ILE H 98 33.85 6.81 -48.07
C ILE H 98 34.24 5.66 -49.01
N GLY H 99 35.54 5.41 -49.19
CA GLY H 99 36.04 4.27 -49.98
C GLY H 99 36.15 4.56 -51.47
N ASP H 100 35.52 5.62 -51.97
CA ASP H 100 35.67 6.10 -53.37
C ASP H 100 37.02 6.78 -53.51
N VAL H 101 37.56 6.86 -54.73
CA VAL H 101 38.92 7.43 -54.97
C VAL H 101 38.82 8.95 -54.97
N GLY H 102 39.40 9.58 -53.95
CA GLY H 102 39.49 11.05 -53.85
C GLY H 102 40.87 11.53 -54.28
N PRO H 103 41.17 12.84 -54.22
CA PRO H 103 42.49 13.34 -54.64
C PRO H 103 43.69 12.69 -53.92
N MET H 104 43.50 12.04 -52.76
CA MET H 104 44.60 11.39 -52.00
C MET H 104 44.27 9.90 -51.78
N GLY H 105 43.63 9.24 -52.74
CA GLY H 105 43.27 7.81 -52.61
C GLY H 105 41.90 7.61 -51.95
N ARG H 106 41.63 6.41 -51.46
CA ARG H 106 40.27 5.96 -51.06
C ARG H 106 39.85 6.74 -49.80
N ILE H 107 38.68 7.37 -49.82
CA ILE H 107 38.29 8.33 -48.74
C ILE H 107 38.03 7.58 -47.44
N LEU H 108 38.71 7.97 -46.35
CA LEU H 108 38.57 7.44 -44.96
C LEU H 108 39.04 5.98 -44.88
N VAL H 109 39.89 5.53 -45.80
CA VAL H 109 40.35 4.11 -45.80
C VAL H 109 41.77 4.04 -45.21
N GLN H 110 42.00 3.05 -44.34
CA GLN H 110 43.33 2.79 -43.75
C GLN H 110 44.32 2.52 -44.88
N GLY H 111 45.53 3.07 -44.73
CA GLY H 111 46.67 2.75 -45.60
C GLY H 111 46.81 3.77 -46.71
N GLU H 112 45.81 4.63 -46.91
CA GLU H 112 45.75 5.57 -48.07
C GLU H 112 46.50 6.85 -47.71
N PRO H 113 47.09 7.56 -48.71
CA PRO H 113 47.80 8.82 -48.47
C PRO H 113 47.00 9.88 -47.69
N GLY H 114 45.74 10.10 -48.07
CA GLY H 114 44.83 11.11 -47.44
C GLY H 114 44.53 10.80 -45.98
N ASN H 115 44.52 9.51 -45.65
CA ASN H 115 44.25 9.00 -44.29
C ASN H 115 45.42 9.31 -43.34
N GLN H 116 46.61 9.61 -43.84
CA GLN H 116 47.86 9.59 -43.01
C GLN H 116 47.87 10.82 -42.09
N ILE H 117 48.41 10.65 -40.87
CA ILE H 117 48.77 11.81 -40.01
C ILE H 117 49.77 12.67 -40.80
N LEU H 118 49.62 14.00 -40.76
CA LEU H 118 50.57 14.91 -41.43
C LEU H 118 51.97 14.43 -41.09
N PRO H 119 52.82 14.15 -42.11
CA PRO H 119 54.24 13.85 -41.88
C PRO H 119 54.92 14.64 -40.75
N GLN H 120 54.57 15.92 -40.64
CA GLN H 120 55.28 16.92 -39.81
C GLN H 120 54.68 16.91 -38.39
N LEU H 121 53.76 15.99 -38.13
CA LEU H 121 53.28 15.63 -36.77
C LEU H 121 53.31 14.11 -36.62
N ALA H 122 54.21 13.43 -37.32
CA ALA H 122 54.21 11.97 -37.35
C ALA H 122 54.46 11.44 -35.93
N PRO H 123 53.80 10.33 -35.50
CA PRO H 123 54.18 9.61 -34.29
C PRO H 123 55.65 9.15 -34.22
N VAL H 124 56.22 9.07 -33.02
CA VAL H 124 57.55 8.43 -32.81
C VAL H 124 57.39 7.15 -31.99
N GLU H 125 58.47 6.39 -31.86
CA GLU H 125 58.57 5.14 -31.06
C GLU H 125 57.97 5.35 -29.66
N GLY H 126 57.09 4.44 -29.21
CA GLY H 126 56.55 4.44 -27.83
C GLY H 126 55.25 5.23 -27.74
N GLU H 127 54.76 5.78 -28.86
CA GLU H 127 53.49 6.54 -28.90
C GLU H 127 52.39 5.60 -29.41
N LEU H 128 51.18 5.75 -28.89
CA LEU H 128 50.00 4.96 -29.34
C LEU H 128 49.40 5.62 -30.56
N VAL H 129 48.87 4.82 -31.47
CA VAL H 129 48.20 5.30 -32.70
C VAL H 129 46.88 4.53 -32.79
N ILE H 130 45.77 5.27 -32.70
CA ILE H 130 44.40 4.68 -32.66
C ILE H 130 43.74 4.96 -34.01
N ASP H 131 43.39 3.90 -34.75
CA ASP H 131 42.41 3.95 -35.86
C ASP H 131 41.02 3.79 -35.28
N LYS H 132 40.17 4.77 -35.52
CA LYS H 132 38.80 4.80 -34.98
C LYS H 132 37.83 4.98 -36.13
N PRO H 133 36.76 4.17 -36.14
CA PRO H 133 35.73 4.26 -37.18
C PRO H 133 34.66 5.34 -36.95
N GLY H 134 34.68 5.97 -35.78
CA GLY H 134 33.74 7.04 -35.39
C GLY H 134 34.46 8.38 -35.14
N LYS H 135 33.70 9.41 -34.79
CA LYS H 135 34.24 10.72 -34.38
C LYS H 135 34.88 10.57 -32.99
N GLY H 136 34.29 9.73 -32.14
CA GLY H 136 34.77 9.53 -30.76
C GLY H 136 35.95 8.57 -30.71
N ALA H 137 37.08 8.98 -30.11
CA ALA H 137 38.34 8.18 -30.06
C ALA H 137 38.20 6.97 -29.12
N PHE H 138 37.18 6.93 -28.26
CA PHE H 138 36.93 5.77 -27.37
C PHE H 138 35.95 4.78 -28.01
N TYR H 139 35.20 5.17 -29.05
CA TYR H 139 34.21 4.22 -29.60
C TYR H 139 34.93 3.16 -30.50
N ALA H 140 34.76 1.86 -30.16
CA ALA H 140 35.24 0.69 -30.94
C ALA H 140 36.77 0.72 -31.02
N THR H 141 37.42 1.30 -30.03
CA THR H 141 38.89 1.35 -29.93
C THR H 141 39.30 0.76 -28.59
N ASP H 142 40.59 0.51 -28.43
CA ASP H 142 41.12 -0.05 -27.16
C ASP H 142 41.73 1.10 -26.34
N LEU H 143 41.48 2.35 -26.71
CA LEU H 143 42.11 3.54 -26.08
C LEU H 143 41.88 3.53 -24.56
N HIS H 144 40.65 3.28 -24.09
CA HIS H 144 40.32 3.33 -22.65
C HIS H 144 41.17 2.30 -21.89
N ALA H 145 41.32 1.10 -22.45
CA ALA H 145 42.08 -0.01 -21.80
C ALA H 145 43.58 0.26 -21.88
N GLN H 146 44.07 0.88 -22.96
CA GLN H 146 45.50 1.26 -23.08
C GLN H 146 45.83 2.31 -22.02
N LEU H 147 44.93 3.27 -21.82
CA LEU H 147 45.16 4.35 -20.83
C LEU H 147 45.08 3.78 -19.40
N GLN H 148 44.17 2.86 -19.11
CA GLN H 148 44.04 2.29 -17.73
C GLN H 148 45.35 1.55 -17.42
N GLU H 149 45.81 0.78 -18.41
CA GLU H 149 47.04 -0.07 -18.42
C GLU H 149 48.28 0.77 -18.12
N ARG H 150 48.28 2.06 -18.49
CA ARG H 150 49.43 2.96 -18.27
C ARG H 150 49.12 3.93 -17.13
N ARG H 151 48.07 3.68 -16.33
CA ARG H 151 47.66 4.48 -15.14
C ARG H 151 47.42 5.96 -15.52
N ILE H 152 46.84 6.23 -16.69
CA ILE H 152 46.59 7.63 -17.12
C ILE H 152 45.26 8.10 -16.50
N THR H 153 45.28 9.25 -15.86
CA THR H 153 44.11 9.91 -15.23
C THR H 153 43.82 11.25 -15.92
N HIS H 154 44.80 11.86 -16.60
CA HIS H 154 44.73 13.25 -17.15
C HIS H 154 45.02 13.23 -18.66
N LEU H 155 44.28 14.04 -19.44
CA LEU H 155 44.44 14.12 -20.92
C LEU H 155 44.60 15.59 -21.31
N LEU H 156 45.66 15.92 -22.02
CA LEU H 156 45.75 17.19 -22.78
C LEU H 156 45.19 16.86 -24.16
N VAL H 157 44.31 17.69 -24.70
CA VAL H 157 43.50 17.33 -25.91
C VAL H 157 43.75 18.38 -26.98
N ALA H 158 44.00 17.92 -28.20
CA ALA H 158 44.31 18.74 -29.39
C ALA H 158 43.74 18.05 -30.63
N GLY H 159 43.56 18.82 -31.69
CA GLY H 159 43.30 18.35 -33.07
C GLY H 159 42.06 18.97 -33.66
N VAL H 160 41.46 18.26 -34.62
CA VAL H 160 40.35 18.78 -35.48
C VAL H 160 39.30 17.69 -35.60
N THR H 161 38.06 18.08 -35.90
CA THR H 161 37.58 19.45 -35.80
C THR H 161 37.02 19.65 -34.38
N THR H 162 37.05 20.88 -33.90
CA THR H 162 36.73 21.22 -32.48
C THR H 162 35.33 20.69 -32.12
N GLU H 163 34.34 20.87 -32.99
CA GLU H 163 32.92 20.60 -32.65
C GLU H 163 32.59 19.15 -32.97
N VAL H 164 33.46 18.43 -33.69
CA VAL H 164 33.14 17.03 -34.08
C VAL H 164 34.05 16.08 -33.28
N CYS H 165 35.23 15.71 -33.78
CA CYS H 165 36.03 14.61 -33.18
C CYS H 165 36.63 15.06 -31.84
N VAL H 166 37.00 16.32 -31.71
CA VAL H 166 37.63 16.81 -30.46
C VAL H 166 36.58 16.77 -29.34
N GLN H 167 35.42 17.38 -29.59
CA GLN H 167 34.29 17.52 -28.63
C GLN H 167 33.80 16.11 -28.24
N THR H 168 33.63 15.24 -29.23
CA THR H 168 33.03 13.90 -29.05
C THR H 168 33.95 13.09 -28.14
N SER H 169 35.24 13.09 -28.49
CA SER H 169 36.32 12.33 -27.80
C SER H 169 36.48 12.88 -26.36
N MET H 170 36.40 14.18 -26.20
CA MET H 170 36.54 14.82 -24.86
C MET H 170 35.32 14.50 -24.00
N ARG H 171 34.13 14.51 -24.58
CA ARG H 171 32.88 14.18 -23.86
C ARG H 171 32.95 12.72 -23.39
N GLU H 172 33.47 11.83 -24.22
CA GLU H 172 33.68 10.40 -23.89
C GLU H 172 34.70 10.24 -22.75
N ALA H 173 35.86 10.87 -22.88
CA ALA H 173 36.96 10.87 -21.87
C ALA H 173 36.39 11.32 -20.54
N ASN H 174 35.68 12.45 -20.52
CA ASN H 174 35.02 12.95 -19.30
C ASN H 174 34.14 11.86 -18.67
N ASP H 175 33.24 11.26 -19.47
CA ASP H 175 32.31 10.21 -18.97
C ASP H 175 33.12 9.06 -18.31
N ARG H 176 34.32 8.80 -18.83
CA ARG H 176 35.16 7.67 -18.39
C ARG H 176 36.01 8.08 -17.19
N GLY H 177 35.97 9.34 -16.77
CA GLY H 177 36.63 9.76 -15.51
C GLY H 177 38.01 10.37 -15.75
N TYR H 178 38.37 10.74 -16.98
CA TYR H 178 39.62 11.48 -17.28
C TYR H 178 39.40 12.96 -16.99
N GLU H 179 40.40 13.63 -16.44
CA GLU H 179 40.47 15.10 -16.31
C GLU H 179 41.12 15.66 -17.56
N CYS H 180 40.35 16.34 -18.41
CA CYS H 180 40.79 16.77 -19.76
C CYS H 180 41.02 18.29 -19.78
N LEU H 181 42.19 18.69 -20.27
CA LEU H 181 42.52 20.07 -20.67
C LEU H 181 42.61 20.12 -22.20
N VAL H 182 41.66 20.79 -22.86
CA VAL H 182 41.74 21.06 -24.31
C VAL H 182 42.64 22.29 -24.52
N ILE H 183 43.59 22.20 -25.44
CA ILE H 183 44.54 23.31 -25.74
C ILE H 183 43.92 24.09 -26.90
N GLU H 184 43.32 25.24 -26.56
CA GLU H 184 42.32 25.99 -27.36
C GLU H 184 42.86 26.28 -28.77
N ASP H 185 44.11 26.76 -28.86
CA ASP H 185 44.73 27.23 -30.12
C ASP H 185 45.43 26.06 -30.83
N ALA H 186 45.36 24.85 -30.27
CA ALA H 186 45.84 23.61 -30.91
C ALA H 186 44.64 22.76 -31.35
N CYS H 187 43.44 23.35 -31.36
CA CYS H 187 42.19 22.85 -32.00
C CYS H 187 41.76 23.84 -33.09
N ALA H 188 40.96 23.38 -34.05
CA ALA H 188 40.49 24.17 -35.20
C ALA H 188 39.22 23.55 -35.75
N SER H 189 38.33 24.40 -36.26
CA SER H 189 37.08 24.04 -36.97
C SER H 189 37.10 24.65 -38.38
N TYR H 190 36.36 24.07 -39.33
CA TYR H 190 35.94 24.78 -40.57
C TYR H 190 35.01 25.93 -40.17
N PHE H 191 34.32 25.85 -39.03
CA PHE H 191 33.26 26.81 -38.62
C PHE H 191 33.69 27.54 -37.34
N PRO H 192 34.28 28.75 -37.47
CA PRO H 192 34.81 29.52 -36.34
C PRO H 192 33.83 29.71 -35.17
N ASP H 193 32.54 29.92 -35.48
CA ASP H 193 31.46 29.97 -34.46
C ASP H 193 31.41 28.63 -33.69
N PHE H 194 31.44 27.53 -34.42
CA PHE H 194 31.36 26.14 -33.85
C PHE H 194 32.56 25.93 -32.94
N HIS H 195 33.73 26.51 -33.28
CA HIS H 195 34.99 26.40 -32.52
C HIS H 195 34.85 27.12 -31.17
N ARG H 196 34.41 28.38 -31.18
CA ARG H 196 34.28 29.24 -29.97
C ARG H 196 33.19 28.68 -29.03
N ILE H 197 32.03 28.33 -29.57
CA ILE H 197 30.87 27.87 -28.76
C ILE H 197 31.15 26.46 -28.20
N THR H 198 31.83 25.59 -28.94
CA THR H 198 32.28 24.25 -28.41
C THR H 198 33.15 24.48 -27.18
N LEU H 199 34.13 25.38 -27.24
CA LEU H 199 35.07 25.60 -26.13
C LEU H 199 34.29 26.08 -24.91
N GLU H 200 33.34 26.98 -25.10
CA GLU H 200 32.49 27.52 -24.02
C GLU H 200 31.65 26.40 -23.39
N MET H 201 31.03 25.56 -24.21
CA MET H 201 30.18 24.43 -23.74
C MET H 201 31.03 23.46 -22.93
N LEU H 202 32.25 23.19 -23.38
CA LEU H 202 33.09 22.15 -22.75
C LEU H 202 33.37 22.54 -21.29
N THR H 203 33.46 23.84 -21.00
CA THR H 203 33.91 24.33 -19.68
C THR H 203 32.75 25.01 -18.96
N ALA H 204 31.52 24.96 -19.53
CA ALA H 204 30.29 25.55 -18.92
C ALA H 204 29.95 24.87 -17.57
N GLN H 205 29.14 25.55 -16.76
CA GLN H 205 28.63 25.08 -15.44
C GLN H 205 29.78 24.56 -14.57
N GLY H 206 30.90 25.28 -14.50
CA GLY H 206 31.99 24.97 -13.55
C GLY H 206 32.83 23.80 -14.02
N GLY H 207 32.77 23.50 -15.32
CA GLY H 207 33.69 22.59 -16.05
C GLY H 207 33.03 21.26 -16.35
N ILE H 208 31.78 21.28 -16.82
CA ILE H 208 30.96 20.06 -17.00
C ILE H 208 31.72 19.05 -17.87
N VAL H 209 32.44 19.46 -18.92
CA VAL H 209 33.23 18.47 -19.68
C VAL H 209 34.67 18.48 -19.25
N GLY H 210 35.25 19.65 -19.01
CA GLY H 210 36.63 19.77 -18.51
C GLY H 210 37.14 21.19 -18.56
N TRP H 211 38.42 21.33 -18.90
CA TRP H 211 39.16 22.60 -18.80
C TRP H 211 39.62 23.03 -20.20
N ARG H 212 39.92 24.33 -20.34
CA ARG H 212 40.56 24.85 -21.57
C ARG H 212 41.52 25.94 -21.19
N THR H 213 42.58 26.07 -22.00
CA THR H 213 43.68 27.05 -21.85
C THR H 213 44.47 27.10 -23.16
N PRO H 214 45.03 28.27 -23.55
CA PRO H 214 45.99 28.35 -24.64
C PRO H 214 47.31 27.63 -24.34
N LEU H 215 48.04 27.29 -25.39
CA LEU H 215 49.34 26.59 -25.26
C LEU H 215 50.31 27.41 -24.39
N ALA H 216 50.34 28.74 -24.52
CA ALA H 216 51.22 29.63 -23.73
C ALA H 216 51.09 29.28 -22.23
N GLN H 217 49.86 29.12 -21.73
CA GLN H 217 49.58 28.84 -20.30
C GLN H 217 50.17 27.48 -19.91
N LEU H 218 50.09 26.48 -20.79
CA LEU H 218 50.69 25.14 -20.57
C LEU H 218 52.21 25.28 -20.59
N GLN H 219 52.75 26.05 -21.53
CA GLN H 219 54.20 26.37 -21.60
C GLN H 219 54.66 27.02 -20.30
N ALA H 220 53.97 28.09 -19.83
CA ALA H 220 54.32 28.81 -18.59
C ALA H 220 54.37 27.80 -17.44
N GLY H 221 53.46 26.82 -17.45
CA GLY H 221 53.34 25.83 -16.38
C GLY H 221 54.52 24.88 -16.30
N VAL H 222 55.07 24.44 -17.43
CA VAL H 222 56.19 23.44 -17.44
C VAL H 222 57.54 24.16 -17.40
N ALA H 223 57.61 25.41 -17.87
CA ALA H 223 58.77 26.33 -17.74
C ALA H 223 58.92 26.76 -16.27
#